data_4R3U
#
_entry.id   4R3U
#
_cell.length_a   69.030
_cell.length_b   119.560
_cell.length_c   173.940
_cell.angle_alpha   90.00
_cell.angle_beta   91.23
_cell.angle_gamma   90.00
#
_symmetry.space_group_name_H-M   'C 1 2 1'
#
loop_
_entity.id
_entity.type
_entity.pdbx_description
1 polymer '2-hydroxyisobutyryl-CoA mutase large subunit'
2 polymer '2-hydroxyisobutyryl-CoA mutase small subunit'
3 non-polymer '3-HYDROXYBUTANOYL-COENZYME A'
4 non-polymer 'S-{(3R,5R,9R)-1-[(2R,3S,4R,5R)-5-(6-amino-9H-purin-9-yl)-4-hydroxy-3-(phosphonooxy)tetrahydrofuran-2-yl]-3,5,9-trihydroxy-8,8-dimethyl-3,5-dioxido-10,14-dioxo-2,4,6-trioxa-11,15-diaza-3lambda~5~,5lambda~5~-diphosphaheptadecan-17-yl} 2-hydroxy-2-methylpropanethioate'
5 non-polymer "5'-DEOXYADENOSINE"
6 non-polymer COBALAMIN
7 water water
#
loop_
_entity_poly.entity_id
_entity_poly.type
_entity_poly.pdbx_seq_one_letter_code
_entity_poly.pdbx_strand_id
1 'polypeptide(L)'
;MASHHHHHHSGMTWLEPQIKSQLQSERKDWEANEVGAFLKKAPERKEQFHTIGDFPVQRTYTAADIADTPLEDIGLPGRY
PFTRGPYPTMYRSRTWTMRQIAGFGTGEDTNKRFKYLIAQGQTGISTDFDMPTLMGYDSDHPMSDGEVGREGVAIDTLAD
MEALLADIDLEKISVSFTINPSAWILLAMYVALGEKRGYDLNKLSGTVQADILKEYMAQKEYIYPIAPSVRIVRDIITYS
AKNLKRYNPINISGYHISEAGSSPLQEAAFTLANLITYVNEVTKTGMHVDEFAPRLAFFFVSQGDFFEEVAKFRALRRCY
AKIMKERFGARNPESMRLRFHCQTAAATLTKPQYMVNVVRTSLQALSAVLGGAQSLHTNGYDEAFAIPTEDAMKMALRTQ
QIIAEESGVADVIDPLGGSYYVEALTTEYEKKIFEILEEVEKRGGTIKLIEQGWFQKQIADFAYETALRKQSGQKPVIGV
NRFVENEEDVKIEIHPYDNTTAERQISRTRRVRAERDEAKVQAMLDQLVAVAKDESQNLMPLTIELVKAGATMGDIVEKL
KGIWGTYRETPVFGSAWSHPQFEK
;
A,B
2 'polypeptide(L)'
;MASHHHHHHSGMDQTPIRVLLAKVGLDGHDRGVKVVARALRDAGMDVIYSGLHRTPEEVVNTAIQEDVDVLGVSLLSGVQ
LTVFPKIFKLLDERGAGDLIVIAGGVMPDEDAAAIRKLGVREVLLQDTPPQAIIDSIRSLVAARGARGSAWSHPQFEK
;
C,D
#
# COMPACT_ATOMS: atom_id res chain seq x y z
N THR A 13 -49.44 -5.16 -37.24
CA THR A 13 -50.28 -3.98 -37.01
C THR A 13 -51.57 -4.31 -36.29
N TRP A 14 -51.85 -3.57 -35.19
CA TRP A 14 -53.03 -3.76 -34.33
C TRP A 14 -54.04 -2.66 -34.52
N LEU A 15 -53.57 -1.47 -34.89
CA LEU A 15 -54.40 -0.29 -35.11
C LEU A 15 -54.90 -0.24 -36.56
N GLU A 16 -56.25 -0.22 -36.73
CA GLU A 16 -56.92 -0.14 -38.03
C GLU A 16 -56.44 1.14 -38.73
N PRO A 17 -55.81 1.03 -39.93
CA PRO A 17 -55.28 2.24 -40.60
C PRO A 17 -56.31 3.35 -40.88
N GLN A 18 -57.62 2.98 -40.97
CA GLN A 18 -58.71 3.95 -41.16
C GLN A 18 -58.87 4.81 -39.89
N ILE A 19 -58.58 4.22 -38.69
CA ILE A 19 -58.58 4.88 -37.39
C ILE A 19 -57.27 5.68 -37.15
N LYS A 20 -56.08 5.10 -37.52
CA LYS A 20 -54.77 5.77 -37.39
C LYS A 20 -54.76 7.09 -38.17
N SER A 21 -55.38 7.09 -39.37
CA SER A 21 -55.52 8.23 -40.26
C SER A 21 -56.39 9.27 -39.62
N GLN A 22 -57.56 8.83 -39.07
CA GLN A 22 -58.50 9.69 -38.35
C GLN A 22 -57.80 10.39 -37.19
N LEU A 23 -57.07 9.63 -36.35
CA LEU A 23 -56.34 10.15 -35.20
C LEU A 23 -55.35 11.23 -35.59
N GLN A 24 -54.52 10.99 -36.62
CA GLN A 24 -53.49 11.91 -37.10
C GLN A 24 -54.10 13.17 -37.72
N SER A 25 -55.24 13.02 -38.41
CA SER A 25 -55.95 14.11 -39.05
C SER A 25 -56.59 15.00 -37.98
N GLU A 26 -57.26 14.36 -36.99
CA GLU A 26 -57.92 15.01 -35.87
C GLU A 26 -56.96 15.80 -35.00
N ARG A 27 -55.74 15.28 -34.75
CA ARG A 27 -54.73 15.94 -33.93
C ARG A 27 -54.22 17.20 -34.61
N LYS A 28 -53.93 17.11 -35.93
CA LYS A 28 -53.46 18.25 -36.75
C LYS A 28 -54.47 19.37 -36.71
N ASP A 29 -55.77 19.01 -36.68
CA ASP A 29 -56.93 19.92 -36.59
C ASP A 29 -56.91 20.62 -35.21
N TRP A 30 -56.84 19.83 -34.13
CA TRP A 30 -56.77 20.23 -32.72
C TRP A 30 -55.54 21.12 -32.45
N GLU A 31 -54.39 20.85 -33.10
CA GLU A 31 -53.17 21.66 -32.96
C GLU A 31 -53.37 23.11 -33.50
N ALA A 32 -54.26 23.26 -34.50
CA ALA A 32 -54.53 24.53 -35.17
C ALA A 32 -55.79 25.25 -34.64
N ASN A 33 -56.75 24.49 -34.07
CA ASN A 33 -57.98 25.07 -33.54
C ASN A 33 -57.82 25.35 -32.05
N GLU A 34 -58.10 24.35 -31.17
CA GLU A 34 -58.05 24.46 -29.72
C GLU A 34 -56.70 24.85 -29.16
N VAL A 35 -55.62 24.21 -29.65
CA VAL A 35 -54.26 24.46 -29.20
C VAL A 35 -53.79 25.86 -29.62
N GLY A 36 -54.03 26.22 -30.88
CA GLY A 36 -53.66 27.50 -31.47
C GLY A 36 -54.26 28.70 -30.75
N ALA A 37 -55.55 28.58 -30.35
CA ALA A 37 -56.34 29.59 -29.64
C ALA A 37 -55.85 29.81 -28.19
N PHE A 38 -55.58 28.72 -27.47
CA PHE A 38 -55.08 28.69 -26.10
C PHE A 38 -53.64 29.23 -26.00
N LEU A 39 -52.75 28.83 -26.92
CA LEU A 39 -51.37 29.33 -26.97
C LEU A 39 -51.32 30.85 -27.15
N LYS A 40 -52.36 31.46 -27.79
CA LYS A 40 -52.53 32.91 -27.94
C LYS A 40 -52.88 33.50 -26.54
N LYS A 41 -53.92 32.95 -25.86
CA LYS A 41 -54.39 33.31 -24.51
C LYS A 41 -53.22 33.26 -23.52
N ALA A 42 -52.51 32.10 -23.52
CA ALA A 42 -51.41 31.79 -22.61
C ALA A 42 -50.49 30.72 -23.23
N PRO A 43 -49.27 31.10 -23.70
CA PRO A 43 -48.36 30.10 -24.30
C PRO A 43 -47.80 29.12 -23.26
N GLU A 44 -47.21 28.03 -23.74
CA GLU A 44 -46.61 27.03 -22.89
C GLU A 44 -45.30 27.52 -22.31
N ARG A 45 -44.84 26.90 -21.19
CA ARG A 45 -43.61 27.31 -20.52
C ARG A 45 -42.35 27.16 -21.36
N LYS A 46 -42.32 26.11 -22.23
CA LYS A 46 -41.20 25.75 -23.10
C LYS A 46 -41.67 25.48 -24.53
N GLU A 47 -40.81 25.76 -25.55
CA GLU A 47 -41.12 25.50 -26.96
C GLU A 47 -41.12 24.01 -27.21
N GLN A 48 -40.24 23.29 -26.52
CA GLN A 48 -40.09 21.83 -26.54
C GLN A 48 -39.79 21.37 -25.12
N PHE A 49 -40.61 20.48 -24.58
CA PHE A 49 -40.39 19.93 -23.26
C PHE A 49 -39.62 18.63 -23.40
N HIS A 50 -38.86 18.25 -22.38
CA HIS A 50 -38.04 17.04 -22.40
C HIS A 50 -38.15 16.38 -21.07
N THR A 51 -37.82 15.08 -20.99
CA THR A 51 -37.74 14.39 -19.73
C THR A 51 -36.40 14.87 -19.04
N ILE A 52 -36.12 14.44 -17.80
CA ILE A 52 -34.86 14.84 -17.12
C ILE A 52 -33.70 14.18 -17.88
N GLY A 53 -33.96 12.99 -18.39
CA GLY A 53 -33.02 12.22 -19.21
C GLY A 53 -32.86 12.69 -20.64
N ASP A 54 -33.36 13.91 -20.94
CA ASP A 54 -33.27 14.62 -22.23
C ASP A 54 -33.98 14.02 -23.44
N PHE A 55 -35.02 13.24 -23.21
CA PHE A 55 -35.82 12.69 -24.29
C PHE A 55 -36.92 13.70 -24.56
N PRO A 56 -37.09 14.17 -25.82
CA PRO A 56 -38.18 15.13 -26.09
C PRO A 56 -39.56 14.46 -25.93
N VAL A 57 -40.50 15.20 -25.30
CA VAL A 57 -41.86 14.74 -25.07
C VAL A 57 -42.90 15.54 -25.86
N GLN A 58 -43.95 14.84 -26.33
CA GLN A 58 -45.07 15.49 -27.04
C GLN A 58 -46.07 16.06 -26.00
N ARG A 59 -46.91 17.05 -26.41
CA ARG A 59 -47.97 17.66 -25.59
C ARG A 59 -48.88 16.57 -25.05
N THR A 60 -49.26 15.61 -25.92
CA THR A 60 -50.09 14.45 -25.63
C THR A 60 -49.72 13.31 -26.58
N TYR A 61 -50.02 12.07 -26.17
CA TYR A 61 -49.79 10.87 -26.94
C TYR A 61 -51.15 10.19 -27.23
N THR A 62 -51.34 9.70 -28.47
CA THR A 62 -52.55 9.01 -28.90
C THR A 62 -52.17 7.58 -29.31
N ALA A 63 -53.16 6.77 -29.72
CA ALA A 63 -52.90 5.39 -30.15
C ALA A 63 -52.03 5.35 -31.40
N ALA A 64 -52.07 6.43 -32.22
CA ALA A 64 -51.29 6.57 -33.45
C ALA A 64 -49.78 6.52 -33.19
N ASP A 65 -49.36 7.13 -32.07
CA ASP A 65 -47.95 7.21 -31.62
C ASP A 65 -47.35 5.85 -31.29
N ILE A 66 -48.19 4.86 -30.96
CA ILE A 66 -47.73 3.52 -30.59
C ILE A 66 -48.08 2.42 -31.59
N ALA A 67 -48.75 2.78 -32.70
CA ALA A 67 -49.19 1.88 -33.77
C ALA A 67 -48.04 1.07 -34.38
N ASP A 68 -46.82 1.62 -34.39
CA ASP A 68 -45.65 0.94 -34.94
C ASP A 68 -45.02 -0.07 -33.97
N THR A 69 -45.43 -0.07 -32.68
CA THR A 69 -44.99 -1.05 -31.69
C THR A 69 -46.03 -2.20 -31.72
N PRO A 70 -45.63 -3.44 -32.09
CA PRO A 70 -46.60 -4.54 -32.09
C PRO A 70 -47.02 -4.86 -30.65
N LEU A 71 -48.27 -5.34 -30.47
CA LEU A 71 -48.81 -5.70 -29.17
C LEU A 71 -48.07 -6.84 -28.49
N GLU A 72 -47.32 -7.67 -29.25
CA GLU A 72 -46.47 -8.76 -28.74
C GLU A 72 -45.35 -8.23 -27.86
N ASP A 73 -44.82 -6.99 -28.16
CA ASP A 73 -43.75 -6.29 -27.42
C ASP A 73 -44.26 -5.70 -26.08
N ILE A 74 -45.59 -5.68 -25.90
CA ILE A 74 -46.25 -5.26 -24.67
C ILE A 74 -46.59 -6.59 -23.99
N GLY A 75 -47.55 -7.31 -24.58
CA GLY A 75 -47.94 -8.65 -24.19
C GLY A 75 -48.53 -8.85 -22.81
N LEU A 76 -47.92 -9.81 -22.06
CA LEU A 76 -48.39 -10.23 -20.74
C LEU A 76 -47.22 -10.41 -19.73
N PRO A 77 -47.46 -10.14 -18.41
CA PRO A 77 -46.37 -10.32 -17.43
C PRO A 77 -45.99 -11.79 -17.27
N GLY A 78 -44.70 -12.07 -17.08
CA GLY A 78 -44.22 -13.43 -16.94
C GLY A 78 -44.18 -14.22 -18.24
N ARG A 79 -44.34 -13.51 -19.38
CA ARG A 79 -44.28 -14.01 -20.74
C ARG A 79 -43.39 -13.09 -21.53
N TYR A 80 -42.56 -13.66 -22.42
CA TYR A 80 -41.60 -12.98 -23.28
C TYR A 80 -42.24 -11.86 -24.12
N PRO A 81 -41.60 -10.65 -24.30
CA PRO A 81 -40.31 -10.20 -23.78
C PRO A 81 -40.31 -9.60 -22.37
N PHE A 82 -41.34 -9.93 -21.55
CA PHE A 82 -41.45 -9.52 -20.13
C PHE A 82 -41.51 -8.02 -19.86
N THR A 83 -41.92 -7.21 -20.84
CA THR A 83 -42.09 -5.76 -20.67
C THR A 83 -42.96 -5.44 -19.41
N ARG A 84 -44.06 -6.20 -19.24
CA ARG A 84 -45.04 -6.04 -18.15
C ARG A 84 -44.66 -6.67 -16.78
N GLY A 85 -43.53 -7.35 -16.70
CA GLY A 85 -43.08 -7.93 -15.46
C GLY A 85 -42.48 -9.31 -15.64
N PRO A 86 -41.49 -9.68 -14.79
CA PRO A 86 -40.85 -11.01 -14.94
C PRO A 86 -41.72 -12.19 -14.47
N TYR A 87 -42.74 -11.93 -13.61
CA TYR A 87 -43.63 -12.94 -13.06
C TYR A 87 -45.09 -12.72 -13.54
N PRO A 88 -45.89 -13.78 -13.76
CA PRO A 88 -47.25 -13.56 -14.26
C PRO A 88 -48.26 -13.08 -13.22
N THR A 89 -47.89 -13.13 -11.93
CA THR A 89 -48.76 -12.84 -10.79
C THR A 89 -48.31 -11.62 -9.99
N MET A 90 -47.01 -11.27 -10.14
CA MET A 90 -46.35 -10.15 -9.48
C MET A 90 -46.78 -9.92 -8.04
N TYR A 91 -47.17 -8.70 -7.68
CA TYR A 91 -47.56 -8.30 -6.32
C TYR A 91 -48.90 -8.82 -5.80
N ARG A 92 -49.71 -9.49 -6.63
CA ARG A 92 -50.98 -10.05 -6.16
C ARG A 92 -50.68 -11.35 -5.38
N SER A 93 -49.49 -11.91 -5.64
CA SER A 93 -49.03 -13.16 -5.05
C SER A 93 -47.89 -12.88 -4.08
N ARG A 94 -46.85 -12.14 -4.50
CA ARG A 94 -45.73 -11.79 -3.62
C ARG A 94 -45.32 -10.34 -3.82
N THR A 95 -45.34 -9.55 -2.72
CA THR A 95 -44.91 -8.14 -2.72
C THR A 95 -43.40 -8.04 -2.99
N TRP A 96 -42.92 -6.92 -3.53
CA TRP A 96 -41.48 -6.70 -3.67
C TRP A 96 -40.84 -6.81 -2.27
N THR A 97 -39.55 -7.15 -2.22
CA THR A 97 -38.84 -7.23 -0.95
C THR A 97 -38.59 -5.78 -0.49
N MET A 98 -38.96 -5.50 0.76
CA MET A 98 -38.71 -4.21 1.39
C MET A 98 -37.39 -4.50 2.11
N ARG A 99 -36.32 -4.12 1.39
CA ARG A 99 -34.94 -4.42 1.77
C ARG A 99 -34.10 -3.13 1.90
N GLN A 100 -34.00 -2.66 3.18
CA GLN A 100 -33.29 -1.46 3.59
C GLN A 100 -31.82 -1.71 3.92
N ILE A 101 -30.94 -0.83 3.42
CA ILE A 101 -29.49 -0.90 3.68
C ILE A 101 -29.24 -0.62 5.17
N ALA A 102 -28.32 -1.39 5.75
CA ALA A 102 -27.87 -1.29 7.14
C ALA A 102 -26.35 -1.53 7.11
N GLY A 103 -25.59 -0.69 7.81
CA GLY A 103 -24.15 -0.85 7.88
C GLY A 103 -23.46 0.25 8.63
N PHE A 104 -22.80 -0.11 9.73
CA PHE A 104 -21.99 0.75 10.61
C PHE A 104 -21.35 -0.08 11.70
N GLY A 105 -20.21 0.41 12.19
CA GLY A 105 -19.47 -0.19 13.27
C GLY A 105 -19.04 -1.61 12.98
N THR A 106 -19.20 -2.47 14.00
CA THR A 106 -18.87 -3.89 13.92
C THR A 106 -20.13 -4.70 13.58
N GLY A 107 -19.97 -6.00 13.33
CA GLY A 107 -21.05 -6.92 13.01
C GLY A 107 -22.24 -6.80 13.94
N GLU A 108 -21.95 -6.76 15.27
CA GLU A 108 -22.91 -6.60 16.38
C GLU A 108 -23.75 -5.36 16.24
N ASP A 109 -23.12 -4.23 15.83
CA ASP A 109 -23.79 -2.96 15.64
C ASP A 109 -24.85 -3.02 14.51
N THR A 110 -24.44 -3.50 13.33
CA THR A 110 -25.30 -3.68 12.15
C THR A 110 -26.37 -4.77 12.40
N ASN A 111 -26.02 -5.81 13.19
CA ASN A 111 -26.96 -6.88 13.56
C ASN A 111 -28.17 -6.31 14.35
N LYS A 112 -27.91 -5.35 15.26
CA LYS A 112 -28.92 -4.66 16.06
C LYS A 112 -29.90 -3.90 15.10
N ARG A 113 -29.33 -3.18 14.10
CA ARG A 113 -30.11 -2.48 13.05
C ARG A 113 -30.93 -3.45 12.18
N PHE A 114 -30.36 -4.64 11.79
CA PHE A 114 -31.10 -5.69 11.04
C PHE A 114 -32.38 -6.02 11.79
N LYS A 115 -32.24 -6.30 13.09
CA LYS A 115 -33.33 -6.68 14.00
C LYS A 115 -34.37 -5.58 14.13
N TYR A 116 -33.94 -4.31 14.24
CA TYR A 116 -34.82 -3.15 14.27
C TYR A 116 -35.65 -3.07 12.98
N LEU A 117 -34.94 -3.14 11.82
CA LEU A 117 -35.50 -3.07 10.47
C LEU A 117 -36.50 -4.19 10.23
N ILE A 118 -36.17 -5.43 10.68
CA ILE A 118 -37.09 -6.58 10.62
C ILE A 118 -38.34 -6.33 11.47
N ALA A 119 -38.19 -5.83 12.69
CA ALA A 119 -39.30 -5.50 13.58
C ALA A 119 -40.21 -4.43 12.95
N GLN A 120 -39.63 -3.49 12.15
CA GLN A 120 -40.36 -2.43 11.44
C GLN A 120 -41.02 -2.88 10.12
N GLY A 121 -40.77 -4.11 9.70
CA GLY A 121 -41.43 -4.70 8.53
C GLY A 121 -40.58 -4.97 7.31
N GLN A 122 -39.24 -4.87 7.44
CA GLN A 122 -38.39 -5.21 6.31
C GLN A 122 -38.43 -6.77 6.15
N THR A 123 -38.47 -7.23 4.89
CA THR A 123 -38.63 -8.62 4.44
C THR A 123 -37.37 -9.21 3.80
N GLY A 124 -36.32 -8.41 3.72
CA GLY A 124 -35.01 -8.80 3.20
C GLY A 124 -33.91 -7.99 3.84
N ILE A 125 -32.73 -8.59 4.04
CA ILE A 125 -31.58 -7.91 4.62
C ILE A 125 -30.66 -7.33 3.52
N SER A 126 -30.21 -6.07 3.70
CA SER A 126 -29.25 -5.42 2.82
C SER A 126 -28.10 -4.94 3.71
N THR A 127 -26.86 -5.16 3.28
CA THR A 127 -25.71 -4.78 4.09
C THR A 127 -24.74 -3.92 3.27
N ASP A 128 -24.41 -2.73 3.82
CA ASP A 128 -23.38 -1.83 3.32
C ASP A 128 -22.17 -1.90 4.20
N PHE A 129 -21.01 -1.94 3.56
CA PHE A 129 -19.71 -2.13 4.21
C PHE A 129 -18.89 -0.85 4.25
N ASP A 130 -17.92 -0.78 5.18
CA ASP A 130 -17.06 0.37 5.27
C ASP A 130 -16.02 0.36 4.11
N MET A 131 -15.30 1.46 3.96
CA MET A 131 -14.29 1.61 2.93
C MET A 131 -13.20 0.59 3.00
N PRO A 132 -12.56 0.29 4.17
CA PRO A 132 -11.51 -0.76 4.20
C PRO A 132 -12.00 -2.09 3.58
N THR A 133 -13.19 -2.55 4.00
CA THR A 133 -13.83 -3.80 3.54
C THR A 133 -14.12 -3.77 2.05
N LEU A 134 -14.66 -2.64 1.56
CA LEU A 134 -14.99 -2.40 0.14
C LEU A 134 -13.72 -2.42 -0.74
N MET A 135 -12.63 -1.87 -0.19
CA MET A 135 -11.33 -1.72 -0.84
C MET A 135 -10.38 -2.92 -0.64
N GLY A 136 -10.81 -3.91 0.14
CA GLY A 136 -10.05 -5.14 0.38
C GLY A 136 -9.04 -5.13 1.49
N TYR A 137 -9.16 -4.15 2.40
CA TYR A 137 -8.24 -3.99 3.53
C TYR A 137 -8.81 -4.46 4.83
N ASP A 138 -7.92 -4.93 5.70
CA ASP A 138 -8.30 -5.28 7.07
C ASP A 138 -8.37 -3.95 7.82
N SER A 139 -9.12 -3.92 8.93
CA SER A 139 -9.30 -2.74 9.77
C SER A 139 -8.01 -2.06 10.32
N ASP A 140 -6.91 -2.83 10.47
CA ASP A 140 -5.63 -2.33 11.00
C ASP A 140 -4.60 -1.97 9.94
N HIS A 141 -4.98 -2.05 8.65
CA HIS A 141 -4.09 -1.66 7.56
C HIS A 141 -3.92 -0.12 7.61
N PRO A 142 -2.71 0.44 7.26
CA PRO A 142 -2.55 1.91 7.29
C PRO A 142 -3.55 2.70 6.46
N MET A 143 -4.03 2.11 5.36
CA MET A 143 -5.02 2.75 4.49
C MET A 143 -6.42 2.86 5.13
N SER A 144 -6.68 2.06 6.18
CA SER A 144 -7.94 1.98 6.92
C SER A 144 -8.13 3.05 7.99
N ASP A 145 -7.02 3.64 8.50
CA ASP A 145 -7.02 4.69 9.56
C ASP A 145 -8.20 5.67 9.46
N GLY A 146 -8.97 5.78 10.54
CA GLY A 146 -10.11 6.68 10.61
C GLY A 146 -11.33 6.30 9.76
N GLU A 147 -11.30 5.13 9.11
CA GLU A 147 -12.37 4.69 8.22
C GLU A 147 -13.08 3.41 8.66
N VAL A 148 -12.63 2.80 9.79
CA VAL A 148 -13.23 1.53 10.28
C VAL A 148 -14.66 1.72 10.80
N GLY A 149 -15.62 0.97 10.22
CA GLY A 149 -17.03 0.97 10.59
C GLY A 149 -17.75 2.29 10.46
N ARG A 150 -17.12 3.27 9.76
CA ARG A 150 -17.66 4.61 9.57
C ARG A 150 -18.81 4.70 8.55
N GLU A 151 -18.56 4.30 7.27
CA GLU A 151 -19.52 4.37 6.15
C GLU A 151 -20.35 3.10 5.92
N GLY A 152 -20.05 2.06 6.69
CA GLY A 152 -20.70 0.76 6.65
C GLY A 152 -20.07 -0.17 7.67
N VAL A 153 -20.51 -1.44 7.70
CA VAL A 153 -19.98 -2.40 8.66
C VAL A 153 -18.54 -2.83 8.27
N ALA A 154 -17.72 -3.20 9.27
CA ALA A 154 -16.38 -3.70 9.08
C ALA A 154 -16.43 -5.22 9.07
N ILE A 155 -15.93 -5.85 7.98
CA ILE A 155 -15.81 -7.30 7.89
C ILE A 155 -14.35 -7.62 7.50
N ASP A 156 -13.62 -8.29 8.42
CA ASP A 156 -12.22 -8.67 8.17
C ASP A 156 -12.12 -10.17 8.14
N THR A 157 -12.91 -10.82 8.99
CA THR A 157 -12.93 -12.28 9.27
C THR A 157 -14.37 -12.88 9.25
N LEU A 158 -14.47 -14.20 9.17
CA LEU A 158 -15.72 -14.96 9.20
C LEU A 158 -16.36 -14.75 10.59
N ALA A 159 -15.52 -14.59 11.64
CA ALA A 159 -15.93 -14.29 13.01
C ALA A 159 -16.82 -13.04 13.07
N ASP A 160 -16.50 -11.99 12.28
CA ASP A 160 -17.25 -10.74 12.20
C ASP A 160 -18.62 -11.00 11.54
N MET A 161 -18.62 -11.88 10.52
CA MET A 161 -19.88 -12.22 9.83
C MET A 161 -20.84 -12.99 10.77
N GLU A 162 -20.30 -13.79 11.71
CA GLU A 162 -21.07 -14.53 12.69
C GLU A 162 -21.76 -13.53 13.58
N ALA A 163 -21.03 -12.43 13.97
CA ALA A 163 -21.55 -11.31 14.78
C ALA A 163 -22.61 -10.57 14.00
N LEU A 164 -22.36 -10.35 12.69
CA LEU A 164 -23.26 -9.67 11.76
C LEU A 164 -24.61 -10.34 11.60
N LEU A 165 -24.61 -11.66 11.43
CA LEU A 165 -25.78 -12.47 11.16
C LEU A 165 -26.23 -13.31 12.35
N ALA A 166 -25.84 -12.89 13.57
CA ALA A 166 -26.21 -13.55 14.81
C ALA A 166 -27.72 -13.54 14.96
N ASP A 167 -28.30 -14.70 15.33
CA ASP A 167 -29.74 -14.91 15.53
C ASP A 167 -30.59 -14.65 14.25
N ILE A 168 -29.97 -14.78 13.06
CA ILE A 168 -30.65 -14.56 11.78
C ILE A 168 -30.74 -15.88 11.05
N ASP A 169 -31.98 -16.35 10.77
CA ASP A 169 -32.16 -17.67 10.09
C ASP A 169 -31.95 -17.46 8.61
N LEU A 170 -30.75 -17.78 8.11
CA LEU A 170 -30.37 -17.55 6.72
C LEU A 170 -31.19 -18.29 5.68
N GLU A 171 -31.83 -19.41 6.10
CA GLU A 171 -32.72 -20.22 5.28
C GLU A 171 -34.15 -19.65 5.22
N LYS A 172 -34.52 -18.76 6.15
CA LYS A 172 -35.84 -18.12 6.24
C LYS A 172 -35.93 -16.64 5.80
N ILE A 173 -34.79 -15.97 5.59
CA ILE A 173 -34.72 -14.59 5.10
C ILE A 173 -33.58 -14.45 4.09
N SER A 174 -33.77 -13.66 3.01
CA SER A 174 -32.66 -13.41 2.06
C SER A 174 -31.71 -12.33 2.60
N VAL A 175 -30.41 -12.52 2.35
CA VAL A 175 -29.32 -11.65 2.78
C VAL A 175 -28.47 -11.12 1.61
N SER A 176 -28.56 -9.80 1.38
CA SER A 176 -27.82 -9.03 0.38
C SER A 176 -26.56 -8.37 0.99
N PHE A 177 -25.45 -8.43 0.25
CA PHE A 177 -24.16 -7.83 0.60
C PHE A 177 -23.75 -6.85 -0.50
N THR A 178 -23.64 -5.55 -0.16
CA THR A 178 -23.20 -4.53 -1.13
C THR A 178 -21.66 -4.54 -1.13
N ILE A 179 -21.11 -5.61 -1.69
CA ILE A 179 -19.70 -5.87 -1.73
C ILE A 179 -19.26 -6.06 -3.19
N ASN A 180 -18.10 -5.52 -3.55
CA ASN A 180 -17.67 -5.53 -4.93
C ASN A 180 -16.31 -6.20 -5.27
N PRO A 181 -15.12 -5.52 -5.29
CA PRO A 181 -13.89 -6.25 -5.62
C PRO A 181 -13.53 -7.40 -4.68
N SER A 182 -14.01 -7.35 -3.43
CA SER A 182 -13.76 -8.38 -2.42
C SER A 182 -15.05 -9.21 -2.15
N ALA A 183 -15.99 -9.19 -3.14
CA ALA A 183 -17.24 -9.93 -3.07
C ALA A 183 -17.05 -11.43 -2.89
N TRP A 184 -16.02 -12.01 -3.57
CA TRP A 184 -15.78 -13.45 -3.51
C TRP A 184 -15.43 -13.94 -2.12
N ILE A 185 -14.68 -13.11 -1.36
CA ILE A 185 -14.26 -13.37 0.03
C ILE A 185 -15.52 -13.38 0.93
N LEU A 186 -16.41 -12.41 0.76
CA LEU A 186 -17.66 -12.36 1.52
C LEU A 186 -18.61 -13.48 1.19
N LEU A 187 -18.64 -13.91 -0.10
CA LEU A 187 -19.44 -15.06 -0.52
C LEU A 187 -18.86 -16.36 0.09
N ALA A 188 -17.52 -16.48 0.16
CA ALA A 188 -16.84 -17.62 0.77
C ALA A 188 -17.20 -17.69 2.25
N MET A 189 -17.26 -16.53 2.93
CA MET A 189 -17.61 -16.40 4.36
C MET A 189 -19.05 -16.78 4.60
N TYR A 190 -19.95 -16.37 3.67
CA TYR A 190 -21.36 -16.69 3.76
C TYR A 190 -21.58 -18.19 3.68
N VAL A 191 -20.91 -18.84 2.70
CA VAL A 191 -20.97 -20.29 2.46
C VAL A 191 -20.43 -21.03 3.68
N ALA A 192 -19.24 -20.63 4.18
CA ALA A 192 -18.61 -21.18 5.37
C ALA A 192 -19.54 -21.06 6.59
N LEU A 193 -20.25 -19.92 6.75
CA LEU A 193 -21.21 -19.67 7.84
C LEU A 193 -22.43 -20.63 7.74
N GLY A 194 -22.98 -20.76 6.53
CA GLY A 194 -24.11 -21.64 6.23
C GLY A 194 -23.81 -23.08 6.54
N GLU A 195 -22.58 -23.52 6.21
CA GLU A 195 -22.10 -24.88 6.50
C GLU A 195 -21.98 -25.10 8.01
N LYS A 196 -21.32 -24.14 8.72
CA LYS A 196 -21.12 -24.15 10.17
C LYS A 196 -22.47 -24.26 10.90
N ARG A 197 -23.49 -23.60 10.36
CA ARG A 197 -24.84 -23.56 10.92
C ARG A 197 -25.68 -24.75 10.61
N GLY A 198 -25.21 -25.61 9.71
CA GLY A 198 -25.89 -26.83 9.33
C GLY A 198 -27.02 -26.61 8.36
N TYR A 199 -26.98 -25.49 7.62
CA TYR A 199 -27.99 -25.13 6.62
C TYR A 199 -27.71 -25.87 5.31
N ASP A 200 -28.75 -26.03 4.47
CA ASP A 200 -28.66 -26.55 3.12
C ASP A 200 -28.28 -25.32 2.27
N LEU A 201 -27.15 -25.41 1.55
CA LEU A 201 -26.63 -24.30 0.74
C LEU A 201 -27.58 -23.89 -0.36
N ASN A 202 -28.27 -24.88 -0.97
CA ASN A 202 -29.25 -24.67 -2.03
C ASN A 202 -30.54 -23.99 -1.56
N LYS A 203 -30.67 -23.75 -0.23
CA LYS A 203 -31.81 -23.06 0.40
C LYS A 203 -31.42 -21.61 0.79
N LEU A 204 -30.15 -21.23 0.61
CA LEU A 204 -29.69 -19.89 0.96
C LEU A 204 -30.01 -18.88 -0.11
N SER A 205 -30.91 -17.95 0.21
CA SER A 205 -31.30 -16.88 -0.69
C SER A 205 -30.48 -15.66 -0.29
N GLY A 206 -29.88 -15.03 -1.28
CA GLY A 206 -29.04 -13.87 -1.07
C GLY A 206 -28.43 -13.34 -2.34
N THR A 207 -27.59 -12.32 -2.19
CA THR A 207 -26.90 -11.60 -3.25
C THR A 207 -25.59 -10.97 -2.74
N VAL A 208 -24.58 -10.93 -3.63
CA VAL A 208 -23.34 -10.16 -3.52
C VAL A 208 -23.39 -9.30 -4.79
N GLN A 209 -23.19 -7.98 -4.65
CA GLN A 209 -23.25 -7.05 -5.80
C GLN A 209 -22.27 -7.47 -6.91
N ALA A 210 -21.00 -7.74 -6.52
CA ALA A 210 -19.92 -8.30 -7.35
C ALA A 210 -19.52 -7.61 -8.68
N ASP A 211 -20.45 -6.94 -9.37
CA ASP A 211 -20.24 -6.25 -10.65
C ASP A 211 -19.08 -5.27 -10.60
N ILE A 212 -17.96 -5.68 -11.16
CA ILE A 212 -16.73 -4.87 -11.21
C ILE A 212 -16.67 -3.87 -12.37
N LEU A 213 -17.31 -4.18 -13.48
CA LEU A 213 -17.30 -3.29 -14.65
C LEU A 213 -17.87 -1.90 -14.30
N LYS A 214 -18.92 -1.87 -13.48
CA LYS A 214 -19.54 -0.63 -13.05
C LYS A 214 -18.70 0.11 -12.03
N GLU A 215 -17.73 -0.59 -11.39
CA GLU A 215 -16.79 -0.01 -10.42
C GLU A 215 -15.77 0.84 -11.17
N TYR A 216 -15.26 0.34 -12.31
CA TYR A 216 -14.33 1.10 -13.16
C TYR A 216 -15.04 2.31 -13.79
N MET A 217 -16.29 2.08 -14.20
CA MET A 217 -17.18 3.03 -14.83
C MET A 217 -17.65 4.11 -13.83
N ALA A 218 -18.14 3.68 -12.64
CA ALA A 218 -18.79 4.60 -11.70
C ALA A 218 -18.52 4.50 -10.21
N GLN A 219 -18.61 3.31 -9.57
CA GLN A 219 -18.50 3.29 -8.11
C GLN A 219 -17.09 3.43 -7.50
N LYS A 220 -16.06 3.13 -8.32
CA LYS A 220 -14.64 3.30 -8.00
C LYS A 220 -14.05 2.42 -6.88
N GLU A 221 -14.62 1.21 -6.71
CA GLU A 221 -14.11 0.23 -5.74
C GLU A 221 -13.43 -0.86 -6.55
N TYR A 222 -12.11 -0.86 -6.56
CA TYR A 222 -11.34 -1.85 -7.31
C TYR A 222 -10.02 -2.16 -6.60
N ILE A 223 -9.49 -3.36 -6.85
CA ILE A 223 -8.25 -3.82 -6.25
C ILE A 223 -7.26 -4.15 -7.37
N TYR A 224 -7.64 -5.07 -8.25
CA TYR A 224 -6.81 -5.59 -9.33
C TYR A 224 -7.16 -5.01 -10.66
N PRO A 225 -6.30 -5.21 -11.70
CA PRO A 225 -6.66 -4.76 -13.05
C PRO A 225 -7.94 -5.46 -13.55
N ILE A 226 -8.57 -4.89 -14.58
CA ILE A 226 -9.84 -5.35 -15.17
C ILE A 226 -9.94 -6.87 -15.41
N ALA A 227 -8.98 -7.44 -16.17
CA ALA A 227 -8.95 -8.86 -16.54
C ALA A 227 -9.04 -9.86 -15.36
N PRO A 228 -8.12 -9.85 -14.35
CA PRO A 228 -8.27 -10.80 -13.23
C PRO A 228 -9.54 -10.56 -12.41
N SER A 229 -9.99 -9.31 -12.35
CA SER A 229 -11.19 -8.90 -11.61
C SER A 229 -12.50 -9.43 -12.23
N VAL A 230 -12.51 -9.58 -13.58
CA VAL A 230 -13.67 -10.10 -14.31
C VAL A 230 -13.73 -11.61 -14.11
N ARG A 231 -12.53 -12.23 -14.08
CA ARG A 231 -12.37 -13.66 -13.83
C ARG A 231 -12.97 -14.01 -12.41
N ILE A 232 -12.81 -13.11 -11.43
CA ILE A 232 -13.37 -13.35 -10.09
C ILE A 232 -14.90 -13.36 -10.20
N VAL A 233 -15.51 -12.34 -10.88
CA VAL A 233 -16.96 -12.27 -11.12
C VAL A 233 -17.43 -13.57 -11.77
N ARG A 234 -16.67 -14.04 -12.75
CA ARG A 234 -16.94 -15.28 -13.49
C ARG A 234 -16.91 -16.46 -12.51
N ASP A 235 -15.87 -16.56 -11.67
CA ASP A 235 -15.79 -17.61 -10.65
C ASP A 235 -16.96 -17.55 -9.64
N ILE A 236 -17.40 -16.34 -9.30
CA ILE A 236 -18.54 -16.17 -8.40
C ILE A 236 -19.77 -16.75 -9.11
N ILE A 237 -19.96 -16.37 -10.38
CA ILE A 237 -21.08 -16.81 -11.20
C ILE A 237 -21.12 -18.30 -11.41
N THR A 238 -20.01 -18.90 -11.91
CA THR A 238 -19.92 -20.36 -12.15
C THR A 238 -20.06 -21.20 -10.88
N TYR A 239 -19.45 -20.76 -9.75
CA TYR A 239 -19.54 -21.48 -8.47
C TYR A 239 -21.02 -21.53 -8.00
N SER A 240 -21.66 -20.35 -7.92
CA SER A 240 -23.06 -20.19 -7.50
C SER A 240 -24.01 -21.03 -8.33
N ALA A 241 -23.82 -21.08 -9.67
CA ALA A 241 -24.66 -21.84 -10.60
C ALA A 241 -24.63 -23.33 -10.27
N LYS A 242 -23.46 -23.84 -9.90
CA LYS A 242 -23.25 -25.24 -9.58
C LYS A 242 -23.44 -25.60 -8.09
N ASN A 243 -23.33 -24.63 -7.16
CA ASN A 243 -23.42 -24.90 -5.71
C ASN A 243 -24.50 -24.18 -4.92
N LEU A 244 -25.03 -23.06 -5.43
CA LEU A 244 -26.03 -22.26 -4.70
C LEU A 244 -27.28 -21.92 -5.54
N LYS A 245 -28.17 -22.92 -5.64
CA LYS A 245 -29.43 -22.86 -6.40
C LYS A 245 -30.32 -21.62 -6.20
N ARG A 246 -30.46 -21.14 -4.95
CA ARG A 246 -31.32 -20.00 -4.64
C ARG A 246 -30.58 -18.65 -4.50
N TYR A 247 -29.25 -18.66 -4.73
CA TYR A 247 -28.37 -17.48 -4.62
C TYR A 247 -28.21 -16.68 -5.92
N ASN A 248 -28.18 -15.34 -5.79
CA ASN A 248 -27.99 -14.38 -6.88
C ASN A 248 -26.53 -13.93 -6.85
N PRO A 249 -25.65 -14.48 -7.73
CA PRO A 249 -24.21 -14.15 -7.65
C PRO A 249 -23.80 -12.72 -8.02
N ILE A 250 -24.69 -11.93 -8.61
CA ILE A 250 -24.39 -10.58 -9.08
C ILE A 250 -25.68 -9.79 -9.22
N ASN A 251 -25.54 -8.49 -9.15
CA ASN A 251 -26.49 -7.47 -9.44
C ASN A 251 -25.71 -6.59 -10.37
N ILE A 252 -25.95 -6.77 -11.70
CA ILE A 252 -25.36 -5.95 -12.78
C ILE A 252 -26.06 -4.61 -12.57
N SER A 253 -25.30 -3.59 -12.15
CA SER A 253 -25.84 -2.33 -11.67
C SER A 253 -25.82 -1.08 -12.55
N GLY A 254 -26.92 -0.36 -12.51
CA GLY A 254 -27.07 0.92 -13.20
C GLY A 254 -27.16 2.07 -12.21
N TYR A 255 -27.61 1.77 -10.97
CA TYR A 255 -27.74 2.73 -9.89
C TYR A 255 -26.56 3.72 -9.77
N HIS A 256 -25.34 3.17 -9.65
CA HIS A 256 -24.10 3.90 -9.46
C HIS A 256 -23.74 4.72 -10.67
N ILE A 257 -24.07 4.21 -11.89
CA ILE A 257 -23.84 4.91 -13.16
C ILE A 257 -24.72 6.17 -13.12
N SER A 258 -26.01 6.02 -12.74
CA SER A 258 -26.92 7.17 -12.61
C SER A 258 -26.42 8.16 -11.56
N GLU A 259 -26.14 7.67 -10.35
CA GLU A 259 -25.68 8.45 -9.21
C GLU A 259 -24.32 9.15 -9.43
N ALA A 260 -23.48 8.60 -10.35
CA ALA A 260 -22.21 9.19 -10.77
C ALA A 260 -22.48 10.40 -11.71
N GLY A 261 -23.73 10.55 -12.15
CA GLY A 261 -24.21 11.65 -13.00
C GLY A 261 -24.76 11.30 -14.35
N SER A 262 -25.07 10.03 -14.60
CA SER A 262 -25.54 9.59 -15.92
C SER A 262 -27.01 9.93 -16.17
N SER A 263 -27.40 9.78 -17.42
CA SER A 263 -28.77 9.92 -17.83
C SER A 263 -29.42 8.54 -17.63
N PRO A 264 -30.77 8.44 -17.56
CA PRO A 264 -31.41 7.11 -17.52
C PRO A 264 -31.04 6.21 -18.73
N LEU A 265 -30.76 6.80 -19.90
CA LEU A 265 -30.35 6.06 -21.10
C LEU A 265 -28.93 5.49 -20.93
N GLN A 266 -28.01 6.27 -20.37
CA GLN A 266 -26.64 5.80 -20.10
C GLN A 266 -26.68 4.71 -19.04
N GLU A 267 -27.53 4.89 -18.03
CA GLU A 267 -27.71 3.91 -16.97
C GLU A 267 -28.13 2.55 -17.56
N ALA A 268 -29.28 2.53 -18.25
CA ALA A 268 -29.85 1.35 -18.91
C ALA A 268 -28.87 0.69 -19.88
N ALA A 269 -28.37 1.46 -20.84
CA ALA A 269 -27.46 0.96 -21.88
C ALA A 269 -26.10 0.49 -21.38
N PHE A 270 -25.46 1.22 -20.45
CA PHE A 270 -24.14 0.84 -19.93
C PHE A 270 -24.20 -0.42 -19.05
N THR A 271 -25.35 -0.66 -18.38
CA THR A 271 -25.57 -1.84 -17.56
C THR A 271 -25.73 -3.05 -18.48
N LEU A 272 -26.49 -2.88 -19.57
CA LEU A 272 -26.65 -3.93 -20.57
C LEU A 272 -25.32 -4.24 -21.28
N ALA A 273 -24.47 -3.21 -21.51
CA ALA A 273 -23.12 -3.39 -22.11
C ALA A 273 -22.27 -4.31 -21.22
N ASN A 274 -22.35 -4.12 -19.89
CA ASN A 274 -21.67 -4.90 -18.85
C ASN A 274 -22.20 -6.33 -18.81
N LEU A 275 -23.53 -6.52 -18.93
CA LEU A 275 -24.16 -7.84 -18.98
C LEU A 275 -23.56 -8.67 -20.12
N ILE A 276 -23.50 -8.11 -21.33
CA ILE A 276 -22.97 -8.79 -22.51
C ILE A 276 -21.55 -9.32 -22.27
N THR A 277 -20.66 -8.48 -21.69
CA THR A 277 -19.28 -8.81 -21.36
C THR A 277 -19.23 -10.02 -20.42
N TYR A 278 -20.07 -10.02 -19.38
CA TYR A 278 -20.17 -11.07 -18.35
C TYR A 278 -20.64 -12.39 -18.92
N VAL A 279 -21.69 -12.38 -19.75
CA VAL A 279 -22.26 -13.58 -20.38
C VAL A 279 -21.24 -14.24 -21.29
N ASN A 280 -20.49 -13.42 -22.05
CA ASN A 280 -19.42 -13.90 -22.94
C ASN A 280 -18.30 -14.58 -22.15
N GLU A 281 -17.90 -13.99 -21.01
CA GLU A 281 -16.86 -14.52 -20.14
C GLU A 281 -17.24 -15.84 -19.50
N VAL A 282 -18.51 -15.96 -19.04
CA VAL A 282 -19.04 -17.18 -18.41
C VAL A 282 -19.22 -18.29 -19.47
N THR A 283 -19.83 -17.99 -20.62
CA THR A 283 -20.07 -18.98 -21.68
C THR A 283 -18.79 -19.51 -22.31
N LYS A 284 -17.70 -18.68 -22.25
CA LYS A 284 -16.36 -18.99 -22.74
C LYS A 284 -15.80 -20.22 -22.01
N THR A 285 -16.25 -20.46 -20.75
CA THR A 285 -15.86 -21.60 -19.90
C THR A 285 -16.56 -22.89 -20.37
N GLY A 286 -17.47 -22.77 -21.33
CA GLY A 286 -18.26 -23.89 -21.81
C GLY A 286 -19.57 -24.05 -21.07
N MET A 287 -19.85 -23.13 -20.13
CA MET A 287 -21.11 -23.11 -19.39
C MET A 287 -22.17 -22.53 -20.30
N HIS A 288 -23.25 -23.28 -20.53
CA HIS A 288 -24.36 -22.87 -21.37
C HIS A 288 -25.08 -21.75 -20.65
N VAL A 289 -25.53 -20.75 -21.42
CA VAL A 289 -26.29 -19.58 -20.96
C VAL A 289 -27.42 -19.96 -19.99
N ASP A 290 -28.17 -21.02 -20.29
CA ASP A 290 -29.31 -21.46 -19.47
C ASP A 290 -28.93 -22.04 -18.09
N GLU A 291 -27.64 -22.34 -17.86
CA GLU A 291 -27.16 -22.85 -16.57
C GLU A 291 -27.02 -21.68 -15.55
N PHE A 292 -26.92 -20.42 -16.01
CA PHE A 292 -26.67 -19.27 -15.12
C PHE A 292 -27.53 -18.04 -15.35
N ALA A 293 -27.93 -17.76 -16.62
CA ALA A 293 -28.79 -16.61 -16.93
C ALA A 293 -30.06 -16.49 -16.08
N PRO A 294 -30.76 -17.60 -15.71
CA PRO A 294 -31.95 -17.46 -14.83
C PRO A 294 -31.67 -16.79 -13.48
N ARG A 295 -30.43 -16.96 -12.95
CA ARG A 295 -29.95 -16.44 -11.67
C ARG A 295 -29.23 -15.08 -11.72
N LEU A 296 -29.01 -14.53 -12.93
CA LEU A 296 -28.44 -13.20 -13.08
C LEU A 296 -29.50 -12.22 -12.59
N ALA A 297 -29.08 -11.08 -12.07
CA ALA A 297 -29.97 -10.04 -11.55
C ALA A 297 -29.32 -8.68 -11.74
N PHE A 298 -30.13 -7.63 -11.62
CA PHE A 298 -29.74 -6.23 -11.84
C PHE A 298 -30.09 -5.32 -10.68
N PHE A 299 -29.56 -4.10 -10.71
CA PHE A 299 -29.82 -3.08 -9.71
C PHE A 299 -29.91 -1.73 -10.40
N PHE A 300 -31.09 -1.11 -10.34
CA PHE A 300 -31.34 0.19 -10.96
C PHE A 300 -31.86 1.24 -9.97
N VAL A 301 -31.70 2.51 -10.32
CA VAL A 301 -32.22 3.62 -9.54
C VAL A 301 -33.69 3.86 -10.00
N SER A 302 -34.46 4.54 -9.15
CA SER A 302 -35.76 5.07 -9.50
C SER A 302 -35.55 6.56 -9.31
N GLN A 303 -35.29 7.24 -10.44
CA GLN A 303 -35.02 8.67 -10.48
C GLN A 303 -36.30 9.48 -10.46
N GLY A 304 -36.10 10.81 -10.52
CA GLY A 304 -37.12 11.83 -10.39
C GLY A 304 -38.13 11.93 -11.48
N ASP A 305 -37.80 11.55 -12.74
CA ASP A 305 -38.82 11.69 -13.79
C ASP A 305 -39.73 10.50 -13.72
N PHE A 306 -40.87 10.70 -13.05
CA PHE A 306 -41.85 9.67 -12.77
C PHE A 306 -42.13 8.67 -13.90
N PHE A 307 -42.55 9.15 -15.09
CA PHE A 307 -42.88 8.31 -16.24
C PHE A 307 -41.70 7.76 -16.98
N GLU A 308 -40.62 8.58 -17.15
CA GLU A 308 -39.38 8.16 -17.79
C GLU A 308 -38.74 6.92 -17.09
N GLU A 309 -38.73 6.91 -15.75
CA GLU A 309 -38.19 5.83 -14.93
C GLU A 309 -38.95 4.54 -15.10
N VAL A 310 -40.28 4.60 -15.20
CA VAL A 310 -41.15 3.45 -15.48
C VAL A 310 -40.87 2.90 -16.90
N ALA A 311 -40.80 3.82 -17.89
CA ALA A 311 -40.53 3.48 -19.29
C ALA A 311 -39.16 2.77 -19.39
N LYS A 312 -38.15 3.27 -18.66
CA LYS A 312 -36.79 2.76 -18.59
C LYS A 312 -36.78 1.33 -18.06
N PHE A 313 -37.53 1.04 -16.97
CA PHE A 313 -37.59 -0.29 -16.36
C PHE A 313 -38.20 -1.32 -17.30
N ARG A 314 -39.29 -0.94 -18.01
CA ARG A 314 -40.00 -1.79 -18.97
C ARG A 314 -39.16 -2.01 -20.21
N ALA A 315 -38.47 -0.94 -20.68
CA ALA A 315 -37.52 -1.02 -21.81
C ALA A 315 -36.36 -1.95 -21.48
N LEU A 316 -35.79 -1.86 -20.27
CA LEU A 316 -34.70 -2.73 -19.82
C LEU A 316 -35.09 -4.20 -19.88
N ARG A 317 -36.30 -4.53 -19.36
CA ARG A 317 -36.82 -5.90 -19.36
C ARG A 317 -36.97 -6.44 -20.76
N ARG A 318 -37.45 -5.59 -21.72
CA ARG A 318 -37.66 -5.96 -23.12
C ARG A 318 -36.34 -6.19 -23.85
N CYS A 319 -35.39 -5.25 -23.67
CA CYS A 319 -34.03 -5.29 -24.25
C CYS A 319 -33.28 -6.52 -23.77
N TYR A 320 -33.34 -6.78 -22.46
CA TYR A 320 -32.73 -7.92 -21.82
C TYR A 320 -33.26 -9.23 -22.39
N ALA A 321 -34.62 -9.37 -22.51
CA ALA A 321 -35.23 -10.57 -23.07
C ALA A 321 -34.72 -10.84 -24.49
N LYS A 322 -34.74 -9.77 -25.35
CA LYS A 322 -34.31 -9.84 -26.75
C LYS A 322 -32.84 -10.25 -26.89
N ILE A 323 -31.96 -9.71 -26.04
CA ILE A 323 -30.51 -9.98 -26.04
C ILE A 323 -30.25 -11.44 -25.69
N MET A 324 -30.83 -11.92 -24.59
CA MET A 324 -30.70 -13.28 -24.09
C MET A 324 -31.21 -14.33 -25.09
N LYS A 325 -32.38 -14.09 -25.68
CA LYS A 325 -32.96 -14.97 -26.70
C LYS A 325 -32.22 -14.89 -28.01
N GLU A 326 -32.16 -13.69 -28.63
CA GLU A 326 -31.58 -13.49 -29.95
C GLU A 326 -30.09 -13.54 -30.04
N ARG A 327 -29.38 -12.87 -29.10
CA ARG A 327 -27.92 -12.82 -29.11
C ARG A 327 -27.27 -14.01 -28.40
N PHE A 328 -27.82 -14.47 -27.29
CA PHE A 328 -27.18 -15.57 -26.59
C PHE A 328 -27.75 -16.95 -26.86
N GLY A 329 -28.92 -16.99 -27.54
CA GLY A 329 -29.61 -18.21 -27.89
C GLY A 329 -30.17 -18.95 -26.70
N ALA A 330 -30.61 -18.23 -25.68
CA ALA A 330 -31.18 -18.84 -24.48
C ALA A 330 -32.50 -19.54 -24.84
N ARG A 331 -32.76 -20.70 -24.22
CA ARG A 331 -33.96 -21.49 -24.46
C ARG A 331 -34.87 -21.60 -23.22
N ASN A 332 -34.31 -21.33 -22.02
CA ASN A 332 -35.03 -21.35 -20.75
C ASN A 332 -35.66 -19.95 -20.58
N PRO A 333 -37.01 -19.87 -20.42
CA PRO A 333 -37.65 -18.55 -20.29
C PRO A 333 -37.13 -17.67 -19.17
N GLU A 334 -36.67 -18.29 -18.06
CA GLU A 334 -36.09 -17.61 -16.88
C GLU A 334 -34.79 -16.89 -17.21
N SER A 335 -34.11 -17.32 -18.28
CA SER A 335 -32.88 -16.68 -18.78
C SER A 335 -33.22 -15.32 -19.43
N MET A 336 -34.47 -15.14 -19.86
CA MET A 336 -34.92 -13.93 -20.54
C MET A 336 -35.69 -12.97 -19.61
N ARG A 337 -36.07 -13.44 -18.38
CA ARG A 337 -36.76 -12.58 -17.42
C ARG A 337 -35.82 -11.81 -16.48
N LEU A 338 -35.78 -10.47 -16.66
CA LEU A 338 -34.96 -9.56 -15.86
C LEU A 338 -35.59 -9.37 -14.49
N ARG A 339 -34.82 -9.62 -13.45
CA ARG A 339 -35.20 -9.43 -12.06
C ARG A 339 -34.28 -8.32 -11.58
N PHE A 340 -34.82 -7.34 -10.82
CA PHE A 340 -34.01 -6.21 -10.35
C PHE A 340 -34.39 -5.66 -8.98
N HIS A 341 -33.34 -5.20 -8.25
CA HIS A 341 -33.47 -4.49 -7.00
C HIS A 341 -33.47 -3.03 -7.43
N CYS A 342 -34.20 -2.21 -6.70
CA CYS A 342 -34.30 -0.78 -7.01
C CYS A 342 -34.01 0.03 -5.74
N GLN A 343 -33.36 1.18 -5.91
CA GLN A 343 -33.13 2.12 -4.84
C GLN A 343 -33.57 3.44 -5.39
N THR A 344 -34.25 4.25 -4.57
CA THR A 344 -34.71 5.57 -4.96
C THR A 344 -33.48 6.47 -5.13
N ALA A 345 -33.58 7.51 -6.01
CA ALA A 345 -32.44 8.40 -6.26
C ALA A 345 -32.06 9.31 -5.11
N ALA A 346 -30.96 8.95 -4.46
CA ALA A 346 -30.34 9.67 -3.35
C ALA A 346 -29.85 11.08 -3.86
N ALA A 347 -29.37 11.16 -5.13
CA ALA A 347 -28.90 12.42 -5.71
C ALA A 347 -30.00 13.52 -5.85
N THR A 348 -31.31 13.13 -5.77
CA THR A 348 -32.43 14.09 -5.86
C THR A 348 -32.78 14.73 -4.49
N LEU A 349 -32.30 14.12 -3.40
CA LEU A 349 -32.59 14.52 -2.04
C LEU A 349 -31.70 15.66 -1.56
N THR A 350 -32.26 16.51 -0.69
CA THR A 350 -31.60 17.73 -0.21
C THR A 350 -31.29 17.81 1.29
N LYS A 351 -30.27 18.63 1.62
CA LYS A 351 -29.88 19.02 2.97
C LYS A 351 -30.89 20.13 3.38
N PRO A 352 -31.11 21.24 2.62
CA PRO A 352 -32.15 22.19 3.03
C PRO A 352 -33.54 21.55 2.94
N GLN A 353 -34.43 21.88 3.90
CA GLN A 353 -35.81 21.38 3.94
C GLN A 353 -35.89 19.86 3.81
N TYR A 354 -34.94 19.15 4.45
CA TYR A 354 -34.81 17.69 4.38
C TYR A 354 -36.09 16.88 4.48
N MET A 355 -37.12 17.27 5.30
CA MET A 355 -38.37 16.47 5.40
C MET A 355 -39.14 16.34 4.10
N VAL A 356 -38.90 17.23 3.19
CA VAL A 356 -39.49 17.26 1.85
C VAL A 356 -39.03 16.03 1.01
N ASN A 357 -37.87 15.42 1.40
CA ASN A 357 -37.34 14.19 0.82
C ASN A 357 -38.34 13.04 0.92
N VAL A 358 -39.22 13.05 1.94
CA VAL A 358 -40.26 12.05 2.15
C VAL A 358 -41.16 12.00 0.92
N VAL A 359 -41.54 13.18 0.36
CA VAL A 359 -42.37 13.36 -0.84
C VAL A 359 -41.64 12.80 -2.08
N ARG A 360 -40.39 13.21 -2.28
CA ARG A 360 -39.53 12.81 -3.39
C ARG A 360 -39.41 11.31 -3.44
N THR A 361 -39.10 10.68 -2.31
CA THR A 361 -38.92 9.22 -2.12
C THR A 361 -40.23 8.47 -2.29
N SER A 362 -41.38 9.10 -1.98
CA SER A 362 -42.70 8.46 -2.16
C SER A 362 -42.95 8.22 -3.66
N LEU A 363 -42.76 9.28 -4.48
CA LEU A 363 -42.96 9.25 -5.91
C LEU A 363 -42.01 8.23 -6.58
N GLN A 364 -40.73 8.25 -6.16
CA GLN A 364 -39.68 7.36 -6.65
C GLN A 364 -39.95 5.89 -6.28
N ALA A 365 -40.47 5.63 -5.06
CA ALA A 365 -40.88 4.31 -4.64
C ALA A 365 -42.02 3.83 -5.54
N LEU A 366 -43.01 4.70 -5.82
CA LEU A 366 -44.15 4.40 -6.68
C LEU A 366 -43.72 4.03 -8.11
N SER A 367 -42.76 4.79 -8.70
CA SER A 367 -42.18 4.53 -10.02
C SER A 367 -41.55 3.11 -10.04
N ALA A 368 -40.88 2.70 -8.96
CA ALA A 368 -40.26 1.38 -8.85
C ALA A 368 -41.29 0.24 -8.86
N VAL A 369 -42.43 0.45 -8.15
CA VAL A 369 -43.55 -0.48 -8.01
C VAL A 369 -44.29 -0.60 -9.36
N LEU A 370 -44.54 0.55 -10.03
CA LEU A 370 -45.21 0.61 -11.33
C LEU A 370 -44.26 0.05 -12.39
N GLY A 371 -42.96 0.16 -12.12
CA GLY A 371 -41.86 -0.36 -12.93
C GLY A 371 -41.60 -1.86 -12.76
N GLY A 372 -42.20 -2.48 -11.74
CA GLY A 372 -42.13 -3.92 -11.52
C GLY A 372 -40.86 -4.45 -10.85
N ALA A 373 -40.29 -3.67 -9.90
CA ALA A 373 -39.10 -4.02 -9.12
C ALA A 373 -39.40 -5.23 -8.21
N GLN A 374 -38.36 -6.07 -7.96
CA GLN A 374 -38.44 -7.31 -7.15
C GLN A 374 -38.07 -7.04 -5.73
N SER A 375 -37.27 -5.99 -5.54
CA SER A 375 -36.72 -5.56 -4.28
C SER A 375 -36.57 -4.04 -4.31
N LEU A 376 -36.80 -3.39 -3.15
CA LEU A 376 -36.72 -1.95 -3.05
C LEU A 376 -36.17 -1.43 -1.77
N HIS A 377 -35.22 -0.48 -1.88
CA HIS A 377 -34.71 0.31 -0.78
C HIS A 377 -35.24 1.74 -1.04
N THR A 378 -35.92 2.31 -0.03
CA THR A 378 -36.33 3.70 -0.03
C THR A 378 -35.32 4.46 0.83
N ASN A 379 -34.86 5.64 0.35
CA ASN A 379 -33.88 6.41 1.12
C ASN A 379 -34.51 7.10 2.30
N GLY A 380 -33.68 7.48 3.29
CA GLY A 380 -34.08 8.22 4.47
C GLY A 380 -34.11 9.71 4.14
N TYR A 381 -34.95 10.49 4.90
CA TYR A 381 -35.06 11.92 4.72
C TYR A 381 -33.76 12.64 5.06
N ASP A 382 -32.86 11.95 5.80
CA ASP A 382 -31.55 12.42 6.24
C ASP A 382 -30.39 12.06 5.27
N GLU A 383 -30.73 11.69 4.02
CA GLU A 383 -29.78 11.29 2.99
C GLU A 383 -28.60 12.24 2.77
N ALA A 384 -28.85 13.55 2.72
CA ALA A 384 -27.78 14.52 2.46
C ALA A 384 -26.90 14.87 3.69
N PHE A 385 -27.23 14.34 4.85
CA PHE A 385 -26.48 14.57 6.09
C PHE A 385 -25.55 13.41 6.46
N ALA A 386 -26.11 12.21 6.68
CA ALA A 386 -25.35 11.05 7.20
C ALA A 386 -26.06 9.74 6.92
N ILE A 387 -25.37 8.61 7.26
CA ILE A 387 -25.99 7.27 7.19
C ILE A 387 -27.26 7.29 8.09
N PRO A 388 -28.34 6.61 7.70
CA PRO A 388 -29.62 6.81 8.42
C PRO A 388 -29.80 6.42 9.88
N THR A 389 -30.75 7.13 10.50
CA THR A 389 -31.22 6.86 11.84
C THR A 389 -32.32 5.80 11.73
N GLU A 390 -32.71 5.26 12.86
CA GLU A 390 -33.79 4.31 12.95
C GLU A 390 -35.09 4.93 12.45
N ASP A 391 -35.43 6.14 12.91
CA ASP A 391 -36.65 6.87 12.51
C ASP A 391 -36.75 7.11 11.01
N ALA A 392 -35.64 7.49 10.38
CA ALA A 392 -35.52 7.75 8.95
C ALA A 392 -35.79 6.45 8.17
N MET A 393 -35.20 5.32 8.61
CA MET A 393 -35.44 4.02 8.00
C MET A 393 -36.84 3.53 8.20
N LYS A 394 -37.40 3.77 9.39
CA LYS A 394 -38.80 3.44 9.75
C LYS A 394 -39.74 4.16 8.77
N MET A 395 -39.51 5.48 8.49
CA MET A 395 -40.32 6.29 7.58
C MET A 395 -40.22 5.74 6.14
N ALA A 396 -39.00 5.29 5.74
CA ALA A 396 -38.74 4.70 4.43
C ALA A 396 -39.52 3.40 4.28
N LEU A 397 -39.64 2.60 5.34
CA LEU A 397 -40.43 1.36 5.32
C LEU A 397 -41.94 1.68 5.29
N ARG A 398 -42.42 2.68 6.07
CA ARG A 398 -43.84 3.07 6.09
C ARG A 398 -44.30 3.53 4.71
N THR A 399 -43.38 4.19 3.98
CA THR A 399 -43.59 4.68 2.60
C THR A 399 -43.94 3.48 1.71
N GLN A 400 -43.13 2.42 1.77
CA GLN A 400 -43.30 1.21 0.98
C GLN A 400 -44.62 0.51 1.34
N GLN A 401 -44.87 0.34 2.64
CA GLN A 401 -46.05 -0.30 3.25
C GLN A 401 -47.36 0.42 2.90
N ILE A 402 -47.35 1.77 2.76
CA ILE A 402 -48.50 2.56 2.33
C ILE A 402 -48.81 2.29 0.85
N ILE A 403 -47.76 2.26 -0.01
CA ILE A 403 -47.89 1.98 -1.44
C ILE A 403 -48.41 0.56 -1.62
N ALA A 404 -47.86 -0.39 -0.87
CA ALA A 404 -48.25 -1.80 -0.95
C ALA A 404 -49.63 -2.08 -0.45
N GLU A 405 -49.99 -1.49 0.71
CA GLU A 405 -51.25 -1.83 1.35
C GLU A 405 -52.40 -0.83 1.20
N GLU A 406 -52.11 0.45 1.03
CA GLU A 406 -53.18 1.44 0.99
C GLU A 406 -53.56 2.01 -0.37
N SER A 407 -52.58 2.05 -1.30
CA SER A 407 -52.75 2.66 -2.63
C SER A 407 -53.51 1.80 -3.68
N GLY A 408 -53.49 0.48 -3.52
CA GLY A 408 -54.11 -0.49 -4.43
C GLY A 408 -53.27 -0.83 -5.66
N VAL A 409 -52.13 -0.12 -5.91
CA VAL A 409 -51.26 -0.31 -7.08
C VAL A 409 -50.69 -1.72 -7.22
N ALA A 410 -50.73 -2.51 -6.12
CA ALA A 410 -50.18 -3.85 -6.07
C ALA A 410 -51.14 -4.89 -6.62
N ASP A 411 -52.42 -4.52 -6.84
CA ASP A 411 -53.45 -5.49 -7.25
C ASP A 411 -53.69 -5.70 -8.74
N VAL A 412 -53.15 -4.81 -9.60
CA VAL A 412 -53.27 -4.92 -11.06
C VAL A 412 -51.85 -4.91 -11.59
N ILE A 413 -51.48 -5.93 -12.40
CA ILE A 413 -50.12 -6.04 -12.95
C ILE A 413 -49.91 -5.10 -14.12
N ASP A 414 -48.75 -4.39 -14.11
CA ASP A 414 -48.33 -3.40 -15.12
C ASP A 414 -49.52 -2.46 -15.44
N PRO A 415 -50.01 -1.71 -14.42
CA PRO A 415 -51.21 -0.86 -14.62
C PRO A 415 -51.04 0.21 -15.69
N LEU A 416 -49.77 0.62 -15.93
CA LEU A 416 -49.44 1.63 -16.94
C LEU A 416 -49.37 1.03 -18.35
N GLY A 417 -49.50 -0.29 -18.47
CA GLY A 417 -49.48 -0.95 -19.76
C GLY A 417 -50.55 -0.41 -20.67
N GLY A 418 -50.17 -0.07 -21.89
CA GLY A 418 -51.10 0.48 -22.86
C GLY A 418 -51.07 1.99 -22.97
N SER A 419 -50.62 2.69 -21.90
CA SER A 419 -50.50 4.15 -21.85
C SER A 419 -49.75 4.59 -23.10
N TYR A 420 -50.38 5.47 -23.89
CA TYR A 420 -49.77 5.94 -25.13
C TYR A 420 -48.37 6.53 -24.91
N TYR A 421 -48.22 7.34 -23.86
CA TYR A 421 -46.96 7.98 -23.49
C TYR A 421 -45.94 6.96 -23.00
N VAL A 422 -46.31 6.14 -21.98
CA VAL A 422 -45.39 5.17 -21.39
C VAL A 422 -44.96 4.16 -22.45
N GLU A 423 -45.90 3.71 -23.30
CA GLU A 423 -45.58 2.77 -24.39
C GLU A 423 -44.63 3.33 -25.45
N ALA A 424 -44.83 4.60 -25.86
CA ALA A 424 -43.98 5.31 -26.83
C ALA A 424 -42.60 5.55 -26.24
N LEU A 425 -42.53 5.98 -24.97
CA LEU A 425 -41.28 6.21 -24.26
C LEU A 425 -40.51 4.90 -24.03
N THR A 426 -41.24 3.79 -23.65
CA THR A 426 -40.64 2.45 -23.48
C THR A 426 -39.96 2.06 -24.81
N THR A 427 -40.67 2.29 -25.95
CA THR A 427 -40.16 1.97 -27.28
C THR A 427 -38.95 2.84 -27.70
N GLU A 428 -38.97 4.13 -27.33
CA GLU A 428 -37.91 5.11 -27.60
C GLU A 428 -36.65 4.69 -26.84
N TYR A 429 -36.80 4.34 -25.54
CA TYR A 429 -35.69 3.84 -24.74
C TYR A 429 -35.03 2.58 -25.34
N GLU A 430 -35.85 1.58 -25.76
CA GLU A 430 -35.43 0.33 -26.39
C GLU A 430 -34.49 0.58 -27.59
N LYS A 431 -34.96 1.36 -28.57
CA LYS A 431 -34.23 1.73 -29.78
C LYS A 431 -32.94 2.48 -29.44
N LYS A 432 -33.01 3.48 -28.53
CA LYS A 432 -31.85 4.28 -28.12
C LYS A 432 -30.84 3.44 -27.38
N ILE A 433 -31.31 2.45 -26.58
CA ILE A 433 -30.45 1.48 -25.86
C ILE A 433 -29.71 0.60 -26.87
N PHE A 434 -30.44 0.00 -27.84
CA PHE A 434 -29.82 -0.87 -28.84
C PHE A 434 -28.77 -0.17 -29.69
N GLU A 435 -29.05 1.09 -30.05
CA GLU A 435 -28.22 2.04 -30.78
C GLU A 435 -26.90 2.26 -30.01
N ILE A 436 -26.94 2.41 -28.66
CA ILE A 436 -25.75 2.57 -27.82
C ILE A 436 -24.94 1.27 -27.75
N LEU A 437 -25.63 0.15 -27.48
CA LEU A 437 -25.06 -1.20 -27.41
C LEU A 437 -24.30 -1.58 -28.70
N GLU A 438 -24.80 -1.10 -29.84
CA GLU A 438 -24.25 -1.28 -31.16
C GLU A 438 -22.94 -0.50 -31.30
N GLU A 439 -22.89 0.76 -30.81
CA GLU A 439 -21.71 1.63 -30.85
C GLU A 439 -20.60 1.06 -29.99
N VAL A 440 -20.94 0.55 -28.81
CA VAL A 440 -20.00 -0.09 -27.87
C VAL A 440 -19.27 -1.25 -28.59
N GLU A 441 -20.04 -2.09 -29.30
CA GLU A 441 -19.51 -3.21 -30.05
C GLU A 441 -18.62 -2.72 -31.22
N LYS A 442 -19.10 -1.73 -31.99
CA LYS A 442 -18.38 -1.10 -33.09
C LYS A 442 -17.08 -0.46 -32.62
N ARG A 443 -17.07 0.10 -31.40
CA ARG A 443 -15.90 0.77 -30.84
C ARG A 443 -14.89 -0.19 -30.17
N GLY A 444 -15.21 -1.49 -30.17
CA GLY A 444 -14.31 -2.50 -29.63
C GLY A 444 -14.65 -3.16 -28.31
N GLY A 445 -15.88 -2.99 -27.84
CA GLY A 445 -16.28 -3.63 -26.60
C GLY A 445 -16.16 -2.78 -25.35
N THR A 446 -16.74 -3.29 -24.27
CA THR A 446 -16.85 -2.66 -22.97
C THR A 446 -15.51 -2.38 -22.37
N ILE A 447 -14.68 -3.43 -22.17
CA ILE A 447 -13.36 -3.34 -21.55
C ILE A 447 -12.46 -2.30 -22.20
N LYS A 448 -12.39 -2.30 -23.55
CA LYS A 448 -11.59 -1.31 -24.31
C LYS A 448 -12.07 0.12 -24.09
N LEU A 449 -13.40 0.34 -24.09
CA LEU A 449 -14.04 1.63 -23.87
C LEU A 449 -13.88 2.10 -22.43
N ILE A 450 -13.80 1.16 -21.47
CA ILE A 450 -13.55 1.44 -20.05
C ILE A 450 -12.10 1.88 -19.96
N GLU A 451 -11.18 1.18 -20.68
CA GLU A 451 -9.77 1.54 -20.75
C GLU A 451 -9.55 2.91 -21.44
N GLN A 452 -10.43 3.29 -22.39
CA GLN A 452 -10.36 4.58 -23.10
C GLN A 452 -11.07 5.70 -22.28
N GLY A 453 -11.78 5.31 -21.20
CA GLY A 453 -12.56 6.19 -20.34
C GLY A 453 -13.79 6.78 -21.01
N TRP A 454 -14.30 6.08 -22.04
CA TRP A 454 -15.44 6.49 -22.87
C TRP A 454 -16.77 6.61 -22.12
N PHE A 455 -17.10 5.60 -21.29
CA PHE A 455 -18.33 5.55 -20.49
C PHE A 455 -18.33 6.67 -19.50
N GLN A 456 -17.23 6.77 -18.76
CA GLN A 456 -16.93 7.74 -17.70
C GLN A 456 -16.99 9.18 -18.24
N LYS A 457 -16.54 9.43 -19.48
CA LYS A 457 -16.57 10.77 -20.06
C LYS A 457 -17.99 11.17 -20.39
N GLN A 458 -18.82 10.20 -20.80
CA GLN A 458 -20.21 10.45 -21.11
C GLN A 458 -21.00 10.77 -19.86
N ILE A 459 -20.77 10.00 -18.77
CA ILE A 459 -21.38 10.18 -17.45
C ILE A 459 -21.03 11.60 -16.95
N ALA A 460 -19.72 11.96 -16.99
CA ALA A 460 -19.18 13.24 -16.53
C ALA A 460 -19.79 14.45 -17.24
N ASP A 461 -20.12 14.29 -18.53
CA ASP A 461 -20.75 15.34 -19.31
C ASP A 461 -22.17 15.57 -18.83
N PHE A 462 -22.92 14.49 -18.55
CA PHE A 462 -24.29 14.64 -18.08
C PHE A 462 -24.30 15.29 -16.68
N ALA A 463 -23.44 14.79 -15.76
CA ALA A 463 -23.22 15.28 -14.39
C ALA A 463 -22.94 16.79 -14.40
N TYR A 464 -22.09 17.27 -15.35
CA TYR A 464 -21.73 18.68 -15.47
C TYR A 464 -22.89 19.53 -16.01
N GLU A 465 -23.62 19.01 -17.01
CA GLU A 465 -24.80 19.69 -17.54
C GLU A 465 -25.90 19.79 -16.46
N THR A 466 -26.03 18.74 -15.61
CA THR A 466 -26.97 18.74 -14.49
C THR A 466 -26.60 19.87 -13.51
N ALA A 467 -25.29 20.00 -13.17
CA ALA A 467 -24.77 21.01 -12.26
C ALA A 467 -25.03 22.42 -12.81
N LEU A 468 -24.78 22.62 -14.11
CA LEU A 468 -25.04 23.91 -14.76
C LEU A 468 -26.54 24.23 -14.80
N ARG A 469 -27.42 23.20 -15.00
CA ARG A 469 -28.88 23.38 -15.05
C ARG A 469 -29.45 23.76 -13.69
N LYS A 470 -28.86 23.23 -12.60
CA LYS A 470 -29.17 23.53 -11.21
C LYS A 470 -28.75 24.98 -10.88
N GLN A 471 -27.60 25.37 -11.39
CA GLN A 471 -27.03 26.69 -11.19
C GLN A 471 -27.91 27.76 -11.85
N SER A 472 -28.25 27.60 -13.15
CA SER A 472 -29.12 28.52 -13.88
C SER A 472 -30.56 28.51 -13.38
N GLY A 473 -30.97 27.41 -12.75
CA GLY A 473 -32.33 27.25 -12.28
C GLY A 473 -33.24 26.62 -13.34
N GLN A 474 -32.63 26.18 -14.46
CA GLN A 474 -33.27 25.47 -15.57
C GLN A 474 -33.80 24.09 -15.05
N LYS A 475 -33.08 23.48 -14.09
CA LYS A 475 -33.53 22.24 -13.45
C LYS A 475 -33.98 22.64 -12.05
N PRO A 476 -35.30 22.61 -11.79
CA PRO A 476 -35.79 23.01 -10.47
C PRO A 476 -35.44 22.00 -9.40
N VAL A 477 -34.88 22.52 -8.29
CA VAL A 477 -34.54 21.73 -7.11
C VAL A 477 -35.11 22.51 -5.91
N ILE A 478 -36.28 22.05 -5.42
CA ILE A 478 -36.99 22.66 -4.29
C ILE A 478 -36.07 22.69 -3.04
N GLY A 479 -35.94 23.86 -2.44
CA GLY A 479 -35.10 24.08 -1.26
C GLY A 479 -33.72 24.57 -1.63
N VAL A 480 -33.30 24.33 -2.89
CA VAL A 480 -31.97 24.66 -3.41
C VAL A 480 -31.96 25.91 -4.35
N ASN A 481 -32.87 25.95 -5.34
CA ASN A 481 -32.96 27.04 -6.31
C ASN A 481 -34.39 27.53 -6.50
N ARG A 482 -35.29 27.02 -5.67
CA ARG A 482 -36.72 27.20 -5.67
C ARG A 482 -37.21 27.12 -4.25
N PHE A 483 -38.04 28.10 -3.85
CA PHE A 483 -38.65 28.21 -2.53
C PHE A 483 -37.60 28.09 -1.44
N VAL A 484 -36.43 28.73 -1.68
CA VAL A 484 -35.27 28.74 -0.80
C VAL A 484 -35.68 29.49 0.47
N GLU A 485 -35.31 28.94 1.64
CA GLU A 485 -35.63 29.46 2.97
C GLU A 485 -34.38 29.72 3.77
N ASN A 486 -34.40 30.69 4.68
CA ASN A 486 -33.26 30.87 5.58
C ASN A 486 -33.64 30.22 6.95
N GLU A 487 -33.70 28.83 6.95
CA GLU A 487 -34.01 27.96 8.08
C GLU A 487 -32.91 28.08 9.15
N GLU A 488 -33.25 28.63 10.30
CA GLU A 488 -32.27 28.82 11.39
C GLU A 488 -32.44 27.75 12.48
N ASP A 489 -33.65 27.18 12.55
CA ASP A 489 -34.07 26.20 13.54
C ASP A 489 -34.04 24.78 12.94
N VAL A 490 -32.89 24.38 12.32
CA VAL A 490 -32.80 23.02 11.78
C VAL A 490 -32.48 22.00 12.89
N LYS A 491 -33.46 21.17 13.21
CA LYS A 491 -33.35 20.13 14.21
C LYS A 491 -33.38 18.80 13.46
N ILE A 492 -32.29 18.08 13.53
CA ILE A 492 -32.16 16.77 12.90
C ILE A 492 -31.31 15.88 13.78
N GLU A 493 -31.83 14.68 14.06
CA GLU A 493 -31.09 13.67 14.80
C GLU A 493 -30.13 13.03 13.77
N ILE A 494 -28.83 12.99 14.10
CA ILE A 494 -27.85 12.40 13.20
C ILE A 494 -27.31 11.11 13.77
N HIS A 495 -27.19 10.07 12.92
CA HIS A 495 -26.58 8.81 13.33
C HIS A 495 -25.10 9.04 13.70
N PRO A 496 -24.67 8.68 14.94
CA PRO A 496 -23.28 8.94 15.33
C PRO A 496 -22.34 7.77 15.09
N TYR A 497 -21.07 8.11 14.95
CA TYR A 497 -19.98 7.17 14.84
C TYR A 497 -19.50 6.87 16.26
N ASP A 498 -19.37 5.58 16.58
CA ASP A 498 -18.87 5.09 17.87
C ASP A 498 -17.34 5.06 17.73
N ASN A 499 -16.64 5.90 18.50
CA ASN A 499 -15.18 5.98 18.45
C ASN A 499 -14.40 4.76 19.01
N THR A 500 -15.11 3.74 19.52
CA THR A 500 -14.50 2.50 20.04
C THR A 500 -14.49 1.42 18.96
N THR A 501 -15.17 1.67 17.82
CA THR A 501 -15.29 0.76 16.67
C THR A 501 -13.92 0.22 16.27
N ALA A 502 -12.92 1.11 15.94
CA ALA A 502 -11.59 0.63 15.52
C ALA A 502 -10.96 -0.31 16.56
N GLU A 503 -10.84 0.13 17.83
CA GLU A 503 -10.29 -0.67 18.94
C GLU A 503 -10.98 -2.05 19.04
N ARG A 504 -12.34 -2.06 19.04
CA ARG A 504 -13.18 -3.25 19.14
C ARG A 504 -12.96 -4.25 17.98
N GLN A 505 -12.92 -3.72 16.76
CA GLN A 505 -12.73 -4.46 15.52
C GLN A 505 -11.34 -5.07 15.40
N ILE A 506 -10.26 -4.29 15.65
CA ILE A 506 -8.86 -4.79 15.59
C ILE A 506 -8.65 -5.93 16.60
N SER A 507 -9.21 -5.77 17.82
CA SER A 507 -9.16 -6.75 18.91
C SER A 507 -9.53 -8.13 18.41
N ARG A 508 -10.67 -8.24 17.67
CA ARG A 508 -11.18 -9.49 17.10
C ARG A 508 -10.31 -10.00 15.96
N THR A 509 -9.89 -9.11 15.02
CA THR A 509 -9.04 -9.46 13.88
C THR A 509 -7.72 -10.04 14.38
N ARG A 510 -7.09 -9.38 15.41
CA ARG A 510 -5.82 -9.79 16.03
C ARG A 510 -5.92 -11.18 16.67
N ARG A 511 -7.09 -11.44 17.33
CA ARG A 511 -7.43 -12.66 18.03
C ARG A 511 -7.56 -13.81 17.02
N VAL A 512 -8.31 -13.59 15.93
CA VAL A 512 -8.54 -14.57 14.85
C VAL A 512 -7.19 -15.03 14.27
N ARG A 513 -6.29 -14.06 13.97
CA ARG A 513 -4.94 -14.33 13.49
C ARG A 513 -4.10 -15.10 14.52
N ALA A 514 -4.25 -14.78 15.81
CA ALA A 514 -3.49 -15.43 16.91
C ALA A 514 -3.92 -16.91 17.12
N GLU A 515 -5.25 -17.16 17.20
CA GLU A 515 -5.91 -18.46 17.43
C GLU A 515 -5.77 -19.46 16.28
N ARG A 516 -5.52 -18.97 15.05
CA ARG A 516 -5.45 -19.82 13.87
C ARG A 516 -4.14 -20.61 13.71
N ASP A 517 -4.19 -21.64 12.83
CA ASP A 517 -3.05 -22.46 12.42
C ASP A 517 -2.36 -21.68 11.32
N GLU A 518 -1.34 -20.88 11.69
CA GLU A 518 -0.59 -20.00 10.79
C GLU A 518 0.03 -20.73 9.58
N ALA A 519 0.70 -21.87 9.84
CA ALA A 519 1.34 -22.72 8.83
C ALA A 519 0.35 -23.18 7.77
N LYS A 520 -0.84 -23.71 8.17
CA LYS A 520 -1.90 -24.20 7.29
C LYS A 520 -2.52 -23.06 6.45
N VAL A 521 -2.76 -21.88 7.08
CA VAL A 521 -3.29 -20.71 6.40
C VAL A 521 -2.28 -20.19 5.34
N GLN A 522 -1.00 -20.08 5.72
CA GLN A 522 0.05 -19.62 4.79
C GLN A 522 0.22 -20.52 3.58
N ALA A 523 0.14 -21.85 3.81
CA ALA A 523 0.21 -22.88 2.77
C ALA A 523 -0.99 -22.79 1.81
N MET A 524 -2.20 -22.55 2.37
CA MET A 524 -3.43 -22.41 1.61
C MET A 524 -3.40 -21.12 0.76
N LEU A 525 -2.69 -20.07 1.23
CA LEU A 525 -2.53 -18.83 0.46
C LEU A 525 -1.63 -19.09 -0.76
N ASP A 526 -0.59 -19.94 -0.57
CA ASP A 526 0.32 -20.33 -1.64
C ASP A 526 -0.44 -21.19 -2.66
N GLN A 527 -1.42 -21.98 -2.18
CA GLN A 527 -2.26 -22.80 -3.07
C GLN A 527 -3.17 -21.85 -3.86
N LEU A 528 -3.68 -20.79 -3.22
CA LEU A 528 -4.55 -19.81 -3.87
C LEU A 528 -3.88 -19.11 -5.09
N VAL A 529 -2.60 -18.73 -4.95
CA VAL A 529 -1.79 -18.13 -6.02
C VAL A 529 -1.75 -19.12 -7.24
N ALA A 530 -1.54 -20.42 -6.97
CA ALA A 530 -1.48 -21.47 -7.99
C ALA A 530 -2.83 -21.63 -8.73
N VAL A 531 -3.95 -21.51 -7.98
CA VAL A 531 -5.32 -21.59 -8.50
C VAL A 531 -5.57 -20.31 -9.32
N ALA A 532 -5.11 -19.13 -8.83
CA ALA A 532 -5.26 -17.84 -9.51
C ALA A 532 -4.41 -17.80 -10.79
N LYS A 533 -3.24 -18.49 -10.80
CA LYS A 533 -2.35 -18.56 -11.96
C LYS A 533 -2.96 -19.36 -13.11
N ASP A 534 -3.98 -20.19 -12.81
CA ASP A 534 -4.70 -20.96 -13.83
C ASP A 534 -6.05 -20.29 -14.03
N GLU A 535 -6.21 -19.56 -15.18
CA GLU A 535 -7.43 -18.80 -15.53
C GLU A 535 -8.69 -19.69 -15.66
N SER A 536 -8.51 -20.99 -15.89
CA SER A 536 -9.60 -21.95 -16.04
C SER A 536 -10.17 -22.48 -14.70
N GLN A 537 -9.36 -22.43 -13.63
CA GLN A 537 -9.73 -22.90 -12.29
C GLN A 537 -10.60 -21.89 -11.55
N ASN A 538 -11.47 -22.35 -10.61
CA ASN A 538 -12.33 -21.48 -9.82
C ASN A 538 -11.68 -21.17 -8.46
N LEU A 539 -11.70 -19.88 -8.05
CA LEU A 539 -11.11 -19.39 -6.80
C LEU A 539 -11.95 -19.67 -5.58
N MET A 540 -13.25 -19.90 -5.77
CA MET A 540 -14.22 -20.10 -4.69
C MET A 540 -13.94 -21.22 -3.68
N PRO A 541 -13.75 -22.50 -4.09
CA PRO A 541 -13.51 -23.57 -3.10
C PRO A 541 -12.42 -23.32 -2.07
N LEU A 542 -11.25 -22.83 -2.52
CA LEU A 542 -10.11 -22.57 -1.65
C LEU A 542 -10.28 -21.35 -0.77
N THR A 543 -11.00 -20.30 -1.26
CA THR A 543 -11.29 -19.10 -0.47
C THR A 543 -12.23 -19.50 0.68
N ILE A 544 -13.17 -20.47 0.45
CA ILE A 544 -14.06 -21.02 1.49
C ILE A 544 -13.21 -21.70 2.57
N GLU A 545 -12.19 -22.50 2.19
CA GLU A 545 -11.29 -23.16 3.15
C GLU A 545 -10.44 -22.17 3.93
N LEU A 546 -9.97 -21.12 3.25
CA LEU A 546 -9.17 -20.05 3.82
C LEU A 546 -9.89 -19.29 4.94
N VAL A 547 -11.06 -18.69 4.64
CA VAL A 547 -11.91 -17.97 5.62
C VAL A 547 -12.24 -18.84 6.86
N LYS A 548 -12.54 -20.15 6.63
CA LYS A 548 -12.80 -21.16 7.65
C LYS A 548 -11.59 -21.30 8.55
N ALA A 549 -10.39 -21.38 7.93
CA ALA A 549 -9.12 -21.58 8.61
C ALA A 549 -8.65 -20.38 9.47
N GLY A 550 -9.33 -19.26 9.33
CA GLY A 550 -9.02 -18.04 10.07
C GLY A 550 -8.32 -16.94 9.26
N ALA A 551 -8.30 -17.08 7.91
CA ALA A 551 -7.70 -16.07 7.04
C ALA A 551 -8.56 -14.82 7.04
N THR A 552 -7.92 -13.67 6.97
CA THR A 552 -8.60 -12.38 6.90
C THR A 552 -8.73 -12.02 5.43
N MET A 553 -9.57 -11.03 5.11
CA MET A 553 -9.76 -10.54 3.75
C MET A 553 -8.41 -10.01 3.21
N GLY A 554 -7.71 -9.24 4.06
CA GLY A 554 -6.38 -8.68 3.80
C GLY A 554 -5.36 -9.72 3.45
N ASP A 555 -5.36 -10.87 4.17
CA ASP A 555 -4.42 -11.98 3.91
C ASP A 555 -4.58 -12.46 2.44
N ILE A 556 -5.86 -12.71 2.04
CA ILE A 556 -6.31 -13.16 0.73
C ILE A 556 -6.03 -12.13 -0.35
N VAL A 557 -6.49 -10.87 -0.13
CA VAL A 557 -6.32 -9.73 -1.04
C VAL A 557 -4.85 -9.41 -1.32
N GLU A 558 -4.02 -9.30 -0.25
CA GLU A 558 -2.58 -8.97 -0.37
C GLU A 558 -1.80 -10.00 -1.11
N LYS A 559 -2.05 -11.31 -0.81
CA LYS A 559 -1.39 -12.43 -1.47
C LYS A 559 -1.58 -12.36 -3.00
N LEU A 560 -2.83 -12.07 -3.45
CA LEU A 560 -3.18 -11.99 -4.87
C LEU A 560 -2.64 -10.75 -5.60
N LYS A 561 -2.36 -9.65 -4.86
CA LYS A 561 -1.75 -8.42 -5.40
C LYS A 561 -0.31 -8.71 -5.93
N GLY A 562 0.38 -9.66 -5.28
CA GLY A 562 1.72 -10.12 -5.66
C GLY A 562 1.83 -10.71 -7.05
N ILE A 563 0.74 -11.33 -7.57
CA ILE A 563 0.72 -11.90 -8.93
C ILE A 563 -0.08 -11.03 -9.94
N TRP A 564 -1.06 -10.25 -9.46
CA TRP A 564 -1.95 -9.44 -10.28
C TRP A 564 -1.68 -7.94 -10.33
N GLY A 565 -1.10 -7.41 -9.25
CA GLY A 565 -0.85 -5.98 -9.15
C GLY A 565 -2.11 -5.26 -8.74
N THR A 566 -2.12 -3.94 -8.90
CA THR A 566 -3.29 -3.13 -8.55
C THR A 566 -3.66 -2.25 -9.71
N TYR A 567 -4.92 -1.81 -9.73
CA TYR A 567 -5.43 -0.93 -10.79
C TYR A 567 -5.38 0.53 -10.29
N ARG A 568 -5.18 1.47 -11.24
CA ARG A 568 -5.26 2.93 -11.06
C ARG A 568 -5.67 3.55 -12.40
N GLU A 569 -6.52 4.62 -12.38
CA GLU A 569 -6.96 5.33 -13.58
C GLU A 569 -5.84 6.25 -14.08
N THR B 13 22.36 -26.48 -24.76
CA THR B 13 22.64 -27.67 -23.95
C THR B 13 24.09 -28.12 -24.13
N TRP B 14 24.81 -28.30 -23.00
CA TRP B 14 26.23 -28.69 -22.98
C TRP B 14 26.44 -30.15 -22.60
N LEU B 15 25.51 -30.69 -21.83
CA LEU B 15 25.58 -32.06 -21.36
C LEU B 15 24.90 -32.97 -22.38
N GLU B 16 25.66 -33.99 -22.82
CA GLU B 16 25.23 -35.01 -23.78
C GLU B 16 24.04 -35.74 -23.16
N PRO B 17 22.85 -35.75 -23.82
CA PRO B 17 21.67 -36.38 -23.21
C PRO B 17 21.84 -37.87 -22.89
N GLN B 18 22.82 -38.54 -23.56
CA GLN B 18 23.17 -39.94 -23.34
C GLN B 18 23.70 -40.05 -21.91
N ILE B 19 24.56 -39.10 -21.56
CA ILE B 19 25.20 -39.00 -20.24
C ILE B 19 24.22 -38.50 -19.15
N LYS B 20 23.37 -37.48 -19.45
CA LYS B 20 22.35 -36.95 -18.50
C LYS B 20 21.41 -38.07 -18.04
N SER B 21 21.03 -38.95 -18.99
CA SER B 21 20.16 -40.11 -18.78
C SER B 21 20.87 -41.10 -17.89
N GLN B 22 22.15 -41.41 -18.17
CA GLN B 22 22.99 -42.30 -17.39
C GLN B 22 23.07 -41.81 -15.94
N LEU B 23 23.38 -40.52 -15.75
CA LEU B 23 23.49 -39.88 -14.43
C LEU B 23 22.22 -40.04 -13.61
N GLN B 24 21.05 -39.71 -14.21
CA GLN B 24 19.73 -39.77 -13.56
C GLN B 24 19.32 -41.21 -13.24
N SER B 25 19.69 -42.17 -14.10
CA SER B 25 19.39 -43.58 -13.92
C SER B 25 20.26 -44.14 -12.79
N GLU B 26 21.57 -43.81 -12.82
CA GLU B 26 22.56 -44.22 -11.83
C GLU B 26 22.23 -43.73 -10.43
N ARG B 27 21.75 -42.47 -10.30
CA ARG B 27 21.40 -41.89 -9.01
C ARG B 27 20.19 -42.58 -8.39
N LYS B 28 19.13 -42.85 -9.21
CA LYS B 28 17.92 -43.55 -8.78
C LYS B 28 18.29 -44.95 -8.25
N ASP B 29 19.30 -45.59 -8.87
CA ASP B 29 19.85 -46.89 -8.47
C ASP B 29 20.54 -46.78 -7.10
N TRP B 30 21.47 -45.84 -6.99
CA TRP B 30 22.27 -45.51 -5.82
C TRP B 30 21.38 -45.13 -4.61
N GLU B 31 20.24 -44.44 -4.88
CA GLU B 31 19.24 -44.04 -3.90
C GLU B 31 18.52 -45.27 -3.33
N ALA B 32 18.22 -46.24 -4.21
CA ALA B 32 17.54 -47.47 -3.85
C ALA B 32 18.45 -48.43 -3.11
N ASN B 33 19.70 -48.59 -3.59
CA ASN B 33 20.69 -49.51 -3.06
C ASN B 33 21.61 -48.97 -1.96
N GLU B 34 22.84 -48.46 -2.30
CA GLU B 34 23.84 -47.93 -1.34
C GLU B 34 23.26 -46.99 -0.27
N VAL B 35 22.45 -45.98 -0.70
CA VAL B 35 21.85 -45.00 0.20
C VAL B 35 20.89 -45.70 1.16
N GLY B 36 19.98 -46.48 0.59
CA GLY B 36 18.96 -47.23 1.32
C GLY B 36 19.52 -48.09 2.41
N ALA B 37 20.52 -48.91 2.07
CA ALA B 37 21.22 -49.81 2.98
C ALA B 37 21.82 -49.05 4.17
N PHE B 38 22.46 -47.89 3.90
CA PHE B 38 23.10 -47.01 4.87
C PHE B 38 22.09 -46.32 5.77
N LEU B 39 20.98 -45.82 5.18
CA LEU B 39 19.90 -45.17 5.95
C LEU B 39 19.28 -46.15 6.97
N LYS B 40 19.33 -47.47 6.68
CA LYS B 40 18.87 -48.52 7.59
C LYS B 40 19.87 -48.61 8.78
N LYS B 41 21.20 -48.74 8.47
CA LYS B 41 22.33 -48.81 9.42
C LYS B 41 22.30 -47.60 10.34
N ALA B 42 22.19 -46.39 9.74
CA ALA B 42 22.22 -45.09 10.40
C ALA B 42 21.51 -44.02 9.53
N PRO B 43 20.30 -43.58 9.92
CA PRO B 43 19.62 -42.54 9.11
C PRO B 43 20.28 -41.18 9.21
N GLU B 44 19.92 -40.27 8.30
CA GLU B 44 20.45 -38.92 8.30
C GLU B 44 19.87 -38.09 9.44
N ARG B 45 20.54 -36.98 9.80
CA ARG B 45 20.14 -36.12 10.92
C ARG B 45 18.78 -35.47 10.74
N LYS B 46 18.42 -35.18 9.48
CA LYS B 46 17.17 -34.53 9.10
C LYS B 46 16.50 -35.32 7.93
N GLU B 47 15.19 -35.07 7.74
CA GLU B 47 14.40 -35.69 6.66
C GLU B 47 14.61 -34.92 5.36
N GLN B 48 14.95 -33.62 5.49
CA GLN B 48 15.26 -32.68 4.44
C GLN B 48 16.17 -31.62 5.08
N PHE B 49 17.31 -31.38 4.44
CA PHE B 49 18.27 -30.37 4.88
C PHE B 49 18.07 -29.08 4.08
N HIS B 50 18.43 -27.94 4.67
CA HIS B 50 18.27 -26.63 4.04
C HIS B 50 19.48 -25.81 4.35
N THR B 51 19.73 -24.77 3.56
CA THR B 51 20.79 -23.80 3.85
C THR B 51 20.26 -22.91 5.03
N ILE B 52 21.07 -21.99 5.58
CA ILE B 52 20.63 -21.10 6.66
C ILE B 52 19.55 -20.18 6.09
N GLY B 53 19.71 -19.81 4.82
CA GLY B 53 18.78 -18.98 4.07
C GLY B 53 17.54 -19.68 3.56
N ASP B 54 17.25 -20.91 4.08
CA ASP B 54 16.07 -21.76 3.83
C ASP B 54 15.93 -22.45 2.49
N PHE B 55 17.00 -22.44 1.69
CA PHE B 55 16.96 -23.10 0.41
C PHE B 55 17.14 -24.59 0.63
N PRO B 56 16.21 -25.45 0.14
CA PRO B 56 16.41 -26.90 0.33
C PRO B 56 17.60 -27.42 -0.46
N VAL B 57 18.38 -28.31 0.17
CA VAL B 57 19.56 -28.89 -0.46
C VAL B 57 19.43 -30.40 -0.69
N GLN B 58 20.00 -30.89 -1.80
CA GLN B 58 20.03 -32.32 -2.15
C GLN B 58 21.20 -33.00 -1.39
N ARG B 59 21.13 -34.34 -1.24
CA ARG B 59 22.16 -35.16 -0.61
C ARG B 59 23.52 -34.94 -1.31
N THR B 60 23.48 -34.90 -2.65
CA THR B 60 24.61 -34.63 -3.53
C THR B 60 24.08 -34.01 -4.84
N TYR B 61 24.96 -33.31 -5.57
CA TYR B 61 24.65 -32.69 -6.85
C TYR B 61 25.54 -33.31 -7.93
N THR B 62 24.95 -33.61 -9.10
CA THR B 62 25.66 -34.20 -10.24
C THR B 62 25.59 -33.22 -11.41
N ALA B 63 26.19 -33.56 -12.56
CA ALA B 63 26.15 -32.70 -13.74
C ALA B 63 24.73 -32.53 -14.27
N ALA B 64 23.85 -33.53 -14.00
CA ALA B 64 22.44 -33.55 -14.43
C ALA B 64 21.67 -32.37 -13.83
N ASP B 65 21.98 -32.02 -12.56
CA ASP B 65 21.35 -30.92 -11.80
C ASP B 65 21.62 -29.55 -12.39
N ILE B 66 22.71 -29.40 -13.15
CA ILE B 66 23.10 -28.13 -13.75
C ILE B 66 22.98 -28.07 -15.29
N ALA B 67 22.52 -29.16 -15.90
CA ALA B 67 22.33 -29.32 -17.36
C ALA B 67 21.43 -28.24 -17.97
N ASP B 68 20.45 -27.74 -17.19
CA ASP B 68 19.53 -26.71 -17.66
C ASP B 68 20.11 -25.28 -17.58
N THR B 69 21.27 -25.11 -16.91
CA THR B 69 21.97 -23.83 -16.88
C THR B 69 22.98 -23.83 -18.04
N PRO B 70 22.84 -22.93 -19.05
CA PRO B 70 23.82 -22.94 -20.15
C PRO B 70 25.18 -22.49 -19.65
N LEU B 71 26.25 -23.01 -20.27
CA LEU B 71 27.63 -22.67 -19.90
C LEU B 71 27.99 -21.20 -20.10
N GLU B 72 27.21 -20.48 -20.95
CA GLU B 72 27.35 -19.04 -21.19
C GLU B 72 27.06 -18.23 -19.91
N ASP B 73 26.15 -18.73 -19.04
CA ASP B 73 25.76 -18.14 -17.74
C ASP B 73 26.82 -18.35 -16.64
N ILE B 74 27.82 -19.22 -16.94
CA ILE B 74 28.97 -19.46 -16.08
C ILE B 74 30.08 -18.62 -16.74
N GLY B 75 30.49 -19.04 -17.92
CA GLY B 75 31.44 -18.33 -18.75
C GLY B 75 32.85 -18.12 -18.24
N LEU B 76 33.28 -16.83 -18.26
CA LEU B 76 34.63 -16.40 -17.94
C LEU B 76 34.66 -15.09 -17.12
N PRO B 77 35.64 -14.93 -16.18
CA PRO B 77 35.70 -13.70 -15.37
C PRO B 77 36.01 -12.47 -16.22
N GLY B 78 35.39 -11.33 -15.90
CA GLY B 78 35.59 -10.10 -16.66
C GLY B 78 34.89 -10.07 -18.02
N ARG B 79 34.00 -11.06 -18.25
CA ARG B 79 33.15 -11.21 -19.44
C ARG B 79 31.75 -11.45 -18.97
N TYR B 80 30.76 -10.88 -19.67
CA TYR B 80 29.33 -10.97 -19.40
C TYR B 80 28.83 -12.43 -19.30
N PRO B 81 27.94 -12.80 -18.32
CA PRO B 81 27.30 -11.98 -17.30
C PRO B 81 28.09 -11.81 -15.99
N PHE B 82 29.42 -12.01 -16.04
CA PHE B 82 30.37 -11.81 -14.91
C PHE B 82 30.13 -12.68 -13.69
N THR B 83 29.46 -13.82 -13.81
CA THR B 83 29.24 -14.78 -12.72
C THR B 83 30.57 -15.09 -11.99
N ARG B 84 31.64 -15.31 -12.78
CA ARG B 84 33.01 -15.69 -12.36
C ARG B 84 33.88 -14.56 -11.78
N GLY B 85 33.44 -13.32 -11.89
CA GLY B 85 34.18 -12.16 -11.41
C GLY B 85 34.08 -10.96 -12.33
N PRO B 86 34.15 -9.72 -11.78
CA PRO B 86 34.04 -8.53 -12.64
C PRO B 86 35.30 -8.22 -13.47
N TYR B 87 36.47 -8.77 -13.08
CA TYR B 87 37.75 -8.56 -13.75
C TYR B 87 38.30 -9.88 -14.33
N PRO B 88 38.99 -9.87 -15.50
CA PRO B 88 39.47 -11.13 -16.06
C PRO B 88 40.70 -11.72 -15.38
N THR B 89 41.39 -10.93 -14.53
CA THR B 89 42.63 -11.31 -13.85
C THR B 89 42.50 -11.45 -12.33
N MET B 90 41.45 -10.83 -11.77
CA MET B 90 41.12 -10.81 -10.34
C MET B 90 42.34 -10.69 -9.42
N TYR B 91 42.47 -11.62 -8.44
CA TYR B 91 43.53 -11.62 -7.44
C TYR B 91 44.93 -12.04 -7.91
N ARG B 92 45.08 -12.49 -9.16
CA ARG B 92 46.40 -12.86 -9.66
C ARG B 92 47.15 -11.57 -10.03
N SER B 93 46.39 -10.48 -10.23
CA SER B 93 46.90 -9.17 -10.61
C SER B 93 46.74 -8.19 -9.46
N ARG B 94 45.53 -8.08 -8.88
CA ARG B 94 45.31 -7.19 -7.75
C ARG B 94 44.44 -7.87 -6.71
N THR B 95 44.97 -8.08 -5.51
CA THR B 95 44.14 -8.70 -4.47
C THR B 95 43.05 -7.70 -3.99
N TRP B 96 42.03 -8.20 -3.28
CA TRP B 96 40.95 -7.39 -2.76
C TRP B 96 41.53 -6.35 -1.78
N THR B 97 40.83 -5.23 -1.61
CA THR B 97 41.26 -4.20 -0.66
C THR B 97 40.98 -4.74 0.75
N MET B 98 42.01 -4.71 1.60
CA MET B 98 41.89 -5.09 3.00
C MET B 98 41.60 -3.74 3.64
N ARG B 99 40.30 -3.49 3.82
CA ARG B 99 39.75 -2.22 4.26
C ARG B 99 38.92 -2.38 5.54
N GLN B 100 39.59 -2.12 6.69
CA GLN B 100 39.05 -2.21 8.04
C GLN B 100 38.39 -0.91 8.52
N ILE B 101 37.19 -1.02 9.11
CA ILE B 101 36.47 0.10 9.68
C ILE B 101 37.27 0.69 10.88
N ALA B 102 37.32 2.03 10.95
CA ALA B 102 37.94 2.79 12.02
C ALA B 102 37.02 3.99 12.28
N GLY B 103 36.74 4.27 13.56
CA GLY B 103 35.89 5.39 13.93
C GLY B 103 35.61 5.46 15.40
N PHE B 104 36.05 6.57 16.03
CA PHE B 104 35.88 6.91 17.45
C PHE B 104 36.50 8.27 17.72
N GLY B 105 35.95 8.93 18.74
CA GLY B 105 36.42 10.23 19.19
C GLY B 105 36.37 11.29 18.13
N THR B 106 37.44 12.09 18.08
CA THR B 106 37.62 13.17 17.12
C THR B 106 38.44 12.66 15.92
N GLY B 107 38.56 13.49 14.89
CA GLY B 107 39.32 13.19 13.68
C GLY B 107 40.70 12.65 13.98
N GLU B 108 41.43 13.32 14.92
CA GLU B 108 42.78 12.99 15.39
C GLU B 108 42.85 11.58 15.95
N ASP B 109 41.81 11.17 16.72
CA ASP B 109 41.71 9.84 17.31
C ASP B 109 41.63 8.72 16.24
N THR B 110 40.69 8.86 15.29
CA THR B 110 40.48 7.94 14.16
C THR B 110 41.67 7.95 13.21
N ASN B 111 42.33 9.14 13.04
CA ASN B 111 43.53 9.28 12.20
C ASN B 111 44.68 8.41 12.70
N LYS B 112 44.83 8.31 14.04
CA LYS B 112 45.84 7.47 14.71
C LYS B 112 45.58 5.98 14.37
N ARG B 113 44.30 5.55 14.45
CA ARG B 113 43.86 4.20 14.10
C ARG B 113 44.08 3.90 12.60
N PHE B 114 43.82 4.88 11.69
CA PHE B 114 44.05 4.70 10.25
C PHE B 114 45.51 4.32 10.04
N LYS B 115 46.43 5.09 10.65
CA LYS B 115 47.88 4.90 10.58
C LYS B 115 48.33 3.55 11.15
N TYR B 116 47.72 3.11 12.27
CA TYR B 116 47.97 1.79 12.88
C TYR B 116 47.57 0.69 11.88
N LEU B 117 46.32 0.78 11.36
CA LEU B 117 45.74 -0.15 10.41
C LEU B 117 46.56 -0.24 9.14
N ILE B 118 47.04 0.92 8.61
CA ILE B 118 47.91 0.94 7.42
C ILE B 118 49.28 0.26 7.70
N ALA B 119 49.84 0.46 8.90
CA ALA B 119 51.10 -0.17 9.34
C ALA B 119 50.92 -1.70 9.49
N GLN B 120 49.68 -2.14 9.81
CA GLN B 120 49.34 -3.56 9.94
C GLN B 120 49.01 -4.24 8.62
N GLY B 121 49.09 -3.49 7.54
CA GLY B 121 48.89 -3.99 6.18
C GLY B 121 47.52 -3.76 5.56
N GLN B 122 46.86 -2.64 5.92
CA GLN B 122 45.56 -2.21 5.38
C GLN B 122 45.84 -1.45 4.09
N THR B 123 45.08 -1.75 3.03
CA THR B 123 45.28 -1.18 1.69
C THR B 123 44.20 -0.17 1.25
N GLY B 124 43.21 0.03 2.13
CA GLY B 124 42.12 0.97 1.93
C GLY B 124 41.60 1.49 3.25
N ILE B 125 41.14 2.74 3.30
CA ILE B 125 40.58 3.33 4.52
C ILE B 125 39.06 3.20 4.55
N SER B 126 38.51 2.80 5.71
CA SER B 126 37.06 2.73 5.94
C SER B 126 36.78 3.55 7.19
N THR B 127 35.74 4.39 7.15
CA THR B 127 35.44 5.26 8.28
C THR B 127 34.01 5.12 8.74
N ASP B 128 33.86 4.90 10.07
CA ASP B 128 32.56 4.84 10.73
C ASP B 128 32.38 6.08 11.57
N PHE B 129 31.18 6.65 11.50
CA PHE B 129 30.86 7.90 12.16
C PHE B 129 29.95 7.70 13.35
N ASP B 130 29.93 8.69 14.26
CA ASP B 130 29.09 8.67 15.44
C ASP B 130 27.63 8.93 15.04
N MET B 131 26.70 8.64 15.95
CA MET B 131 25.27 8.85 15.74
C MET B 131 24.93 10.28 15.39
N PRO B 132 25.44 11.33 16.09
CA PRO B 132 25.10 12.71 15.66
C PRO B 132 25.40 12.96 14.18
N THR B 133 26.61 12.59 13.72
CA THR B 133 27.10 12.73 12.35
C THR B 133 26.25 11.95 11.35
N LEU B 134 25.90 10.69 11.70
CA LEU B 134 25.06 9.80 10.90
C LEU B 134 23.65 10.35 10.75
N MET B 135 23.14 10.97 11.84
CA MET B 135 21.80 11.54 11.94
C MET B 135 21.68 13.02 11.51
N GLY B 136 22.81 13.61 11.11
CA GLY B 136 22.88 14.98 10.60
C GLY B 136 22.98 16.09 11.61
N TYR B 137 23.38 15.74 12.84
CA TYR B 137 23.49 16.71 13.93
C TYR B 137 24.93 17.09 14.22
N ASP B 138 25.11 18.31 14.70
CA ASP B 138 26.40 18.80 15.18
C ASP B 138 26.55 18.21 16.58
N SER B 139 27.79 18.09 17.05
CA SER B 139 28.13 17.55 18.37
C SER B 139 27.45 18.23 19.59
N ASP B 140 27.08 19.53 19.47
CA ASP B 140 26.46 20.31 20.55
C ASP B 140 24.94 20.40 20.48
N HIS B 141 24.32 19.68 19.53
CA HIS B 141 22.86 19.65 19.42
C HIS B 141 22.29 18.86 20.62
N PRO B 142 21.10 19.23 21.19
CA PRO B 142 20.54 18.45 22.31
C PRO B 142 20.38 16.95 22.07
N MET B 143 20.09 16.55 20.81
CA MET B 143 19.94 15.14 20.42
C MET B 143 21.26 14.38 20.47
N SER B 144 22.40 15.12 20.44
CA SER B 144 23.77 14.61 20.42
C SER B 144 24.37 14.23 21.78
N ASP B 145 23.78 14.72 22.89
CA ASP B 145 24.23 14.50 24.27
C ASP B 145 24.64 13.04 24.57
N GLY B 146 25.87 12.88 25.06
CA GLY B 146 26.46 11.59 25.41
C GLY B 146 26.72 10.62 24.27
N GLU B 147 26.59 11.09 23.01
CA GLU B 147 26.78 10.26 21.82
C GLU B 147 27.95 10.72 20.94
N VAL B 148 28.62 11.84 21.30
CA VAL B 148 29.75 12.39 20.54
C VAL B 148 30.98 11.48 20.57
N GLY B 149 31.42 11.05 19.36
CA GLY B 149 32.60 10.22 19.14
C GLY B 149 32.56 8.85 19.80
N ARG B 150 31.39 8.43 20.26
CA ARG B 150 31.18 7.16 20.95
C ARG B 150 31.18 5.93 20.02
N GLU B 151 30.25 5.87 19.04
CA GLU B 151 30.06 4.76 18.10
C GLU B 151 30.82 4.87 16.78
N GLY B 152 31.48 6.01 16.59
CA GLY B 152 32.29 6.34 15.42
C GLY B 152 32.88 7.73 15.58
N VAL B 153 33.58 8.22 14.55
CA VAL B 153 34.20 9.54 14.59
C VAL B 153 33.15 10.66 14.49
N ALA B 154 33.42 11.82 15.11
CA ALA B 154 32.57 13.00 15.05
C ALA B 154 33.07 13.91 13.93
N ILE B 155 32.15 14.31 13.03
CA ILE B 155 32.44 15.22 11.91
C ILE B 155 31.30 16.26 11.83
N ASP B 156 31.59 17.51 12.25
CA ASP B 156 30.64 18.64 12.19
C ASP B 156 31.14 19.65 11.15
N THR B 157 32.48 19.82 11.04
CA THR B 157 33.12 20.76 10.09
C THR B 157 34.15 20.10 9.17
N LEU B 158 34.57 20.83 8.10
CA LEU B 158 35.63 20.43 7.19
C LEU B 158 36.96 20.38 7.98
N ALA B 159 37.10 21.27 8.98
CA ALA B 159 38.23 21.34 9.92
C ALA B 159 38.45 19.97 10.60
N ASP B 160 37.34 19.30 10.99
CA ASP B 160 37.35 17.99 11.63
C ASP B 160 37.84 16.91 10.65
N MET B 161 37.49 17.02 9.32
CA MET B 161 37.93 16.09 8.28
C MET B 161 39.44 16.23 7.98
N GLU B 162 39.97 17.46 8.14
CA GLU B 162 41.38 17.76 7.95
C GLU B 162 42.16 16.98 9.02
N ALA B 163 41.63 16.97 10.27
CA ALA B 163 42.19 16.23 11.41
C ALA B 163 42.12 14.73 11.14
N LEU B 164 40.98 14.27 10.59
CA LEU B 164 40.70 12.88 10.23
C LEU B 164 41.67 12.30 9.20
N LEU B 165 41.96 13.06 8.13
CA LEU B 165 42.78 12.66 7.01
C LEU B 165 44.16 13.31 7.00
N ALA B 166 44.61 13.78 8.17
CA ALA B 166 45.93 14.39 8.35
C ALA B 166 47.02 13.40 7.97
N ASP B 167 48.01 13.85 7.18
CA ASP B 167 49.15 13.05 6.70
C ASP B 167 48.73 11.83 5.85
N ILE B 168 47.55 11.89 5.22
CA ILE B 168 47.03 10.81 4.37
C ILE B 168 47.01 11.29 2.92
N ASP B 169 47.76 10.62 2.03
CA ASP B 169 47.82 10.99 0.62
C ASP B 169 46.59 10.42 -0.05
N LEU B 170 45.56 11.26 -0.24
CA LEU B 170 44.27 10.86 -0.81
C LEU B 170 44.31 10.35 -2.25
N GLU B 171 45.40 10.68 -2.97
CA GLU B 171 45.68 10.25 -4.33
C GLU B 171 46.32 8.86 -4.36
N LYS B 172 46.98 8.45 -3.26
CA LYS B 172 47.68 7.15 -3.12
C LYS B 172 46.90 6.04 -2.41
N ILE B 173 45.87 6.40 -1.64
CA ILE B 173 45.02 5.43 -0.95
C ILE B 173 43.53 5.77 -1.11
N SER B 174 42.65 4.76 -1.26
CA SER B 174 41.22 5.01 -1.36
C SER B 174 40.64 5.22 0.05
N VAL B 175 39.65 6.14 0.15
CA VAL B 175 38.97 6.50 1.38
C VAL B 175 37.45 6.31 1.28
N SER B 176 36.91 5.28 1.99
CA SER B 176 35.46 4.98 2.09
C SER B 176 34.88 5.56 3.39
N PHE B 177 33.71 6.17 3.29
CA PHE B 177 32.98 6.78 4.41
C PHE B 177 31.66 6.08 4.58
N THR B 178 31.43 5.49 5.75
CA THR B 178 30.14 4.87 6.02
C THR B 178 29.18 5.98 6.49
N ILE B 179 28.78 6.82 5.53
CA ILE B 179 27.91 7.97 5.78
C ILE B 179 26.67 7.82 4.87
N ASN B 180 25.49 8.15 5.39
CA ASN B 180 24.25 7.94 4.66
C ASN B 180 23.36 9.18 4.43
N PRO B 181 22.35 9.57 5.29
CA PRO B 181 21.54 10.76 4.94
C PRO B 181 22.32 12.06 4.76
N SER B 182 23.48 12.18 5.43
CA SER B 182 24.34 13.36 5.37
C SER B 182 25.61 13.07 4.53
N ALA B 183 25.53 12.05 3.65
CA ALA B 183 26.63 11.66 2.77
C ALA B 183 27.10 12.78 1.84
N TRP B 184 26.14 13.59 1.32
CA TRP B 184 26.47 14.67 0.39
C TRP B 184 27.36 15.74 1.01
N ILE B 185 27.14 16.03 2.32
CA ILE B 185 27.90 16.99 3.11
C ILE B 185 29.34 16.47 3.26
N LEU B 186 29.50 15.19 3.59
CA LEU B 186 30.81 14.57 3.71
C LEU B 186 31.57 14.47 2.39
N LEU B 187 30.82 14.25 1.28
CA LEU B 187 31.41 14.23 -0.06
C LEU B 187 31.88 15.67 -0.45
N ALA B 188 31.08 16.70 -0.06
CA ALA B 188 31.42 18.09 -0.32
C ALA B 188 32.68 18.45 0.44
N MET B 189 32.84 17.92 1.68
CA MET B 189 34.00 18.16 2.55
C MET B 189 35.23 17.49 1.98
N TYR B 190 35.06 16.27 1.42
CA TYR B 190 36.14 15.52 0.81
C TYR B 190 36.68 16.26 -0.41
N VAL B 191 35.77 16.78 -1.26
CA VAL B 191 36.08 17.54 -2.47
C VAL B 191 36.80 18.83 -2.09
N ALA B 192 36.24 19.58 -1.13
CA ALA B 192 36.83 20.81 -0.58
C ALA B 192 38.25 20.55 -0.04
N LEU B 193 38.47 19.41 0.67
CA LEU B 193 39.78 19.02 1.20
C LEU B 193 40.79 18.72 0.07
N GLY B 194 40.36 17.96 -0.94
CA GLY B 194 41.14 17.61 -2.11
C GLY B 194 41.62 18.84 -2.87
N GLU B 195 40.72 19.85 -3.01
CA GLU B 195 41.01 21.13 -3.66
C GLU B 195 42.05 21.92 -2.86
N LYS B 196 41.83 22.02 -1.52
CA LYS B 196 42.71 22.70 -0.57
C LYS B 196 44.13 22.16 -0.67
N ARG B 197 44.27 20.83 -0.83
CA ARG B 197 45.57 20.16 -0.96
C ARG B 197 46.13 20.19 -2.39
N GLY B 198 45.29 20.58 -3.35
CA GLY B 198 45.67 20.70 -4.75
C GLY B 198 45.84 19.39 -5.47
N TYR B 199 44.88 18.48 -5.27
CA TYR B 199 44.85 17.17 -5.91
C TYR B 199 44.03 17.30 -7.19
N ASP B 200 44.24 16.37 -8.15
CA ASP B 200 43.42 16.29 -9.36
C ASP B 200 42.23 15.47 -8.88
N LEU B 201 41.02 16.10 -8.82
CA LEU B 201 39.77 15.50 -8.32
C LEU B 201 39.43 14.16 -8.94
N ASN B 202 39.86 13.96 -10.20
CA ASN B 202 39.68 12.76 -11.00
C ASN B 202 40.64 11.61 -10.64
N LYS B 203 41.56 11.87 -9.69
CA LYS B 203 42.52 10.90 -9.16
C LYS B 203 42.11 10.43 -7.76
N LEU B 204 41.04 11.02 -7.19
CA LEU B 204 40.57 10.65 -5.86
C LEU B 204 39.71 9.39 -5.88
N SER B 205 40.24 8.32 -5.29
CA SER B 205 39.54 7.04 -5.18
C SER B 205 38.90 7.02 -3.80
N GLY B 206 37.63 6.67 -3.77
CA GLY B 206 36.85 6.61 -2.54
C GLY B 206 35.41 6.24 -2.75
N THR B 207 34.64 6.25 -1.65
CA THR B 207 33.23 5.88 -1.58
C THR B 207 32.52 6.57 -0.42
N VAL B 208 31.24 6.89 -0.64
CA VAL B 208 30.29 7.36 0.37
C VAL B 208 29.23 6.25 0.36
N GLN B 209 28.74 5.83 1.52
CA GLN B 209 27.77 4.74 1.51
C GLN B 209 26.49 5.18 0.79
N ALA B 210 25.95 6.39 1.17
CA ALA B 210 24.83 7.12 0.57
C ALA B 210 23.47 6.42 0.36
N ASP B 211 23.43 5.09 0.28
CA ASP B 211 22.21 4.31 0.02
C ASP B 211 21.11 4.57 1.05
N ILE B 212 20.17 5.46 0.69
CA ILE B 212 19.10 5.84 1.59
C ILE B 212 18.00 4.83 1.71
N LEU B 213 17.62 4.19 0.62
CA LEU B 213 16.56 3.19 0.56
C LEU B 213 16.75 2.07 1.60
N LYS B 214 18.01 1.55 1.74
CA LYS B 214 18.38 0.52 2.72
C LYS B 214 18.33 1.04 4.17
N GLU B 215 18.34 2.37 4.34
CA GLU B 215 18.21 3.05 5.62
C GLU B 215 16.76 2.95 6.09
N TYR B 216 15.78 3.18 5.17
CA TYR B 216 14.37 3.07 5.48
C TYR B 216 14.00 1.61 5.75
N MET B 217 14.62 0.68 4.99
CA MET B 217 14.40 -0.76 5.11
C MET B 217 15.07 -1.34 6.34
N ALA B 218 16.34 -0.98 6.55
CA ALA B 218 17.13 -1.62 7.58
C ALA B 218 18.02 -0.81 8.52
N GLN B 219 18.91 0.09 8.02
CA GLN B 219 19.86 0.75 8.93
C GLN B 219 19.32 1.86 9.83
N LYS B 220 18.18 2.45 9.42
CA LYS B 220 17.41 3.45 10.16
C LYS B 220 18.06 4.83 10.39
N GLU B 221 18.96 5.23 9.45
CA GLU B 221 19.59 6.55 9.49
C GLU B 221 18.94 7.39 8.41
N TYR B 222 18.06 8.31 8.80
CA TYR B 222 17.36 9.17 7.84
C TYR B 222 17.09 10.54 8.45
N ILE B 223 16.95 11.55 7.59
CA ILE B 223 16.69 12.93 8.01
C ILE B 223 15.37 13.38 7.39
N TYR B 224 15.30 13.37 6.05
CA TYR B 224 14.18 13.85 5.25
C TYR B 224 13.32 12.72 4.74
N PRO B 225 12.07 13.02 4.29
CA PRO B 225 11.24 11.96 3.67
C PRO B 225 11.92 11.37 2.41
N ILE B 226 11.44 10.20 1.97
CA ILE B 226 11.98 9.43 0.84
C ILE B 226 12.37 10.21 -0.43
N ALA B 227 11.40 10.96 -1.01
CA ALA B 227 11.59 11.74 -2.25
C ALA B 227 12.77 12.71 -2.25
N PRO B 228 12.87 13.73 -1.34
CA PRO B 228 14.05 14.62 -1.37
C PRO B 228 15.36 13.90 -1.08
N SER B 229 15.31 12.82 -0.26
CA SER B 229 16.48 12.01 0.11
C SER B 229 17.05 11.21 -1.07
N VAL B 230 16.17 10.79 -2.01
CA VAL B 230 16.57 10.03 -3.18
C VAL B 230 17.22 11.00 -4.17
N ARG B 231 16.65 12.22 -4.24
CA ARG B 231 17.15 13.32 -5.06
C ARG B 231 18.62 13.66 -4.65
N ILE B 232 18.94 13.58 -3.34
CA ILE B 232 20.31 13.81 -2.86
C ILE B 232 21.23 12.71 -3.43
N VAL B 233 20.83 11.43 -3.31
CA VAL B 233 21.59 10.28 -3.82
C VAL B 233 21.83 10.50 -5.33
N ARG B 234 20.80 10.95 -6.02
CA ARG B 234 20.83 11.26 -7.46
C ARG B 234 21.87 12.37 -7.70
N ASP B 235 21.80 13.45 -6.88
CA ASP B 235 22.74 14.57 -6.97
C ASP B 235 24.17 14.15 -6.68
N ILE B 236 24.37 13.17 -5.77
CA ILE B 236 25.70 12.61 -5.47
C ILE B 236 26.18 11.86 -6.69
N ILE B 237 25.31 11.00 -7.27
CA ILE B 237 25.60 10.18 -8.45
C ILE B 237 25.93 11.00 -9.67
N THR B 238 25.06 11.96 -10.06
CA THR B 238 25.27 12.83 -11.23
C THR B 238 26.52 13.71 -11.11
N TYR B 239 26.78 14.30 -9.92
CA TYR B 239 27.95 15.15 -9.66
C TYR B 239 29.25 14.34 -9.87
N SER B 240 29.36 13.18 -9.17
CA SER B 240 30.50 12.27 -9.22
C SER B 240 30.81 11.81 -10.64
N ALA B 241 29.76 11.48 -11.44
CA ALA B 241 29.89 11.01 -12.83
C ALA B 241 30.57 12.06 -13.68
N LYS B 242 30.22 13.33 -13.48
CA LYS B 242 30.77 14.46 -14.23
C LYS B 242 32.04 15.10 -13.61
N ASN B 243 32.30 14.93 -12.30
CA ASN B 243 33.44 15.58 -11.63
C ASN B 243 34.46 14.69 -10.94
N LEU B 244 34.10 13.43 -10.62
CA LEU B 244 35.00 12.52 -9.89
C LEU B 244 35.12 11.14 -10.56
N LYS B 245 35.95 11.09 -11.63
CA LYS B 245 36.21 9.91 -12.45
C LYS B 245 36.53 8.60 -11.73
N ARG B 246 37.35 8.66 -10.65
CA ARG B 246 37.78 7.46 -9.89
C ARG B 246 36.96 7.21 -8.59
N TYR B 247 35.94 8.05 -8.33
CA TYR B 247 35.09 7.97 -7.14
C TYR B 247 33.83 7.11 -7.33
N ASN B 248 33.47 6.35 -6.27
CA ASN B 248 32.29 5.48 -6.19
C ASN B 248 31.23 6.23 -5.38
N PRO B 249 30.21 6.84 -6.04
CA PRO B 249 29.24 7.68 -5.31
C PRO B 249 28.28 6.95 -4.39
N ILE B 250 28.25 5.61 -4.48
CA ILE B 250 27.32 4.81 -3.74
C ILE B 250 27.80 3.39 -3.53
N ASN B 251 27.27 2.81 -2.46
CA ASN B 251 27.38 1.41 -2.11
C ASN B 251 25.94 0.97 -1.86
N ILE B 252 25.28 0.43 -2.92
CA ILE B 252 23.93 -0.08 -2.81
C ILE B 252 24.11 -1.32 -1.93
N SER B 253 23.73 -1.21 -0.64
CA SER B 253 23.99 -2.23 0.37
C SER B 253 22.92 -3.25 0.70
N GLY B 254 23.38 -4.48 0.92
CA GLY B 254 22.60 -5.62 1.36
C GLY B 254 22.97 -6.01 2.78
N TYR B 255 24.23 -5.70 3.20
CA TYR B 255 24.77 -5.99 4.52
C TYR B 255 23.79 -5.72 5.67
N HIS B 256 23.24 -4.49 5.72
CA HIS B 256 22.35 -4.01 6.76
C HIS B 256 21.01 -4.70 6.72
N ILE B 257 20.54 -5.08 5.51
CA ILE B 257 19.29 -5.82 5.29
C ILE B 257 19.49 -7.21 5.97
N SER B 258 20.62 -7.88 5.68
CA SER B 258 20.96 -9.16 6.30
C SER B 258 21.08 -9.04 7.83
N GLU B 259 21.90 -8.07 8.29
CA GLU B 259 22.14 -7.82 9.71
C GLU B 259 20.90 -7.39 10.51
N ALA B 260 19.87 -6.81 9.80
CA ALA B 260 18.57 -6.47 10.39
C ALA B 260 17.74 -7.75 10.59
N GLY B 261 18.29 -8.89 10.14
CA GLY B 261 17.69 -10.21 10.30
C GLY B 261 17.21 -10.93 9.06
N SER B 262 17.32 -10.30 7.88
CA SER B 262 16.88 -10.89 6.60
C SER B 262 17.65 -12.14 6.17
N SER B 263 17.13 -12.83 5.17
CA SER B 263 17.76 -14.03 4.59
C SER B 263 18.72 -13.60 3.47
N PRO B 264 19.65 -14.47 3.01
CA PRO B 264 20.50 -14.08 1.86
C PRO B 264 19.71 -13.72 0.59
N LEU B 265 18.52 -14.33 0.39
CA LEU B 265 17.66 -14.04 -0.75
C LEU B 265 17.04 -12.66 -0.63
N GLN B 266 16.59 -12.27 0.57
CA GLN B 266 16.01 -10.95 0.81
C GLN B 266 17.11 -9.90 0.64
N GLU B 267 18.31 -10.20 1.15
CA GLU B 267 19.46 -9.33 1.03
C GLU B 267 19.74 -9.00 -0.44
N ALA B 268 20.01 -10.06 -1.25
CA ALA B 268 20.30 -9.97 -2.68
C ALA B 268 19.18 -9.25 -3.45
N ALA B 269 17.94 -9.73 -3.33
CA ALA B 269 16.79 -9.19 -4.04
C ALA B 269 16.40 -7.76 -3.66
N PHE B 270 16.41 -7.42 -2.36
CA PHE B 270 16.03 -6.07 -1.89
C PHE B 270 17.07 -5.00 -2.30
N THR B 271 18.35 -5.40 -2.41
CA THR B 271 19.44 -4.53 -2.86
C THR B 271 19.26 -4.24 -4.35
N LEU B 272 18.95 -5.29 -5.13
CA LEU B 272 18.68 -5.12 -6.55
C LEU B 272 17.41 -4.27 -6.79
N ALA B 273 16.38 -4.40 -5.93
CA ALA B 273 15.15 -3.57 -6.01
C ALA B 273 15.51 -2.09 -5.85
N ASN B 274 16.44 -1.77 -4.91
CA ASN B 274 16.96 -0.43 -4.64
C ASN B 274 17.77 0.10 -5.82
N LEU B 275 18.61 -0.75 -6.44
CA LEU B 275 19.39 -0.39 -7.63
C LEU B 275 18.46 0.11 -8.75
N ILE B 276 17.40 -0.65 -9.06
CA ILE B 276 16.45 -0.29 -10.10
C ILE B 276 15.87 1.11 -9.89
N THR B 277 15.44 1.42 -8.65
CA THR B 277 14.89 2.71 -8.25
C THR B 277 15.87 3.84 -8.54
N TYR B 278 17.15 3.65 -8.15
CA TYR B 278 18.23 4.61 -8.33
C TYR B 278 18.55 4.88 -9.79
N VAL B 279 18.67 3.82 -10.62
CA VAL B 279 18.97 3.92 -12.05
C VAL B 279 17.87 4.70 -12.76
N ASN B 280 16.59 4.42 -12.40
CA ASN B 280 15.43 5.12 -12.94
C ASN B 280 15.46 6.61 -12.62
N GLU B 281 15.81 6.95 -11.37
CA GLU B 281 15.90 8.34 -10.90
C GLU B 281 16.99 9.13 -11.61
N VAL B 282 18.18 8.51 -11.81
CA VAL B 282 19.32 9.13 -12.48
C VAL B 282 19.05 9.27 -13.99
N THR B 283 18.53 8.21 -14.67
CA THR B 283 18.25 8.25 -16.11
C THR B 283 17.14 9.22 -16.48
N LYS B 284 16.23 9.48 -15.53
CA LYS B 284 15.11 10.41 -15.63
C LYS B 284 15.63 11.83 -15.89
N THR B 285 16.87 12.14 -15.44
CA THR B 285 17.55 13.43 -15.65
C THR B 285 18.06 13.58 -17.09
N GLY B 286 17.95 12.52 -17.88
CA GLY B 286 18.45 12.46 -19.24
C GLY B 286 19.88 11.92 -19.31
N MET B 287 20.45 11.54 -18.13
CA MET B 287 21.78 10.93 -18.06
C MET B 287 21.65 9.48 -18.52
N HIS B 288 22.42 9.10 -19.55
CA HIS B 288 22.44 7.75 -20.09
C HIS B 288 23.08 6.84 -19.04
N VAL B 289 22.53 5.62 -18.91
CA VAL B 289 23.00 4.57 -18.02
C VAL B 289 24.52 4.38 -18.05
N ASP B 290 25.13 4.41 -19.26
CA ASP B 290 26.56 4.19 -19.42
C ASP B 290 27.45 5.33 -18.90
N GLU B 291 26.86 6.49 -18.59
CA GLU B 291 27.59 7.62 -18.02
C GLU B 291 27.87 7.42 -16.51
N PHE B 292 27.11 6.53 -15.82
CA PHE B 292 27.23 6.34 -14.36
C PHE B 292 27.27 4.89 -13.89
N ALA B 293 26.55 3.97 -14.57
CA ALA B 293 26.52 2.55 -14.19
C ALA B 293 27.92 1.91 -13.97
N PRO B 294 28.97 2.23 -14.79
CA PRO B 294 30.30 1.64 -14.52
C PRO B 294 30.87 1.93 -13.12
N ARG B 295 30.49 3.10 -12.54
CA ARG B 295 30.90 3.60 -11.22
C ARG B 295 29.99 3.24 -10.05
N LEU B 296 28.82 2.62 -10.31
CA LEU B 296 27.94 2.13 -9.24
C LEU B 296 28.67 0.98 -8.56
N ALA B 297 28.40 0.80 -7.26
CA ALA B 297 29.01 -0.27 -6.48
C ALA B 297 28.03 -0.75 -5.40
N PHE B 298 28.31 -1.92 -4.82
CA PHE B 298 27.48 -2.58 -3.83
C PHE B 298 28.24 -2.97 -2.56
N PHE B 299 27.49 -3.36 -1.54
CA PHE B 299 28.04 -3.79 -0.25
C PHE B 299 27.19 -4.95 0.27
N PHE B 300 27.82 -6.11 0.42
CA PHE B 300 27.15 -7.32 0.89
C PHE B 300 27.84 -7.95 2.10
N VAL B 301 27.09 -8.78 2.84
CA VAL B 301 27.62 -9.54 3.97
C VAL B 301 28.19 -10.86 3.43
N SER B 302 29.07 -11.50 4.20
CA SER B 302 29.52 -12.84 3.96
C SER B 302 29.05 -13.56 5.22
N GLN B 303 27.89 -14.21 5.09
CA GLN B 303 27.23 -14.93 6.19
C GLN B 303 27.84 -16.30 6.43
N GLY B 304 27.23 -17.00 7.39
CA GLY B 304 27.69 -18.26 7.94
C GLY B 304 27.62 -19.47 7.06
N ASP B 305 26.62 -19.52 6.14
CA ASP B 305 26.46 -20.64 5.22
C ASP B 305 27.48 -20.48 4.09
N PHE B 306 28.62 -21.14 4.26
CA PHE B 306 29.78 -21.10 3.39
C PHE B 306 29.48 -21.12 1.89
N PHE B 307 28.80 -22.18 1.39
CA PHE B 307 28.47 -22.31 -0.03
C PHE B 307 27.36 -21.44 -0.53
N GLU B 308 26.30 -21.24 0.29
CA GLU B 308 25.16 -20.37 -0.02
C GLU B 308 25.62 -18.92 -0.30
N GLU B 309 26.53 -18.42 0.52
CA GLU B 309 27.03 -17.05 0.39
C GLU B 309 27.75 -16.87 -0.94
N VAL B 310 28.63 -17.82 -1.30
CA VAL B 310 29.38 -17.83 -2.56
C VAL B 310 28.39 -17.84 -3.74
N ALA B 311 27.37 -18.72 -3.67
CA ALA B 311 26.31 -18.84 -4.68
C ALA B 311 25.57 -17.50 -4.84
N LYS B 312 25.28 -16.84 -3.72
CA LYS B 312 24.61 -15.55 -3.62
C LYS B 312 25.41 -14.46 -4.34
N PHE B 313 26.74 -14.40 -4.13
CA PHE B 313 27.62 -13.40 -4.72
C PHE B 313 27.67 -13.53 -6.23
N ARG B 314 27.77 -14.79 -6.73
CA ARG B 314 27.82 -15.12 -8.15
C ARG B 314 26.48 -14.86 -8.81
N ALA B 315 25.37 -15.22 -8.12
CA ALA B 315 24.00 -14.94 -8.57
C ALA B 315 23.76 -13.42 -8.69
N LEU B 316 24.22 -12.64 -7.70
CA LEU B 316 24.08 -11.17 -7.71
C LEU B 316 24.76 -10.57 -8.92
N ARG B 317 25.99 -11.02 -9.23
CA ARG B 317 26.76 -10.54 -10.39
C ARG B 317 26.05 -10.83 -11.69
N ARG B 318 25.45 -12.04 -11.80
CA ARG B 318 24.72 -12.48 -13.00
C ARG B 318 23.42 -11.70 -13.19
N CYS B 319 22.62 -11.55 -12.11
CA CYS B 319 21.35 -10.81 -12.05
C CYS B 319 21.57 -9.35 -12.42
N TYR B 320 22.62 -8.74 -11.85
CA TYR B 320 23.02 -7.37 -12.10
C TYR B 320 23.36 -7.16 -13.56
N ALA B 321 24.18 -8.04 -14.15
CA ALA B 321 24.57 -7.96 -15.56
C ALA B 321 23.32 -7.97 -16.46
N LYS B 322 22.42 -8.94 -16.23
CA LYS B 322 21.18 -9.13 -16.99
C LYS B 322 20.25 -7.94 -16.90
N ILE B 323 20.10 -7.33 -15.70
CA ILE B 323 19.26 -6.15 -15.44
C ILE B 323 19.78 -4.94 -16.23
N MET B 324 21.07 -4.63 -16.07
CA MET B 324 21.75 -3.52 -16.73
C MET B 324 21.69 -3.61 -18.25
N LYS B 325 21.97 -4.80 -18.81
CA LYS B 325 21.91 -5.04 -20.25
C LYS B 325 20.48 -5.07 -20.77
N GLU B 326 19.66 -6.00 -20.26
CA GLU B 326 18.29 -6.22 -20.74
C GLU B 326 17.27 -5.17 -20.35
N ARG B 327 17.26 -4.73 -19.07
CA ARG B 327 16.30 -3.76 -18.58
C ARG B 327 16.74 -2.30 -18.81
N PHE B 328 18.02 -2.00 -18.64
CA PHE B 328 18.43 -0.61 -18.82
C PHE B 328 19.03 -0.27 -20.17
N GLY B 329 19.32 -1.31 -20.97
CA GLY B 329 19.90 -1.16 -22.30
C GLY B 329 21.33 -0.65 -22.29
N ALA B 330 22.10 -1.02 -21.25
CA ALA B 330 23.50 -0.62 -21.16
C ALA B 330 24.30 -1.24 -22.31
N ARG B 331 25.29 -0.49 -22.83
CA ARG B 331 26.13 -0.94 -23.95
C ARG B 331 27.60 -1.00 -23.57
N ASN B 332 28.00 -0.33 -22.46
CA ASN B 332 29.36 -0.35 -21.93
C ASN B 332 29.46 -1.57 -21.01
N PRO B 333 30.40 -2.51 -21.28
CA PRO B 333 30.52 -3.72 -20.44
C PRO B 333 30.70 -3.47 -18.94
N GLU B 334 31.38 -2.34 -18.57
CA GLU B 334 31.62 -1.92 -17.19
C GLU B 334 30.31 -1.59 -16.45
N SER B 335 29.24 -1.25 -17.19
CA SER B 335 27.91 -0.98 -16.66
C SER B 335 27.26 -2.27 -16.16
N MET B 336 27.71 -3.42 -16.69
CA MET B 336 27.17 -4.73 -16.36
C MET B 336 28.02 -5.49 -15.32
N ARG B 337 29.26 -5.02 -15.03
CA ARG B 337 30.12 -5.67 -14.02
C ARG B 337 29.94 -5.12 -12.61
N LEU B 338 29.37 -5.96 -11.73
CA LEU B 338 29.12 -5.68 -10.33
C LEU B 338 30.41 -5.72 -9.55
N ARG B 339 30.72 -4.61 -8.86
CA ARG B 339 31.87 -4.49 -7.98
C ARG B 339 31.26 -4.36 -6.59
N PHE B 340 31.83 -5.07 -5.59
CA PHE B 340 31.28 -5.02 -4.23
C PHE B 340 32.32 -5.09 -3.08
N HIS B 341 32.00 -4.38 -1.99
CA HIS B 341 32.74 -4.44 -0.75
C HIS B 341 31.98 -5.50 0.05
N CYS B 342 32.71 -6.25 0.86
CA CYS B 342 32.13 -7.29 1.69
C CYS B 342 32.57 -7.14 3.14
N GLN B 343 31.66 -7.46 4.08
CA GLN B 343 31.96 -7.48 5.49
C GLN B 343 31.45 -8.79 5.98
N THR B 344 32.22 -9.44 6.86
CA THR B 344 31.84 -10.72 7.45
C THR B 344 30.64 -10.49 8.38
N ALA B 345 29.77 -11.51 8.56
CA ALA B 345 28.57 -11.38 9.39
C ALA B 345 28.84 -11.22 10.89
N ALA B 346 28.70 -9.99 11.36
CA ALA B 346 28.83 -9.60 12.76
C ALA B 346 27.75 -10.29 13.62
N ALA B 347 26.53 -10.50 13.05
CA ALA B 347 25.42 -11.16 13.76
C ALA B 347 25.69 -12.65 14.14
N THR B 348 26.69 -13.29 13.51
CA THR B 348 27.04 -14.69 13.80
C THR B 348 28.02 -14.82 14.98
N LEU B 349 28.68 -13.70 15.35
CA LEU B 349 29.69 -13.64 16.39
C LEU B 349 29.08 -13.53 17.79
N THR B 350 29.74 -14.15 18.77
CA THR B 350 29.28 -14.25 20.14
C THR B 350 30.11 -13.53 21.22
N LYS B 351 29.43 -13.20 22.35
CA LYS B 351 30.00 -12.66 23.56
C LYS B 351 30.59 -13.88 24.30
N PRO B 352 29.84 -15.00 24.56
CA PRO B 352 30.50 -16.17 25.19
C PRO B 352 31.54 -16.78 24.26
N GLN B 353 32.66 -17.26 24.84
CA GLN B 353 33.76 -17.89 24.12
C GLN B 353 34.20 -17.07 22.89
N TYR B 354 34.19 -15.73 23.03
CA TYR B 354 34.50 -14.74 21.99
C TYR B 354 35.65 -15.04 21.05
N MET B 355 36.63 -15.83 21.49
CA MET B 355 37.80 -16.13 20.66
C MET B 355 37.53 -17.07 19.50
N VAL B 356 36.46 -17.87 19.57
CA VAL B 356 36.06 -18.79 18.50
C VAL B 356 35.52 -18.01 17.30
N ASN B 357 35.36 -16.69 17.45
CA ASN B 357 34.90 -15.75 16.43
C ASN B 357 35.93 -15.63 15.34
N VAL B 358 37.24 -15.82 15.71
CA VAL B 358 38.38 -15.83 14.78
C VAL B 358 38.11 -16.91 13.71
N VAL B 359 37.58 -18.10 14.14
CA VAL B 359 37.22 -19.24 13.27
C VAL B 359 36.07 -18.84 12.34
N ARG B 360 34.99 -18.29 12.90
CA ARG B 360 33.80 -17.87 12.19
C ARG B 360 34.15 -16.89 11.10
N THR B 361 34.94 -15.86 11.44
CA THR B 361 35.40 -14.79 10.55
C THR B 361 36.38 -15.31 9.48
N SER B 362 37.15 -16.39 9.78
CA SER B 362 38.06 -17.00 8.79
C SER B 362 37.26 -17.56 7.63
N LEU B 363 36.24 -18.38 7.95
CA LEU B 363 35.35 -19.04 6.98
C LEU B 363 34.60 -18.02 6.12
N GLN B 364 34.07 -16.98 6.79
CA GLN B 364 33.34 -15.89 6.17
C GLN B 364 34.23 -15.05 5.24
N ALA B 365 35.49 -14.79 5.66
CA ALA B 365 36.46 -14.08 4.82
C ALA B 365 36.73 -14.92 3.57
N LEU B 366 36.90 -16.25 3.73
CA LEU B 366 37.15 -17.17 2.62
C LEU B 366 35.99 -17.17 1.62
N SER B 367 34.73 -17.19 2.09
CA SER B 367 33.51 -17.13 1.27
C SER B 367 33.53 -15.85 0.41
N ALA B 368 33.97 -14.72 0.98
CA ALA B 368 34.05 -13.44 0.29
C ALA B 368 35.07 -13.48 -0.88
N VAL B 369 36.23 -14.12 -0.62
CA VAL B 369 37.35 -14.27 -1.55
C VAL B 369 36.93 -15.22 -2.70
N LEU B 370 36.30 -16.36 -2.35
CA LEU B 370 35.80 -17.34 -3.31
C LEU B 370 34.61 -16.74 -4.09
N GLY B 371 33.91 -15.79 -3.44
CA GLY B 371 32.79 -15.01 -3.98
C GLY B 371 33.21 -13.85 -4.88
N GLY B 372 34.50 -13.51 -4.90
CA GLY B 372 35.04 -12.47 -5.78
C GLY B 372 34.85 -11.03 -5.35
N ALA B 373 34.90 -10.77 -4.03
CA ALA B 373 34.77 -9.43 -3.43
C ALA B 373 35.98 -8.53 -3.85
N GLN B 374 35.74 -7.20 -3.99
CA GLN B 374 36.74 -6.20 -4.42
C GLN B 374 37.40 -5.57 -3.23
N SER B 375 36.68 -5.60 -2.12
CA SER B 375 37.07 -5.00 -0.85
C SER B 375 36.48 -5.85 0.28
N LEU B 376 37.24 -5.96 1.39
CA LEU B 376 36.80 -6.77 2.53
C LEU B 376 37.18 -6.24 3.88
N HIS B 377 36.18 -6.21 4.78
CA HIS B 377 36.36 -5.93 6.19
C HIS B 377 36.09 -7.26 6.92
N THR B 378 37.05 -7.70 7.73
CA THR B 378 36.88 -8.86 8.62
C THR B 378 36.61 -8.30 10.02
N ASN B 379 35.60 -8.86 10.72
CA ASN B 379 35.26 -8.37 12.05
C ASN B 379 36.27 -8.80 13.09
N GLY B 380 36.30 -8.09 14.23
CA GLY B 380 37.15 -8.40 15.35
C GLY B 380 36.47 -9.43 16.21
N TYR B 381 37.24 -10.25 16.92
CA TYR B 381 36.73 -11.26 17.85
C TYR B 381 35.92 -10.62 19.02
N ASP B 382 36.10 -9.30 19.24
CA ASP B 382 35.42 -8.52 20.29
C ASP B 382 34.11 -7.85 19.81
N GLU B 383 33.58 -8.31 18.66
CA GLU B 383 32.37 -7.80 18.02
C GLU B 383 31.16 -7.65 18.95
N ALA B 384 30.88 -8.66 19.79
CA ALA B 384 29.72 -8.61 20.67
C ALA B 384 29.89 -7.77 21.94
N PHE B 385 31.07 -7.21 22.17
CA PHE B 385 31.35 -6.38 23.34
C PHE B 385 31.38 -4.89 23.03
N ALA B 386 32.26 -4.44 22.13
CA ALA B 386 32.46 -3.01 21.85
C ALA B 386 33.14 -2.80 20.50
N ILE B 387 33.30 -1.51 20.09
CA ILE B 387 34.06 -1.18 18.89
C ILE B 387 35.51 -1.72 19.05
N PRO B 388 36.14 -2.25 17.98
CA PRO B 388 37.42 -2.97 18.17
C PRO B 388 38.66 -2.29 18.70
N THR B 389 39.51 -3.13 19.30
CA THR B 389 40.84 -2.79 19.80
C THR B 389 41.79 -2.95 18.64
N GLU B 390 43.02 -2.46 18.83
CA GLU B 390 44.07 -2.59 17.83
C GLU B 390 44.37 -4.06 17.57
N ASP B 391 44.54 -4.88 18.63
CA ASP B 391 44.82 -6.31 18.55
C ASP B 391 43.78 -7.10 17.77
N ALA B 392 42.49 -6.77 18.01
CA ALA B 392 41.34 -7.39 17.35
C ALA B 392 41.37 -7.10 15.85
N MET B 393 41.65 -5.84 15.48
CA MET B 393 41.77 -5.41 14.08
C MET B 393 42.97 -6.02 13.41
N LYS B 394 44.09 -6.12 14.15
CA LYS B 394 45.33 -6.74 13.69
C LYS B 394 45.05 -8.20 13.30
N MET B 395 44.32 -8.95 14.17
CA MET B 395 43.95 -10.35 13.93
C MET B 395 43.05 -10.49 12.69
N ALA B 396 42.13 -9.52 12.49
CA ALA B 396 41.23 -9.47 11.35
C ALA B 396 42.04 -9.27 10.05
N LEU B 397 43.11 -8.47 10.08
CA LEU B 397 43.99 -8.26 8.94
C LEU B 397 44.85 -9.50 8.67
N ARG B 398 45.41 -10.15 9.73
CA ARG B 398 46.21 -11.37 9.58
C ARG B 398 45.40 -12.50 8.93
N THR B 399 44.09 -12.54 9.24
CA THR B 399 43.12 -13.50 8.68
C THR B 399 43.11 -13.35 7.16
N GLN B 400 42.95 -12.10 6.68
CA GLN B 400 42.89 -11.76 5.25
C GLN B 400 44.22 -12.11 4.56
N GLN B 401 45.36 -11.70 5.18
CA GLN B 401 46.73 -11.90 4.72
C GLN B 401 47.12 -13.37 4.61
N ILE B 402 46.58 -14.24 5.49
CA ILE B 402 46.81 -15.69 5.46
C ILE B 402 46.07 -16.30 4.25
N ILE B 403 44.79 -15.87 4.03
CA ILE B 403 43.98 -16.32 2.90
C ILE B 403 44.64 -15.88 1.59
N ALA B 404 45.09 -14.62 1.54
CA ALA B 404 45.73 -14.05 0.36
C ALA B 404 47.08 -14.65 0.03
N GLU B 405 47.94 -14.82 1.07
CA GLU B 405 49.30 -15.27 0.83
C GLU B 405 49.63 -16.74 1.09
N GLU B 406 48.93 -17.39 2.03
CA GLU B 406 49.30 -18.77 2.37
C GLU B 406 48.41 -19.89 1.84
N SER B 407 47.14 -19.57 1.55
CA SER B 407 46.14 -20.54 1.12
C SER B 407 46.16 -20.93 -0.34
N GLY B 408 46.66 -20.04 -1.21
CA GLY B 408 46.69 -20.29 -2.66
C GLY B 408 45.38 -19.99 -3.41
N VAL B 409 44.26 -19.71 -2.68
CA VAL B 409 42.94 -19.42 -3.26
C VAL B 409 42.90 -18.18 -4.20
N ALA B 410 43.95 -17.33 -4.10
CA ALA B 410 44.05 -16.09 -4.87
C ALA B 410 44.62 -16.32 -6.28
N ASP B 411 45.18 -17.52 -6.55
CA ASP B 411 45.84 -17.81 -7.83
C ASP B 411 45.00 -18.38 -8.98
N VAL B 412 43.79 -18.89 -8.68
CA VAL B 412 42.90 -19.43 -9.71
C VAL B 412 41.60 -18.66 -9.57
N ILE B 413 41.12 -18.06 -10.69
CA ILE B 413 39.88 -17.26 -10.68
C ILE B 413 38.63 -18.14 -10.66
N ASP B 414 37.67 -17.77 -9.78
CA ASP B 414 36.39 -18.47 -9.54
C ASP B 414 36.66 -19.99 -9.43
N PRO B 415 37.46 -20.40 -8.40
CA PRO B 415 37.83 -21.83 -8.28
C PRO B 415 36.64 -22.76 -8.08
N LEU B 416 35.53 -22.22 -7.51
CA LEU B 416 34.29 -22.99 -7.31
C LEU B 416 33.46 -23.14 -8.60
N GLY B 417 33.86 -22.45 -9.67
CA GLY B 417 33.16 -22.53 -10.93
C GLY B 417 33.06 -23.96 -11.42
N GLY B 418 31.86 -24.36 -11.82
CA GLY B 418 31.60 -25.72 -12.29
C GLY B 418 31.04 -26.66 -11.24
N SER B 419 31.27 -26.36 -9.93
CA SER B 419 30.76 -27.15 -8.81
C SER B 419 29.28 -27.38 -9.01
N TYR B 420 28.85 -28.64 -9.04
CA TYR B 420 27.45 -28.97 -9.29
C TYR B 420 26.51 -28.30 -8.29
N TYR B 421 26.89 -28.31 -7.01
CA TYR B 421 26.14 -27.69 -5.92
C TYR B 421 26.15 -26.16 -6.03
N VAL B 422 27.35 -25.53 -6.12
CA VAL B 422 27.48 -24.06 -6.20
C VAL B 422 26.79 -23.57 -7.44
N GLU B 423 26.94 -24.25 -8.58
CA GLU B 423 26.26 -23.86 -9.82
C GLU B 423 24.75 -23.94 -9.78
N ALA B 424 24.19 -25.00 -9.18
CA ALA B 424 22.75 -25.20 -9.01
C ALA B 424 22.18 -24.18 -8.04
N LEU B 425 22.89 -23.91 -6.93
CA LEU B 425 22.49 -22.90 -5.95
C LEU B 425 22.58 -21.48 -6.53
N THR B 426 23.63 -21.17 -7.35
CA THR B 426 23.79 -19.88 -8.04
C THR B 426 22.54 -19.62 -8.91
N THR B 427 22.08 -20.64 -9.67
CA THR B 427 20.90 -20.54 -10.54
C THR B 427 19.60 -20.44 -9.76
N GLU B 428 19.50 -21.20 -8.66
CA GLU B 428 18.33 -21.15 -7.78
C GLU B 428 18.17 -19.74 -7.23
N TYR B 429 19.28 -19.13 -6.73
CA TYR B 429 19.27 -17.74 -6.26
C TYR B 429 18.81 -16.75 -7.34
N GLU B 430 19.36 -16.86 -8.57
CA GLU B 430 19.02 -16.03 -9.73
C GLU B 430 17.50 -15.99 -10.00
N LYS B 431 16.91 -17.18 -10.18
CA LYS B 431 15.48 -17.35 -10.42
C LYS B 431 14.62 -16.78 -9.27
N LYS B 432 15.00 -17.10 -8.01
CA LYS B 432 14.29 -16.64 -6.81
C LYS B 432 14.40 -15.13 -6.66
N ILE B 433 15.57 -14.55 -7.05
CA ILE B 433 15.80 -13.09 -7.03
C ILE B 433 14.87 -12.42 -8.05
N PHE B 434 14.85 -12.93 -9.31
CA PHE B 434 14.01 -12.35 -10.37
C PHE B 434 12.54 -12.36 -10.04
N GLU B 435 12.09 -13.47 -9.42
CA GLU B 435 10.75 -13.77 -8.92
C GLU B 435 10.34 -12.69 -7.88
N ILE B 436 11.28 -12.30 -6.96
CA ILE B 436 11.04 -11.26 -5.96
C ILE B 436 10.95 -9.87 -6.62
N LEU B 437 11.92 -9.56 -7.50
CA LEU B 437 11.99 -8.30 -8.26
C LEU B 437 10.71 -8.05 -9.07
N GLU B 438 10.09 -9.14 -9.55
CA GLU B 438 8.86 -9.13 -10.32
C GLU B 438 7.66 -8.77 -9.42
N GLU B 439 7.60 -9.33 -8.20
CA GLU B 439 6.55 -9.07 -7.21
C GLU B 439 6.61 -7.62 -6.75
N VAL B 440 7.82 -7.09 -6.51
CA VAL B 440 8.06 -5.70 -6.11
C VAL B 440 7.43 -4.75 -7.16
N GLU B 441 7.66 -5.03 -8.45
CA GLU B 441 7.11 -4.26 -9.56
C GLU B 441 5.58 -4.39 -9.60
N LYS B 442 5.05 -5.63 -9.47
CA LYS B 442 3.62 -5.94 -9.45
C LYS B 442 2.94 -5.24 -8.27
N ARG B 443 3.62 -5.12 -7.15
CA ARG B 443 3.08 -4.50 -5.95
C ARG B 443 3.19 -2.95 -5.93
N GLY B 444 3.76 -2.38 -6.98
CA GLY B 444 3.88 -0.93 -7.11
C GLY B 444 5.24 -0.28 -6.94
N GLY B 445 6.30 -1.05 -6.92
CA GLY B 445 7.62 -0.47 -6.80
C GLY B 445 8.18 -0.45 -5.41
N THR B 446 9.50 -0.23 -5.34
CA THR B 446 10.27 -0.22 -4.12
C THR B 446 9.78 0.82 -3.13
N ILE B 447 9.69 2.10 -3.56
CA ILE B 447 9.28 3.21 -2.70
C ILE B 447 7.96 2.96 -2.01
N LYS B 448 6.91 2.57 -2.78
CA LYS B 448 5.59 2.24 -2.25
C LYS B 448 5.61 1.14 -1.20
N LEU B 449 6.39 0.08 -1.46
CA LEU B 449 6.58 -1.06 -0.57
C LEU B 449 7.33 -0.68 0.70
N ILE B 450 8.25 0.30 0.61
CA ILE B 450 8.98 0.87 1.75
C ILE B 450 7.95 1.63 2.59
N GLU B 451 7.10 2.43 1.93
CA GLU B 451 6.01 3.18 2.57
C GLU B 451 4.95 2.25 3.21
N GLN B 452 4.76 1.03 2.66
CA GLN B 452 3.82 0.03 3.21
C GLN B 452 4.52 -0.85 4.29
N GLY B 453 5.83 -0.70 4.43
CA GLY B 453 6.66 -1.46 5.37
C GLY B 453 6.81 -2.93 5.02
N TRP B 454 6.63 -3.26 3.72
CA TRP B 454 6.66 -4.61 3.17
C TRP B 454 8.00 -5.34 3.29
N PHE B 455 9.10 -4.64 2.96
CA PHE B 455 10.44 -5.21 3.04
C PHE B 455 10.78 -5.50 4.48
N GLN B 456 10.55 -4.49 5.34
CA GLN B 456 10.82 -4.48 6.78
C GLN B 456 10.05 -5.58 7.51
N LYS B 457 8.81 -5.89 7.05
CA LYS B 457 7.98 -6.96 7.64
C LYS B 457 8.53 -8.33 7.29
N GLN B 458 9.09 -8.48 6.07
CA GLN B 458 9.68 -9.73 5.63
C GLN B 458 10.97 -10.01 6.37
N ILE B 459 11.82 -8.97 6.54
CA ILE B 459 13.08 -9.01 7.28
C ILE B 459 12.76 -9.44 8.74
N ALA B 460 11.80 -8.74 9.38
CA ALA B 460 11.38 -9.00 10.76
C ALA B 460 10.88 -10.43 11.01
N ASP B 461 10.24 -11.04 10.01
CA ASP B 461 9.76 -12.41 10.10
C ASP B 461 10.94 -13.38 10.10
N PHE B 462 11.95 -13.14 9.25
CA PHE B 462 13.12 -14.00 9.23
C PHE B 462 13.90 -13.88 10.54
N ALA B 463 14.15 -12.62 11.00
CA ALA B 463 14.81 -12.27 12.26
C ALA B 463 14.17 -13.00 13.45
N TYR B 464 12.81 -13.06 13.49
CA TYR B 464 12.05 -13.73 14.56
C TYR B 464 12.17 -15.25 14.47
N GLU B 465 12.13 -15.82 13.25
CA GLU B 465 12.31 -17.25 13.05
C GLU B 465 13.75 -17.65 13.43
N THR B 466 14.74 -16.77 13.16
CA THR B 466 16.13 -17.01 13.57
C THR B 466 16.22 -17.09 15.09
N ALA B 467 15.57 -16.13 15.80
CA ALA B 467 15.55 -16.06 17.26
C ALA B 467 14.90 -17.31 17.85
N LEU B 468 13.77 -17.76 17.26
CA LEU B 468 13.09 -18.97 17.72
C LEU B 468 13.93 -20.22 17.45
N ARG B 469 14.68 -20.27 16.32
CA ARG B 469 15.54 -21.41 15.96
C ARG B 469 16.73 -21.54 16.90
N LYS B 470 17.26 -20.40 17.38
CA LYS B 470 18.34 -20.28 18.35
C LYS B 470 17.84 -20.77 19.72
N GLN B 471 16.60 -20.40 20.06
CA GLN B 471 15.95 -20.75 21.31
C GLN B 471 15.75 -22.27 21.40
N SER B 472 15.10 -22.88 20.38
CA SER B 472 14.86 -24.32 20.31
C SER B 472 16.15 -25.13 20.17
N GLY B 473 17.21 -24.50 19.64
CA GLY B 473 18.47 -25.17 19.39
C GLY B 473 18.53 -25.78 18.02
N GLN B 474 17.51 -25.51 17.18
CA GLN B 474 17.39 -25.93 15.78
C GLN B 474 18.51 -25.28 14.96
N LYS B 475 18.91 -24.03 15.32
CA LYS B 475 20.03 -23.34 14.69
C LYS B 475 21.16 -23.38 15.70
N PRO B 476 22.22 -24.19 15.43
CA PRO B 476 23.32 -24.28 16.38
C PRO B 476 24.15 -23.01 16.41
N VAL B 477 24.39 -22.51 17.62
CA VAL B 477 25.24 -21.35 17.89
C VAL B 477 26.17 -21.77 19.02
N ILE B 478 27.42 -22.12 18.65
CA ILE B 478 28.48 -22.56 19.57
C ILE B 478 28.72 -21.47 20.64
N GLY B 479 28.69 -21.90 21.90
CA GLY B 479 28.89 -21.01 23.04
C GLY B 479 27.58 -20.49 23.60
N VAL B 480 26.50 -20.53 22.78
CA VAL B 480 25.18 -20.00 23.11
C VAL B 480 24.14 -21.13 23.41
N ASN B 481 24.05 -22.15 22.54
CA ASN B 481 23.12 -23.27 22.69
C ASN B 481 23.77 -24.63 22.49
N ARG B 482 25.09 -24.62 22.25
CA ARG B 482 25.91 -25.82 22.03
C ARG B 482 27.24 -25.57 22.70
N PHE B 483 27.72 -26.55 23.50
CA PHE B 483 29.02 -26.51 24.19
C PHE B 483 29.14 -25.28 25.07
N VAL B 484 28.01 -24.92 25.74
CA VAL B 484 27.89 -23.78 26.64
C VAL B 484 28.84 -23.98 27.83
N GLU B 485 29.59 -22.95 28.20
CA GLU B 485 30.47 -22.98 29.36
C GLU B 485 30.27 -21.74 30.24
N ASN B 486 30.66 -21.85 31.50
CA ASN B 486 30.57 -20.74 32.46
C ASN B 486 31.97 -20.16 32.73
N GLU B 487 32.22 -18.97 32.14
CA GLU B 487 33.49 -18.24 32.16
C GLU B 487 33.58 -17.21 33.29
N VAL B 490 36.50 -14.08 32.67
CA VAL B 490 36.62 -13.55 31.30
C VAL B 490 37.68 -12.44 31.25
N LYS B 491 38.76 -12.70 30.51
CA LYS B 491 39.86 -11.77 30.33
C LYS B 491 39.75 -11.16 28.92
N ILE B 492 39.29 -9.91 28.84
CA ILE B 492 39.12 -9.19 27.58
C ILE B 492 39.46 -7.69 27.69
N GLU B 493 40.22 -7.20 26.71
CA GLU B 493 40.59 -5.79 26.60
C GLU B 493 39.47 -5.09 25.84
N ILE B 494 38.90 -4.03 26.41
CA ILE B 494 37.80 -3.32 25.75
C ILE B 494 38.25 -1.95 25.29
N HIS B 495 37.91 -1.56 24.05
CA HIS B 495 38.24 -0.22 23.56
C HIS B 495 37.47 0.82 24.42
N PRO B 496 38.19 1.79 25.02
CA PRO B 496 37.51 2.75 25.89
C PRO B 496 37.06 4.02 25.21
N TYR B 497 36.04 4.64 25.80
CA TYR B 497 35.54 5.93 25.37
C TYR B 497 36.32 6.98 26.17
N ASP B 498 36.86 7.98 25.46
CA ASP B 498 37.57 9.10 26.04
C ASP B 498 36.51 10.13 26.42
N ASN B 499 36.34 10.39 27.73
CA ASN B 499 35.33 11.33 28.20
C ASN B 499 35.57 12.84 27.91
N THR B 500 36.71 13.17 27.25
CA THR B 500 37.06 14.53 26.86
C THR B 500 36.62 14.81 25.44
N THR B 501 36.20 13.74 24.70
CA THR B 501 35.76 13.80 23.30
C THR B 501 34.77 14.93 23.08
N ALA B 502 33.68 14.91 23.87
CA ALA B 502 32.62 15.91 23.82
C ALA B 502 33.21 17.33 23.85
N GLU B 503 33.84 17.72 24.98
CA GLU B 503 34.51 19.00 25.21
C GLU B 503 35.42 19.43 24.04
N ARG B 504 36.32 18.56 23.61
CA ARG B 504 37.29 18.83 22.54
C ARG B 504 36.65 19.07 21.16
N GLN B 505 35.57 18.32 20.84
CA GLN B 505 34.80 18.42 19.61
C GLN B 505 34.01 19.73 19.51
N ILE B 506 33.26 20.10 20.58
CA ILE B 506 32.47 21.33 20.62
C ILE B 506 33.40 22.55 20.49
N SER B 507 34.54 22.53 21.22
CA SER B 507 35.55 23.59 21.20
C SER B 507 35.90 24.03 19.79
N ARG B 508 36.19 23.07 18.89
CA ARG B 508 36.49 23.39 17.50
C ARG B 508 35.29 23.77 16.68
N THR B 509 34.14 23.08 16.86
CA THR B 509 32.90 23.44 16.14
C THR B 509 32.53 24.89 16.43
N ARG B 510 32.62 25.31 17.72
CA ARG B 510 32.35 26.67 18.21
C ARG B 510 33.29 27.70 17.58
N ARG B 511 34.59 27.31 17.44
CA ARG B 511 35.67 28.09 16.88
C ARG B 511 35.41 28.34 15.39
N VAL B 512 35.08 27.29 14.62
CA VAL B 512 34.78 27.35 13.18
C VAL B 512 33.62 28.35 12.93
N ARG B 513 32.55 28.27 13.74
CA ARG B 513 31.40 29.17 13.67
C ARG B 513 31.78 30.62 14.03
N ALA B 514 32.71 30.79 15.02
CA ALA B 514 33.16 32.11 15.48
C ALA B 514 34.04 32.82 14.44
N GLU B 515 35.10 32.13 13.95
CA GLU B 515 36.09 32.63 13.00
C GLU B 515 35.60 32.81 11.54
N ARG B 516 34.38 32.31 11.22
CA ARG B 516 33.78 32.41 9.87
C ARG B 516 33.01 33.71 9.60
N ASP B 517 32.64 33.94 8.31
CA ASP B 517 31.86 35.10 7.86
C ASP B 517 30.39 34.65 7.93
N GLU B 518 29.72 34.97 9.04
CA GLU B 518 28.34 34.58 9.34
C GLU B 518 27.34 35.02 8.26
N ALA B 519 27.41 36.29 7.84
CA ALA B 519 26.56 36.89 6.80
C ALA B 519 26.63 36.12 5.48
N LYS B 520 27.87 35.81 4.99
CA LYS B 520 28.12 35.06 3.76
C LYS B 520 27.61 33.61 3.85
N VAL B 521 27.83 32.93 4.99
CA VAL B 521 27.35 31.56 5.24
C VAL B 521 25.80 31.52 5.28
N GLN B 522 25.17 32.48 5.98
CA GLN B 522 23.71 32.54 6.05
C GLN B 522 23.05 32.78 4.69
N ALA B 523 23.67 33.64 3.86
CA ALA B 523 23.24 33.96 2.50
C ALA B 523 23.36 32.73 1.60
N MET B 524 24.47 31.96 1.74
CA MET B 524 24.73 30.72 0.99
C MET B 524 23.73 29.63 1.36
N LEU B 525 23.24 29.63 2.64
CA LEU B 525 22.22 28.68 3.10
C LEU B 525 20.88 29.02 2.44
N ASP B 526 20.59 30.32 2.27
CA ASP B 526 19.37 30.77 1.59
C ASP B 526 19.45 30.42 0.10
N GLN B 527 20.67 30.40 -0.47
CA GLN B 527 20.89 30.00 -1.86
C GLN B 527 20.64 28.50 -1.96
N LEU B 528 21.09 27.72 -0.95
CA LEU B 528 20.90 26.25 -0.94
C LEU B 528 19.41 25.83 -0.98
N VAL B 529 18.54 26.54 -0.23
CA VAL B 529 17.09 26.33 -0.21
C VAL B 529 16.52 26.51 -1.64
N ALA B 530 16.98 27.56 -2.35
CA ALA B 530 16.56 27.86 -3.73
C ALA B 530 16.98 26.76 -4.71
N VAL B 531 18.19 26.20 -4.53
CA VAL B 531 18.76 25.10 -5.31
C VAL B 531 17.96 23.83 -4.99
N ALA B 532 17.63 23.60 -3.68
CA ALA B 532 16.86 22.45 -3.23
C ALA B 532 15.42 22.53 -3.72
N LYS B 533 14.85 23.75 -3.84
CA LYS B 533 13.48 23.97 -4.34
C LYS B 533 13.33 23.62 -5.83
N ASP B 534 14.46 23.52 -6.56
CA ASP B 534 14.45 23.16 -7.97
C ASP B 534 14.99 21.73 -8.03
N GLU B 535 14.07 20.76 -8.28
CA GLU B 535 14.39 19.31 -8.34
C GLU B 535 15.40 18.94 -9.44
N SER B 536 15.53 19.78 -10.47
CA SER B 536 16.44 19.56 -11.60
C SER B 536 17.90 19.98 -11.31
N GLN B 537 18.10 20.94 -10.39
CA GLN B 537 19.42 21.45 -10.00
C GLN B 537 20.17 20.48 -9.08
N ASN B 538 21.53 20.51 -9.09
CA ASN B 538 22.34 19.64 -8.24
C ASN B 538 22.78 20.40 -6.98
N LEU B 539 22.66 19.75 -5.80
CA LEU B 539 22.99 20.34 -4.49
C LEU B 539 24.48 20.39 -4.19
N MET B 540 25.27 19.54 -4.88
CA MET B 540 26.71 19.40 -4.65
C MET B 540 27.58 20.66 -4.75
N PRO B 541 27.55 21.45 -5.87
CA PRO B 541 28.41 22.64 -5.97
C PRO B 541 28.32 23.64 -4.81
N LEU B 542 27.10 23.98 -4.36
CA LEU B 542 26.87 24.93 -3.27
C LEU B 542 27.21 24.38 -1.91
N THR B 543 27.02 23.06 -1.69
CA THR B 543 27.39 22.41 -0.41
C THR B 543 28.95 22.43 -0.28
N ILE B 544 29.68 22.29 -1.42
CA ILE B 544 31.15 22.39 -1.45
C ILE B 544 31.55 23.82 -1.01
N GLU B 545 30.87 24.85 -1.58
CA GLU B 545 31.06 26.27 -1.27
C GLU B 545 30.80 26.58 0.20
N LEU B 546 29.73 25.98 0.79
CA LEU B 546 29.27 26.13 2.17
C LEU B 546 30.27 25.60 3.18
N VAL B 547 30.65 24.33 3.02
CA VAL B 547 31.61 23.66 3.89
C VAL B 547 32.98 24.39 3.96
N LYS B 548 33.42 24.92 2.79
CA LYS B 548 34.62 25.74 2.62
C LYS B 548 34.50 27.02 3.45
N ALA B 549 33.32 27.66 3.38
CA ALA B 549 32.99 28.92 4.07
C ALA B 549 32.89 28.81 5.60
N GLY B 550 32.90 27.59 6.12
CA GLY B 550 32.84 27.33 7.55
C GLY B 550 31.49 26.84 8.05
N ALA B 551 30.61 26.40 7.12
CA ALA B 551 29.29 25.88 7.50
C ALA B 551 29.47 24.50 8.13
N THR B 552 28.64 24.22 9.15
CA THR B 552 28.65 22.93 9.82
C THR B 552 27.60 22.05 9.13
N MET B 553 27.62 20.73 9.40
CA MET B 553 26.65 19.79 8.86
C MET B 553 25.24 20.20 9.33
N GLY B 554 25.13 20.52 10.62
CA GLY B 554 23.92 20.98 11.29
C GLY B 554 23.32 22.21 10.63
N ASP B 555 24.16 23.18 10.24
CA ASP B 555 23.72 24.41 9.56
C ASP B 555 22.97 24.03 8.28
N ILE B 556 23.61 23.17 7.45
CA ILE B 556 23.14 22.65 6.16
C ILE B 556 21.90 21.78 6.34
N VAL B 557 21.96 20.77 7.24
CA VAL B 557 20.86 19.84 7.56
C VAL B 557 19.60 20.56 8.07
N GLU B 558 19.76 21.46 9.06
CA GLU B 558 18.64 22.18 9.65
C GLU B 558 17.95 23.10 8.69
N LYS B 559 18.73 23.83 7.86
CA LYS B 559 18.20 24.74 6.85
C LYS B 559 17.24 24.00 5.89
N LEU B 560 17.65 22.80 5.44
CA LEU B 560 16.88 21.97 4.52
C LEU B 560 15.65 21.30 5.12
N LYS B 561 15.62 21.09 6.46
CA LYS B 561 14.46 20.55 7.19
C LYS B 561 13.26 21.52 7.09
N GLY B 562 13.54 22.82 7.03
CA GLY B 562 12.54 23.88 6.89
C GLY B 562 11.70 23.82 5.64
N ILE B 563 12.25 23.25 4.53
CA ILE B 563 11.52 23.09 3.26
C ILE B 563 11.07 21.64 2.99
N TRP B 564 11.78 20.66 3.57
CA TRP B 564 11.54 19.23 3.36
C TRP B 564 10.85 18.48 4.48
N GLY B 565 11.03 18.95 5.70
CA GLY B 565 10.49 18.27 6.87
C GLY B 565 11.36 17.11 7.26
N THR B 566 10.83 16.22 8.08
CA THR B 566 11.58 15.05 8.54
C THR B 566 10.77 13.81 8.33
N TYR B 567 11.44 12.67 8.28
CA TYR B 567 10.81 11.37 8.11
C TYR B 567 10.64 10.70 9.48
N ARG B 568 9.56 9.91 9.62
CA ARG B 568 9.26 9.05 10.77
C ARG B 568 8.40 7.88 10.27
N GLU B 569 8.64 6.67 10.82
CA GLU B 569 7.89 5.44 10.47
C GLU B 569 6.51 5.49 11.15
N GLN C 14 2.07 36.68 -13.63
CA GLN C 14 0.64 36.91 -13.90
C GLN C 14 -0.06 35.60 -14.32
N THR C 15 0.71 34.51 -14.31
CA THR C 15 0.36 33.12 -14.61
C THR C 15 -1.06 32.67 -14.08
N PRO C 16 -1.79 31.71 -14.74
CA PRO C 16 -3.13 31.35 -14.26
C PRO C 16 -3.11 30.74 -12.86
N ILE C 17 -4.28 30.79 -12.14
CA ILE C 17 -4.41 30.23 -10.80
C ILE C 17 -4.19 28.73 -10.90
N ARG C 18 -3.18 28.20 -10.16
CA ARG C 18 -2.83 26.78 -10.14
C ARG C 18 -3.54 26.10 -8.97
N VAL C 19 -4.52 25.24 -9.29
CA VAL C 19 -5.36 24.53 -8.30
C VAL C 19 -5.07 23.05 -8.33
N LEU C 20 -4.84 22.46 -7.14
CA LEU C 20 -4.73 21.02 -6.97
C LEU C 20 -6.03 20.51 -6.33
N LEU C 21 -6.83 19.75 -7.08
CA LEU C 21 -8.06 19.16 -6.54
C LEU C 21 -7.74 17.76 -6.05
N ALA C 22 -7.99 17.52 -4.75
CA ALA C 22 -7.63 16.26 -4.15
C ALA C 22 -8.71 15.43 -3.57
N LYS C 23 -8.39 14.15 -3.51
CA LYS C 23 -9.15 13.03 -2.95
C LYS C 23 -8.22 12.36 -1.99
N VAL C 24 -8.63 12.26 -0.73
CA VAL C 24 -7.78 11.70 0.34
C VAL C 24 -8.48 10.49 1.01
N GLY C 25 -7.71 9.43 1.25
CA GLY C 25 -8.19 8.20 1.87
C GLY C 25 -8.86 7.27 0.89
N LEU C 26 -9.77 6.42 1.39
CA LEU C 26 -10.47 5.42 0.58
C LEU C 26 -11.66 5.93 -0.23
N ASP C 27 -12.00 7.22 -0.07
CA ASP C 27 -13.12 7.90 -0.75
C ASP C 27 -13.10 7.77 -2.31
N GLY C 28 -14.15 7.16 -2.87
CA GLY C 28 -14.29 6.97 -4.30
C GLY C 28 -15.33 7.87 -4.95
N HIS C 29 -15.92 8.80 -4.16
CA HIS C 29 -16.89 9.82 -4.60
C HIS C 29 -16.10 10.81 -5.46
N ASP C 30 -16.48 10.99 -6.71
CA ASP C 30 -15.74 11.91 -7.58
C ASP C 30 -16.59 12.73 -8.50
N ARG C 31 -17.91 12.53 -8.51
CA ARG C 31 -18.84 13.30 -9.32
C ARG C 31 -18.67 14.83 -9.06
N GLY C 32 -18.67 15.23 -7.78
CA GLY C 32 -18.49 16.61 -7.37
C GLY C 32 -17.12 17.15 -7.75
N VAL C 33 -16.03 16.41 -7.44
CA VAL C 33 -14.65 16.85 -7.77
C VAL C 33 -14.43 17.04 -9.30
N LYS C 34 -14.99 16.13 -10.14
CA LYS C 34 -14.92 16.21 -11.59
C LYS C 34 -15.72 17.44 -12.10
N VAL C 35 -16.84 17.77 -11.43
CA VAL C 35 -17.64 18.95 -11.75
C VAL C 35 -16.83 20.22 -11.48
N VAL C 36 -16.20 20.32 -10.29
CA VAL C 36 -15.36 21.46 -9.88
C VAL C 36 -14.18 21.60 -10.83
N ALA C 37 -13.48 20.50 -11.09
CA ALA C 37 -12.35 20.49 -12.02
C ALA C 37 -12.67 21.12 -13.36
N ARG C 38 -13.81 20.73 -14.01
CA ARG C 38 -14.29 21.19 -15.32
C ARG C 38 -14.66 22.66 -15.22
N ALA C 39 -15.34 23.04 -14.14
CA ALA C 39 -15.74 24.42 -13.86
C ALA C 39 -14.54 25.40 -13.83
N LEU C 40 -13.43 25.00 -13.17
CA LEU C 40 -12.21 25.80 -13.01
C LEU C 40 -11.39 25.83 -14.27
N ARG C 41 -11.24 24.68 -14.99
CA ARG C 41 -10.51 24.60 -16.26
C ARG C 41 -11.15 25.52 -17.28
N ASP C 42 -12.49 25.46 -17.36
CA ASP C 42 -13.30 26.33 -18.22
C ASP C 42 -13.22 27.79 -17.82
N ALA C 43 -12.95 28.09 -16.54
CA ALA C 43 -12.80 29.46 -16.03
C ALA C 43 -11.41 30.01 -16.33
N GLY C 44 -10.53 29.18 -16.90
CA GLY C 44 -9.17 29.55 -17.30
C GLY C 44 -8.09 29.23 -16.29
N MET C 45 -8.36 28.35 -15.33
CA MET C 45 -7.40 27.96 -14.31
C MET C 45 -6.59 26.75 -14.73
N ASP C 46 -5.39 26.58 -14.15
CA ASP C 46 -4.52 25.42 -14.40
C ASP C 46 -4.93 24.43 -13.32
N VAL C 47 -5.63 23.35 -13.71
CA VAL C 47 -6.17 22.39 -12.73
C VAL C 47 -5.45 21.04 -12.74
N ILE C 48 -4.98 20.61 -11.56
CA ILE C 48 -4.34 19.31 -11.34
C ILE C 48 -5.28 18.47 -10.46
N TYR C 49 -5.59 17.25 -10.90
CA TYR C 49 -6.44 16.38 -10.09
C TYR C 49 -5.54 15.31 -9.56
N SER C 50 -5.55 15.14 -8.24
CA SER C 50 -4.70 14.18 -7.55
C SER C 50 -5.00 12.72 -7.94
N GLY C 51 -6.25 12.43 -8.32
CA GLY C 51 -6.68 11.09 -8.58
C GLY C 51 -7.21 10.50 -7.28
N LEU C 52 -7.87 9.35 -7.35
CA LEU C 52 -8.46 8.77 -6.15
C LEU C 52 -7.45 8.10 -5.28
N HIS C 53 -7.81 7.90 -4.01
CA HIS C 53 -7.07 7.11 -3.02
C HIS C 53 -5.66 7.56 -2.73
N ARG C 54 -5.52 8.85 -2.54
CA ARG C 54 -4.25 9.43 -2.24
C ARG C 54 -4.12 9.61 -0.70
N THR C 55 -2.87 9.63 -0.22
CA THR C 55 -2.59 9.84 1.20
C THR C 55 -2.45 11.34 1.40
N PRO C 56 -2.58 11.88 2.65
CA PRO C 56 -2.33 13.32 2.86
C PRO C 56 -0.89 13.72 2.46
N GLU C 57 0.11 12.85 2.70
CA GLU C 57 1.51 13.12 2.34
C GLU C 57 1.69 13.22 0.81
N GLU C 58 1.02 12.31 0.05
CA GLU C 58 1.06 12.33 -1.41
C GLU C 58 0.50 13.64 -1.95
N VAL C 59 -0.64 14.05 -1.38
CA VAL C 59 -1.41 15.26 -1.73
C VAL C 59 -0.60 16.54 -1.45
N VAL C 60 -0.02 16.66 -0.24
CA VAL C 60 0.86 17.75 0.18
C VAL C 60 2.08 17.81 -0.77
N ASN C 61 2.79 16.72 -0.94
CA ASN C 61 3.94 16.69 -1.87
C ASN C 61 3.60 17.25 -3.29
N THR C 62 2.47 16.80 -3.89
CA THR C 62 2.00 17.28 -5.18
C THR C 62 1.77 18.80 -5.14
N ALA C 63 1.02 19.31 -4.13
CA ALA C 63 0.74 20.75 -3.98
C ALA C 63 2.04 21.60 -4.04
N ILE C 64 3.09 21.12 -3.35
CA ILE C 64 4.42 21.75 -3.30
C ILE C 64 5.19 21.56 -4.63
N GLN C 65 5.37 20.31 -5.06
CA GLN C 65 6.08 19.98 -6.30
C GLN C 65 5.51 20.72 -7.51
N GLU C 66 4.18 20.82 -7.55
CA GLU C 66 3.44 21.45 -8.63
C GLU C 66 3.23 22.94 -8.40
N ASP C 67 3.69 23.45 -7.24
CA ASP C 67 3.66 24.86 -6.82
C ASP C 67 2.31 25.51 -7.08
N VAL C 68 1.27 24.88 -6.55
CA VAL C 68 -0.09 25.32 -6.76
C VAL C 68 -0.37 26.51 -5.86
N ASP C 69 -1.39 27.28 -6.17
CA ASP C 69 -1.82 28.43 -5.38
C ASP C 69 -2.82 27.97 -4.35
N VAL C 70 -3.70 27.03 -4.76
CA VAL C 70 -4.75 26.49 -3.93
C VAL C 70 -4.79 24.96 -3.93
N LEU C 71 -4.99 24.39 -2.74
CA LEU C 71 -5.18 22.97 -2.55
C LEU C 71 -6.63 22.78 -2.16
N GLY C 72 -7.40 22.19 -3.06
CA GLY C 72 -8.82 21.93 -2.89
C GLY C 72 -9.11 20.49 -2.56
N VAL C 73 -9.59 20.22 -1.34
CA VAL C 73 -9.91 18.85 -0.90
C VAL C 73 -11.43 18.57 -0.96
N SER C 74 -11.85 17.59 -1.79
CA SER C 74 -13.25 17.17 -1.91
C SER C 74 -13.48 15.99 -0.99
N LEU C 75 -14.29 16.15 0.05
CA LEU C 75 -14.51 15.05 0.99
C LEU C 75 -15.97 14.66 1.11
N LEU C 76 -16.26 13.36 0.98
CA LEU C 76 -17.63 12.82 1.09
C LEU C 76 -17.67 11.56 1.96
N SER C 77 -16.48 11.12 2.42
CA SER C 77 -16.27 9.94 3.25
C SER C 77 -16.37 10.18 4.77
N GLY C 78 -16.49 11.42 5.19
CA GLY C 78 -16.59 11.76 6.61
C GLY C 78 -15.30 11.68 7.43
N VAL C 79 -14.13 11.84 6.78
CA VAL C 79 -12.78 11.75 7.38
C VAL C 79 -12.10 13.11 7.65
N GLN C 80 -12.74 14.21 7.23
CA GLN C 80 -12.27 15.59 7.37
C GLN C 80 -11.56 15.97 8.69
N LEU C 81 -12.08 15.52 9.83
CA LEU C 81 -11.47 15.87 11.12
C LEU C 81 -10.13 15.14 11.39
N THR C 82 -9.84 14.05 10.64
CA THR C 82 -8.60 13.26 10.77
C THR C 82 -7.59 13.74 9.73
N VAL C 83 -8.08 13.94 8.49
CA VAL C 83 -7.35 14.37 7.29
C VAL C 83 -6.75 15.78 7.42
N PHE C 84 -7.59 16.78 7.69
CA PHE C 84 -7.14 18.16 7.79
C PHE C 84 -6.02 18.46 8.82
N PRO C 85 -6.07 17.95 10.08
CA PRO C 85 -4.91 18.15 10.99
C PRO C 85 -3.60 17.58 10.41
N LYS C 86 -3.66 16.38 9.75
CA LYS C 86 -2.53 15.72 9.10
C LYS C 86 -1.96 16.57 7.98
N ILE C 87 -2.83 17.18 7.14
CA ILE C 87 -2.42 18.03 6.01
C ILE C 87 -1.63 19.24 6.52
N PHE C 88 -2.17 19.95 7.54
CA PHE C 88 -1.51 21.12 8.13
C PHE C 88 -0.18 20.80 8.80
N LYS C 89 -0.09 19.65 9.48
CA LYS C 89 1.12 19.16 10.14
C LYS C 89 2.26 18.98 9.11
N LEU C 90 1.92 18.49 7.90
CA LEU C 90 2.87 18.29 6.80
C LEU C 90 3.24 19.62 6.12
N LEU C 91 2.26 20.54 6.00
CA LEU C 91 2.45 21.86 5.37
C LEU C 91 3.33 22.75 6.21
N ASP C 92 3.17 22.68 7.54
CA ASP C 92 3.98 23.45 8.48
C ASP C 92 5.43 23.01 8.40
N GLU C 93 5.67 21.67 8.32
CA GLU C 93 6.98 21.02 8.20
C GLU C 93 7.77 21.48 6.98
N ARG C 94 7.10 21.64 5.84
CA ARG C 94 7.74 22.02 4.57
C ARG C 94 7.74 23.54 4.26
N GLY C 95 7.41 24.36 5.27
CA GLY C 95 7.32 25.81 5.15
C GLY C 95 6.26 26.29 4.16
N ALA C 96 5.19 25.47 3.98
CA ALA C 96 4.13 25.72 3.01
C ALA C 96 2.78 26.09 3.63
N GLY C 97 2.83 26.77 4.77
CA GLY C 97 1.66 27.25 5.49
C GLY C 97 0.91 28.39 4.78
N ASP C 98 1.58 29.09 3.86
CA ASP C 98 0.99 30.19 3.06
C ASP C 98 0.10 29.66 1.90
N LEU C 99 0.05 28.31 1.70
CA LEU C 99 -0.77 27.66 0.68
C LEU C 99 -2.23 27.78 1.09
N ILE C 100 -3.08 28.20 0.14
CA ILE C 100 -4.51 28.35 0.38
C ILE C 100 -5.15 27.00 0.35
N VAL C 101 -5.70 26.58 1.47
CA VAL C 101 -6.36 25.29 1.57
C VAL C 101 -7.89 25.52 1.66
N ILE C 102 -8.61 24.92 0.71
CA ILE C 102 -10.06 24.96 0.67
C ILE C 102 -10.60 23.54 0.69
N ALA C 103 -11.88 23.40 1.06
CA ALA C 103 -12.56 22.12 1.15
C ALA C 103 -13.93 22.21 0.49
N GLY C 104 -14.46 21.06 0.10
CA GLY C 104 -15.78 20.90 -0.48
C GLY C 104 -16.29 19.50 -0.24
N GLY C 105 -17.49 19.22 -0.69
CA GLY C 105 -18.09 17.90 -0.49
C GLY C 105 -19.29 17.93 0.43
N VAL C 106 -19.27 17.07 1.42
CA VAL C 106 -20.36 16.90 2.41
C VAL C 106 -19.76 16.63 3.81
N MET C 107 -20.23 17.42 4.80
CA MET C 107 -19.85 17.33 6.21
C MET C 107 -20.82 18.12 7.12
N PRO C 108 -21.01 17.73 8.42
CA PRO C 108 -21.84 18.54 9.32
C PRO C 108 -21.34 20.01 9.41
N ASP C 109 -22.24 20.96 9.73
CA ASP C 109 -21.90 22.37 9.87
C ASP C 109 -20.75 22.56 10.88
N GLU C 110 -20.80 21.88 12.03
CA GLU C 110 -19.77 21.95 13.07
C GLU C 110 -18.40 21.39 12.58
N ASP C 111 -18.42 20.45 11.60
CA ASP C 111 -17.20 19.93 10.99
C ASP C 111 -16.60 20.98 10.10
N ALA C 112 -17.47 21.72 9.36
CA ALA C 112 -17.09 22.83 8.47
C ALA C 112 -16.39 23.91 9.30
N ALA C 113 -16.98 24.20 10.48
CA ALA C 113 -16.48 25.13 11.47
C ALA C 113 -15.13 24.68 12.04
N ALA C 114 -15.03 23.42 12.51
CA ALA C 114 -13.83 22.85 13.09
C ALA C 114 -12.62 22.83 12.14
N ILE C 115 -12.87 22.74 10.84
CA ILE C 115 -11.76 22.73 9.87
C ILE C 115 -11.31 24.13 9.54
N ARG C 116 -12.23 25.10 9.60
CA ARG C 116 -11.92 26.52 9.38
C ARG C 116 -11.03 27.01 10.52
N LYS C 117 -11.31 26.51 11.74
CA LYS C 117 -10.56 26.81 12.96
C LYS C 117 -9.11 26.24 12.87
N LEU C 118 -8.92 25.18 12.03
CA LEU C 118 -7.64 24.52 11.80
C LEU C 118 -6.81 25.27 10.79
N GLY C 119 -7.46 26.11 9.98
CA GLY C 119 -6.80 26.89 8.95
C GLY C 119 -7.36 26.78 7.54
N VAL C 120 -8.47 26.02 7.34
CA VAL C 120 -9.14 25.89 6.03
C VAL C 120 -9.83 27.27 5.72
N ARG C 121 -9.52 27.88 4.55
CA ARG C 121 -9.99 29.24 4.20
C ARG C 121 -11.42 29.33 3.70
N GLU C 122 -11.91 28.24 3.11
CA GLU C 122 -13.25 28.11 2.56
C GLU C 122 -13.72 26.70 2.61
N VAL C 123 -15.04 26.54 2.86
CA VAL C 123 -15.70 25.24 2.83
C VAL C 123 -16.96 25.43 2.00
N LEU C 124 -16.94 24.95 0.74
CA LEU C 124 -18.08 25.03 -0.18
C LEU C 124 -18.64 23.63 -0.45
N LEU C 125 -19.66 23.30 0.33
CA LEU C 125 -20.32 22.00 0.36
C LEU C 125 -21.39 21.77 -0.71
N GLN C 126 -22.09 20.63 -0.65
CA GLN C 126 -23.14 20.23 -1.60
C GLN C 126 -24.06 21.37 -2.04
N ASP C 127 -24.44 21.37 -3.35
CA ASP C 127 -25.32 22.36 -3.99
C ASP C 127 -24.64 23.72 -4.30
N THR C 128 -23.37 23.90 -3.89
CA THR C 128 -22.65 25.13 -4.20
C THR C 128 -22.57 25.24 -5.72
N PRO C 129 -23.12 26.31 -6.32
CA PRO C 129 -23.05 26.43 -7.77
C PRO C 129 -21.58 26.64 -8.21
N PRO C 130 -21.14 26.00 -9.31
CA PRO C 130 -19.73 26.11 -9.74
C PRO C 130 -19.19 27.54 -9.90
N GLN C 131 -20.05 28.51 -10.25
CA GLN C 131 -19.64 29.90 -10.36
C GLN C 131 -19.19 30.45 -8.98
N ALA C 132 -19.88 30.04 -7.90
CA ALA C 132 -19.52 30.45 -6.54
C ALA C 132 -18.12 29.95 -6.16
N ILE C 133 -17.72 28.75 -6.67
CA ILE C 133 -16.42 28.12 -6.47
C ILE C 133 -15.35 28.89 -7.23
N ILE C 134 -15.64 29.21 -8.50
CA ILE C 134 -14.75 30.05 -9.34
C ILE C 134 -14.46 31.37 -8.60
N ASP C 135 -15.52 32.09 -8.20
CA ASP C 135 -15.49 33.38 -7.52
C ASP C 135 -14.71 33.39 -6.22
N SER C 136 -14.99 32.44 -5.32
CA SER C 136 -14.29 32.29 -4.04
C SER C 136 -12.76 32.10 -4.25
N ILE C 137 -12.35 31.24 -5.20
CA ILE C 137 -10.94 30.98 -5.52
C ILE C 137 -10.23 32.26 -5.99
N ARG C 138 -10.81 32.98 -6.97
CA ARG C 138 -10.24 34.24 -7.47
C ARG C 138 -10.12 35.26 -6.33
N SER C 139 -11.12 35.28 -5.43
CA SER C 139 -11.22 36.16 -4.26
C SER C 139 -10.11 35.85 -3.23
N LEU C 140 -9.89 34.55 -2.93
CA LEU C 140 -8.86 34.07 -1.99
C LEU C 140 -7.44 34.34 -2.49
N VAL C 141 -7.20 34.17 -3.81
CA VAL C 141 -5.91 34.39 -4.47
C VAL C 141 -5.55 35.90 -4.45
N ALA C 142 -6.56 36.78 -4.69
CA ALA C 142 -6.43 38.24 -4.67
C ALA C 142 -6.11 38.78 -3.25
N ALA C 143 -6.78 38.22 -2.23
CA ALA C 143 -6.60 38.58 -0.82
C ALA C 143 -5.16 38.42 -0.33
N ARG C 144 -4.43 37.40 -0.81
CA ARG C 144 -3.05 37.12 -0.43
C ARG C 144 -1.94 37.91 -1.15
N THR D 15 -7.06 -10.14 31.69
CA THR D 15 -6.37 -8.85 31.59
C THR D 15 -4.87 -8.97 31.26
N PRO D 16 -4.39 -8.29 30.18
CA PRO D 16 -2.97 -8.40 29.82
C PRO D 16 -2.03 -7.41 30.48
N ILE D 17 -0.72 -7.76 30.51
CA ILE D 17 0.35 -6.92 31.05
C ILE D 17 0.62 -5.85 29.98
N ARG D 18 0.65 -4.58 30.38
CA ARG D 18 0.89 -3.47 29.46
C ARG D 18 2.38 -3.12 29.48
N VAL D 19 3.08 -3.43 28.38
CA VAL D 19 4.52 -3.22 28.22
C VAL D 19 4.80 -2.11 27.19
N LEU D 20 5.65 -1.13 27.57
CA LEU D 20 6.13 -0.11 26.65
C LEU D 20 7.58 -0.48 26.29
N LEU D 21 7.81 -0.85 25.03
CA LEU D 21 9.17 -1.16 24.57
C LEU D 21 9.74 0.11 23.96
N ALA D 22 10.83 0.62 24.57
CA ALA D 22 11.44 1.90 24.22
C ALA D 22 12.84 1.89 23.60
N LYS D 23 13.04 2.85 22.70
CA LYS D 23 14.27 3.20 21.98
C LYS D 23 14.56 4.64 22.36
N VAL D 24 15.74 4.88 22.92
CA VAL D 24 16.12 6.19 23.44
C VAL D 24 17.40 6.70 22.75
N GLY D 25 17.37 7.97 22.35
CA GLY D 25 18.49 8.64 21.68
C GLY D 25 18.52 8.37 20.20
N LEU D 26 19.72 8.46 19.62
CA LEU D 26 19.93 8.28 18.19
C LEU D 26 20.01 6.83 17.71
N ASP D 27 19.94 5.86 18.64
CA ASP D 27 19.98 4.41 18.39
C ASP D 27 18.94 3.91 17.35
N GLY D 28 19.43 3.35 16.24
CA GLY D 28 18.61 2.81 15.16
C GLY D 28 18.55 1.29 15.12
N HIS D 29 19.18 0.62 16.11
CA HIS D 29 19.19 -0.84 16.28
C HIS D 29 17.80 -1.24 16.73
N ASP D 30 17.11 -2.10 15.97
CA ASP D 30 15.75 -2.47 16.33
C ASP D 30 15.40 -3.93 16.09
N ARG D 31 16.35 -4.73 15.58
CA ARG D 31 16.15 -6.15 15.36
C ARG D 31 15.75 -6.87 16.68
N GLY D 32 16.51 -6.62 17.75
CA GLY D 32 16.24 -7.16 19.07
C GLY D 32 14.91 -6.73 19.64
N VAL D 33 14.62 -5.41 19.62
CA VAL D 33 13.33 -4.91 20.16
C VAL D 33 12.09 -5.47 19.40
N LYS D 34 12.17 -5.55 18.05
CA LYS D 34 11.11 -6.11 17.22
C LYS D 34 10.90 -7.59 17.55
N VAL D 35 12.00 -8.30 17.93
CA VAL D 35 11.93 -9.72 18.33
C VAL D 35 11.16 -9.83 19.65
N VAL D 36 11.53 -8.97 20.65
CA VAL D 36 10.93 -8.93 21.98
C VAL D 36 9.44 -8.57 21.85
N ALA D 37 9.10 -7.53 21.05
CA ALA D 37 7.70 -7.13 20.81
C ALA D 37 6.85 -8.33 20.34
N ARG D 38 7.30 -9.03 19.27
CA ARG D 38 6.64 -10.21 18.70
C ARG D 38 6.46 -11.35 19.67
N ALA D 39 7.40 -11.50 20.60
CA ALA D 39 7.35 -12.57 21.59
C ALA D 39 6.28 -12.26 22.64
N LEU D 40 6.29 -11.01 23.16
CA LEU D 40 5.37 -10.56 24.19
C LEU D 40 3.94 -10.49 23.69
N ARG D 41 3.72 -9.97 22.45
CA ARG D 41 2.39 -9.90 21.82
C ARG D 41 1.83 -11.30 21.68
N ASP D 42 2.66 -12.24 21.20
CA ASP D 42 2.32 -13.64 21.04
C ASP D 42 2.12 -14.34 22.39
N ALA D 43 2.71 -13.82 23.47
CA ALA D 43 2.52 -14.37 24.82
C ALA D 43 1.22 -13.85 25.46
N GLY D 44 0.51 -12.96 24.75
CA GLY D 44 -0.76 -12.39 25.17
C GLY D 44 -0.69 -11.05 25.88
N MET D 45 0.43 -10.33 25.75
CA MET D 45 0.63 -9.03 26.40
C MET D 45 0.19 -7.89 25.48
N ASP D 46 -0.15 -6.73 26.08
CA ASP D 46 -0.50 -5.51 25.35
C ASP D 46 0.82 -4.79 25.18
N VAL D 47 1.36 -4.76 23.95
CA VAL D 47 2.67 -4.17 23.68
C VAL D 47 2.60 -2.85 22.91
N ILE D 48 3.26 -1.81 23.46
CA ILE D 48 3.39 -0.50 22.84
C ILE D 48 4.88 -0.30 22.49
N TYR D 49 5.17 0.05 21.24
CA TYR D 49 6.54 0.32 20.85
C TYR D 49 6.66 1.81 20.67
N SER D 50 7.63 2.41 21.36
CA SER D 50 7.85 3.86 21.34
C SER D 50 8.24 4.39 19.95
N GLY D 51 8.88 3.55 19.15
CA GLY D 51 9.40 3.96 17.87
C GLY D 51 10.83 4.44 18.08
N LEU D 52 11.57 4.64 16.98
CA LEU D 52 12.96 5.05 17.11
C LEU D 52 13.10 6.51 17.44
N HIS D 53 14.28 6.87 17.95
CA HIS D 53 14.73 8.23 18.21
C HIS D 53 13.86 9.05 19.13
N ARG D 54 13.45 8.43 20.23
CA ARG D 54 12.64 9.09 21.24
C ARG D 54 13.56 9.58 22.39
N THR D 55 13.19 10.71 23.01
CA THR D 55 13.95 11.29 24.12
C THR D 55 13.53 10.57 25.41
N PRO D 56 14.34 10.61 26.52
CA PRO D 56 13.88 9.99 27.79
C PRO D 56 12.57 10.63 28.27
N GLU D 57 12.46 11.97 28.08
CA GLU D 57 11.30 12.79 28.41
C GLU D 57 10.03 12.24 27.73
N GLU D 58 10.10 11.97 26.41
CA GLU D 58 8.96 11.43 25.64
C GLU D 58 8.60 10.02 26.06
N VAL D 59 9.60 9.18 26.32
CA VAL D 59 9.45 7.77 26.72
C VAL D 59 8.72 7.65 28.07
N VAL D 60 9.13 8.45 29.08
CA VAL D 60 8.54 8.52 30.43
C VAL D 60 7.09 9.01 30.35
N ASN D 61 6.84 10.12 29.62
CA ASN D 61 5.48 10.63 29.45
C ASN D 61 4.55 9.68 28.69
N THR D 62 5.07 8.94 27.68
CA THR D 62 4.26 7.96 26.93
C THR D 62 3.90 6.77 27.83
N ALA D 63 4.84 6.34 28.69
CA ALA D 63 4.64 5.28 29.67
C ALA D 63 3.53 5.66 30.64
N ILE D 64 3.55 6.91 31.14
CA ILE D 64 2.55 7.42 32.09
C ILE D 64 1.15 7.58 31.46
N GLN D 65 1.06 8.15 30.24
CA GLN D 65 -0.19 8.35 29.50
C GLN D 65 -0.84 7.02 29.12
N GLU D 66 -0.03 6.04 28.75
CA GLU D 66 -0.49 4.71 28.35
C GLU D 66 -0.65 3.76 29.53
N ASP D 67 -0.33 4.22 30.76
CA ASP D 67 -0.47 3.51 32.03
C ASP D 67 0.03 2.06 31.94
N VAL D 68 1.30 1.94 31.52
CA VAL D 68 1.98 0.67 31.31
C VAL D 68 2.42 0.08 32.65
N ASP D 69 2.53 -1.25 32.71
CA ASP D 69 2.97 -1.95 33.91
C ASP D 69 4.50 -1.96 33.92
N VAL D 70 5.09 -2.20 32.72
CA VAL D 70 6.53 -2.29 32.53
C VAL D 70 7.03 -1.39 31.38
N LEU D 71 8.17 -0.72 31.63
CA LEU D 71 8.89 0.08 30.65
C LEU D 71 10.16 -0.69 30.33
N GLY D 72 10.20 -1.21 29.10
CA GLY D 72 11.34 -1.98 28.60
C GLY D 72 12.20 -1.20 27.64
N VAL D 73 13.44 -0.88 28.03
CA VAL D 73 14.31 -0.10 27.16
C VAL D 73 15.44 -0.93 26.56
N SER D 74 15.44 -1.02 25.21
CA SER D 74 16.42 -1.76 24.42
C SER D 74 17.56 -0.84 24.05
N LEU D 75 18.75 -1.12 24.55
CA LEU D 75 19.90 -0.27 24.24
C LEU D 75 21.05 -1.01 23.60
N LEU D 76 21.56 -0.46 22.48
CA LEU D 76 22.69 -1.05 21.74
C LEU D 76 23.70 0.03 21.33
N SER D 77 23.39 1.30 21.66
CA SER D 77 24.19 2.48 21.35
C SER D 77 25.26 2.83 22.41
N GLY D 78 25.22 2.14 23.55
CA GLY D 78 26.16 2.36 24.63
C GLY D 78 25.96 3.64 25.44
N VAL D 79 24.69 4.13 25.53
CA VAL D 79 24.30 5.37 26.23
C VAL D 79 23.63 5.14 27.59
N GLN D 80 23.40 3.85 27.95
CA GLN D 80 22.76 3.41 29.20
C GLN D 80 23.09 4.17 30.47
N LEU D 81 24.39 4.51 30.70
CA LEU D 81 24.80 5.23 31.91
C LEU D 81 24.35 6.70 31.95
N THR D 82 23.97 7.28 30.79
CA THR D 82 23.50 8.67 30.67
C THR D 82 21.95 8.69 30.68
N VAL D 83 21.35 7.75 29.92
CA VAL D 83 19.91 7.56 29.72
C VAL D 83 19.16 7.16 30.99
N PHE D 84 19.60 6.06 31.65
CA PHE D 84 18.92 5.58 32.85
C PHE D 84 18.82 6.56 34.03
N PRO D 85 19.88 7.32 34.42
CA PRO D 85 19.71 8.34 35.47
C PRO D 85 18.63 9.38 35.11
N LYS D 86 18.60 9.82 33.81
CA LYS D 86 17.63 10.77 33.26
C LYS D 86 16.20 10.22 33.36
N ILE D 87 15.99 8.92 33.03
CA ILE D 87 14.68 8.28 33.08
C ILE D 87 14.14 8.28 34.51
N PHE D 88 14.96 7.87 35.48
CA PHE D 88 14.56 7.84 36.90
C PHE D 88 14.26 9.21 37.47
N LYS D 89 15.05 10.24 37.07
CA LYS D 89 14.89 11.63 37.48
C LYS D 89 13.50 12.15 37.06
N LEU D 90 13.04 11.75 35.86
CA LEU D 90 11.73 12.12 35.31
C LEU D 90 10.59 11.31 35.96
N LEU D 91 10.84 10.03 36.27
CA LEU D 91 9.86 9.14 36.90
C LEU D 91 9.59 9.52 38.33
N ASP D 92 10.62 9.97 39.06
CA ASP D 92 10.51 10.44 40.44
C ASP D 92 9.65 11.70 40.49
N GLU D 93 9.87 12.62 39.52
CA GLU D 93 9.15 13.90 39.34
C GLU D 93 7.64 13.71 39.16
N ARG D 94 7.24 12.69 38.37
CA ARG D 94 5.83 12.42 38.05
C ARG D 94 5.14 11.38 38.96
N GLY D 95 5.78 11.04 40.08
CA GLY D 95 5.30 10.07 41.07
C GLY D 95 5.15 8.67 40.51
N ALA D 96 5.97 8.34 39.50
CA ALA D 96 5.92 7.06 38.79
C ALA D 96 7.13 6.14 39.05
N GLY D 97 7.69 6.21 40.26
CA GLY D 97 8.81 5.37 40.68
C GLY D 97 8.46 3.90 40.87
N ASP D 98 7.15 3.59 41.06
CA ASP D 98 6.62 2.23 41.22
C ASP D 98 6.50 1.46 39.86
N LEU D 99 6.83 2.14 38.74
CA LEU D 99 6.82 1.55 37.40
C LEU D 99 8.00 0.58 37.30
N ILE D 100 7.73 -0.63 36.77
CA ILE D 100 8.77 -1.65 36.60
C ILE D 100 9.60 -1.28 35.39
N VAL D 101 10.87 -0.99 35.61
CA VAL D 101 11.78 -0.65 34.54
C VAL D 101 12.74 -1.81 34.28
N ILE D 102 12.75 -2.29 33.05
CA ILE D 102 13.65 -3.34 32.62
C ILE D 102 14.49 -2.84 31.44
N ALA D 103 15.61 -3.52 31.18
CA ALA D 103 16.53 -3.17 30.12
C ALA D 103 16.95 -4.42 29.36
N GLY D 104 17.39 -4.22 28.12
CA GLY D 104 17.89 -5.27 27.24
C GLY D 104 18.81 -4.67 26.22
N GLY D 105 19.38 -5.51 25.36
CA GLY D 105 20.30 -5.07 24.32
C GLY D 105 21.71 -5.57 24.57
N VAL D 106 22.67 -4.64 24.55
CA VAL D 106 24.10 -4.92 24.72
C VAL D 106 24.78 -3.83 25.56
N MET D 107 25.52 -4.26 26.60
CA MET D 107 26.27 -3.41 27.54
C MET D 107 27.25 -4.22 28.43
N PRO D 108 28.38 -3.61 28.89
CA PRO D 108 29.26 -4.32 29.83
C PRO D 108 28.54 -4.78 31.09
N ASP D 109 29.04 -5.85 31.74
CA ASP D 109 28.47 -6.39 32.98
C ASP D 109 28.36 -5.31 34.08
N GLU D 110 29.40 -4.49 34.24
CA GLU D 110 29.45 -3.42 35.24
C GLU D 110 28.43 -2.30 34.95
N ASP D 111 28.18 -2.02 33.66
CA ASP D 111 27.20 -1.05 33.20
C ASP D 111 25.80 -1.59 33.52
N ALA D 112 25.64 -2.94 33.41
CA ALA D 112 24.42 -3.68 33.74
C ALA D 112 24.22 -3.76 35.26
N ALA D 113 25.34 -3.81 36.01
CA ALA D 113 25.35 -3.86 37.47
C ALA D 113 24.93 -2.49 38.02
N ALA D 114 25.48 -1.39 37.45
CA ALA D 114 25.20 0.00 37.84
C ALA D 114 23.73 0.43 37.63
N ILE D 115 23.16 0.02 36.49
CA ILE D 115 21.79 0.29 36.04
C ILE D 115 20.75 -0.39 36.93
N ARG D 116 21.05 -1.62 37.38
CA ARG D 116 20.25 -2.43 38.31
C ARG D 116 20.14 -1.71 39.67
N LYS D 117 21.27 -1.11 40.14
CA LYS D 117 21.26 -0.36 41.39
C LYS D 117 20.58 1.01 41.28
N LEU D 118 20.34 1.50 40.04
CA LEU D 118 19.63 2.77 39.81
C LEU D 118 18.12 2.56 39.96
N GLY D 119 17.66 1.33 39.72
CA GLY D 119 16.25 0.95 39.81
C GLY D 119 15.78 -0.08 38.80
N VAL D 120 16.67 -0.45 37.81
CA VAL D 120 16.39 -1.45 36.78
C VAL D 120 16.22 -2.82 37.45
N ARG D 121 15.04 -3.40 37.26
CA ARG D 121 14.68 -4.65 37.92
C ARG D 121 15.22 -5.88 37.27
N GLU D 122 15.46 -5.81 35.95
CA GLU D 122 16.02 -6.90 35.14
C GLU D 122 16.76 -6.39 33.92
N VAL D 123 17.92 -7.00 33.62
CA VAL D 123 18.72 -6.69 32.45
C VAL D 123 18.92 -7.98 31.68
N LEU D 124 18.18 -8.13 30.55
CA LEU D 124 18.25 -9.30 29.69
C LEU D 124 18.87 -8.94 28.36
N LEU D 125 20.20 -9.15 28.29
CA LEU D 125 21.05 -8.79 27.16
C LEU D 125 21.08 -9.81 26.01
N GLN D 126 21.94 -9.58 25.00
CA GLN D 126 22.08 -10.42 23.81
C GLN D 126 22.03 -11.94 24.08
N ASP D 127 21.38 -12.69 23.16
CA ASP D 127 21.21 -14.14 23.22
C ASP D 127 20.14 -14.63 24.20
N THR D 128 19.51 -13.70 24.97
CA THR D 128 18.43 -14.07 25.88
C THR D 128 17.30 -14.69 25.06
N PRO D 129 16.94 -15.96 25.33
CA PRO D 129 15.84 -16.56 24.57
C PRO D 129 14.52 -15.85 24.91
N PRO D 130 13.66 -15.58 23.89
CA PRO D 130 12.41 -14.82 24.15
C PRO D 130 11.51 -15.36 25.27
N GLN D 131 11.54 -16.69 25.50
CA GLN D 131 10.78 -17.35 26.56
C GLN D 131 11.24 -16.90 27.95
N ALA D 132 12.55 -16.60 28.10
CA ALA D 132 13.13 -16.09 29.35
C ALA D 132 12.61 -14.66 29.63
N ILE D 133 12.36 -13.86 28.55
CA ILE D 133 11.85 -12.48 28.62
C ILE D 133 10.37 -12.52 29.05
N ILE D 134 9.58 -13.46 28.47
CA ILE D 134 8.16 -13.71 28.80
C ILE D 134 8.07 -13.97 30.30
N ASP D 135 8.85 -14.96 30.78
CA ASP D 135 8.91 -15.44 32.15
C ASP D 135 9.28 -14.38 33.17
N SER D 136 10.38 -13.65 32.92
CA SER D 136 10.84 -12.58 33.79
C SER D 136 9.77 -11.49 33.99
N ILE D 137 9.10 -11.04 32.90
CA ILE D 137 8.05 -10.02 32.92
C ILE D 137 6.85 -10.48 33.78
N ARG D 138 6.33 -11.70 33.52
CA ARG D 138 5.22 -12.25 34.29
C ARG D 138 5.60 -12.35 35.78
N SER D 139 6.86 -12.71 36.07
CA SER D 139 7.44 -12.86 37.41
C SER D 139 7.49 -11.51 38.15
N LEU D 140 7.98 -10.44 37.44
CA LEU D 140 8.10 -9.07 37.97
C LEU D 140 6.74 -8.44 38.28
N VAL D 141 5.74 -8.67 37.40
CA VAL D 141 4.37 -8.16 37.53
C VAL D 141 3.66 -8.82 38.75
N ALA D 142 3.87 -10.15 38.93
CA ALA D 142 3.32 -10.93 40.04
C ALA D 142 3.90 -10.50 41.40
N ALA D 143 5.22 -10.21 41.44
CA ALA D 143 5.95 -9.78 42.63
C ALA D 143 5.38 -8.50 43.28
#